data_4G7G
#
_entry.id   4G7G
#
_cell.length_a   59.947
_cell.length_b   79.706
_cell.length_c   117.868
_cell.angle_alpha   74.64
_cell.angle_beta   81.20
_cell.angle_gamma   68.96
#
_symmetry.space_group_name_H-M   'P 1'
#
loop_
_entity.id
_entity.type
_entity.pdbx_description
1 polymer 'sterol 14-alpha-demethylase'
2 non-polymer 'PROTOPORPHYRIN IX CONTAINING FE'
3 non-polymer "N-[(1R)-1-(3,4'-difluorobiphenyl-4-yl)-2-(1H-imidazol-1-yl)ethyl]-4-(5-phenyl-1,3,4-oxadiazol-2-yl)benzamide"
4 water water
#
_entity_poly.entity_id   1
_entity_poly.type   'polypeptide(L)'
_entity_poly.pdbx_seq_one_letter_code
;GKLPPVYPVTVPILGHIIQFGKSPLGFMQECKRQLKSGIFTINIVGKRVTIVGDPHEHSRFFLPRNEVLSPREVYSFMVP
VFGEGVAYAAPYPRMREQLNFLAEELTIAKFQNFVPAIQHEVRKFMAANWDKDEGEINLLEDCSTMIINTACQCLFGEDL
RKRLDARRFAQLLAKMESSLIPAAVFLPILLKLPLPQSARCHEARTELQKILSEIIIARKEEEVNKDSSTSDLLSGLLSA
VYRDGTPMSLHEVCGMIVAAMFAGQHTSSITTTWSMLHLMHPANVKHLEALRKEIEEFPAQLNYNNVMDEMPFAERCARE
SIRRDPPLLMLMRKVMADVKVGSYVVPKGDIIACSPLLSHHDEEAFPEPRRWDPERDEKVEGAFIGFGAGVHKCIGQKFG
LLQVKTILATAFRSYDFQLLRDEVPDPDYHTMVVGPTASQCRVKYIRR
;
_entity_poly.pdbx_strand_id   A,B,C,D
#
# COMPACT_ATOMS: atom_id res chain seq x y z
N GLY A 1 -38.87 -9.65 10.99
CA GLY A 1 -39.04 -8.52 11.96
C GLY A 1 -39.39 -7.21 11.26
N LYS A 2 -38.62 -6.17 11.58
CA LYS A 2 -38.78 -4.86 10.95
C LYS A 2 -37.54 -4.54 10.09
N LEU A 3 -37.66 -4.81 8.79
CA LEU A 3 -36.53 -4.68 7.86
C LEU A 3 -36.29 -3.25 7.46
N PRO A 4 -35.05 -2.91 7.05
CA PRO A 4 -34.86 -1.56 6.55
C PRO A 4 -35.80 -1.29 5.37
N PRO A 5 -36.10 -0.03 5.09
CA PRO A 5 -36.88 0.21 3.87
C PRO A 5 -36.05 -0.12 2.62
N VAL A 6 -36.72 -0.66 1.60
CA VAL A 6 -36.10 -1.13 0.36
C VAL A 6 -36.37 -0.13 -0.75
N TYR A 7 -35.31 0.29 -1.45
CA TYR A 7 -35.52 1.19 -2.55
C TYR A 7 -36.27 0.42 -3.64
N PRO A 8 -37.29 1.06 -4.26
CA PRO A 8 -38.09 0.31 -5.25
C PRO A 8 -37.23 -0.12 -6.44
N VAL A 9 -37.38 -1.37 -6.86
CA VAL A 9 -36.71 -1.91 -8.04
C VAL A 9 -37.60 -1.65 -9.25
N THR A 10 -37.12 -0.83 -10.19
CA THR A 10 -37.91 -0.54 -11.39
C THR A 10 -37.38 -1.26 -12.62
N VAL A 11 -36.12 -1.69 -12.55
CA VAL A 11 -35.53 -2.54 -13.57
C VAL A 11 -35.14 -3.87 -12.97
N PRO A 12 -35.97 -4.89 -13.18
CA PRO A 12 -35.78 -6.17 -12.50
C PRO A 12 -34.49 -6.89 -12.87
N ILE A 13 -33.83 -7.43 -11.84
CA ILE A 13 -32.77 -8.42 -11.99
C ILE A 13 -31.44 -7.82 -12.40
N LEU A 14 -31.44 -6.56 -12.76
CA LEU A 14 -30.28 -5.73 -12.61
C LEU A 14 -30.34 -5.14 -11.23
N GLY A 15 -31.53 -4.70 -10.87
CA GLY A 15 -31.76 -3.89 -9.69
C GLY A 15 -31.22 -2.50 -9.91
N HIS A 16 -30.42 -2.05 -8.95
CA HIS A 16 -29.98 -0.67 -8.89
C HIS A 16 -28.54 -0.54 -9.27
N ILE A 17 -27.93 -1.64 -9.71
CA ILE A 17 -26.51 -1.58 -10.10
C ILE A 17 -26.23 -0.50 -11.14
N ILE A 18 -27.08 -0.41 -12.16
CA ILE A 18 -26.88 0.58 -13.23
C ILE A 18 -26.94 2.01 -12.70
N GLN A 19 -27.97 2.29 -11.91
CA GLN A 19 -28.11 3.61 -11.30
C GLN A 19 -26.91 3.89 -10.41
N PHE A 20 -26.50 2.87 -9.64
CA PHE A 20 -25.35 3.02 -8.74
C PHE A 20 -24.09 3.41 -9.51
N GLY A 21 -23.80 2.69 -10.60
CA GLY A 21 -22.62 2.97 -11.42
C GLY A 21 -22.55 4.41 -11.92
N LYS A 22 -23.69 4.93 -12.35
CA LYS A 22 -23.80 6.29 -12.89
C LYS A 22 -23.34 7.37 -11.93
N SER A 23 -23.86 7.32 -10.69
CA SER A 23 -23.52 8.29 -9.66
C SER A 23 -23.64 7.60 -8.30
N PRO A 24 -22.56 6.93 -7.85
CA PRO A 24 -22.61 6.21 -6.57
C PRO A 24 -23.14 7.05 -5.42
N LEU A 25 -22.56 8.23 -5.20
CA LEU A 25 -22.98 9.11 -4.12
C LEU A 25 -24.38 9.69 -4.32
N GLY A 26 -24.61 10.26 -5.49
CA GLY A 26 -25.91 10.83 -5.83
C GLY A 26 -27.03 9.82 -5.66
N PHE A 27 -26.82 8.60 -6.16
CA PHE A 27 -27.80 7.53 -6.02
C PHE A 27 -28.04 7.20 -4.55
N MET A 28 -26.96 6.97 -3.80
CA MET A 28 -27.10 6.55 -2.42
C MET A 28 -27.83 7.61 -1.59
N GLN A 29 -27.48 8.88 -1.82
CA GLN A 29 -28.13 9.99 -1.10
C GLN A 29 -29.60 10.16 -1.51
N GLU A 30 -29.93 9.74 -2.72
CA GLU A 30 -31.32 9.76 -3.17
C GLU A 30 -32.12 8.70 -2.43
N CYS A 31 -31.53 7.52 -2.24
CA CYS A 31 -32.19 6.46 -1.48
C CYS A 31 -32.45 6.92 -0.05
N LYS A 32 -31.49 7.64 0.51
CA LYS A 32 -31.52 8.09 1.89
C LYS A 32 -32.65 9.09 2.06
N ARG A 33 -32.71 10.04 1.13
CA ARG A 33 -33.75 11.07 1.09
C ARG A 33 -35.13 10.47 0.90
N GLN A 34 -35.25 9.56 -0.07
CA GLN A 34 -36.56 9.00 -0.41
C GLN A 34 -37.14 8.07 0.64
N LEU A 35 -36.29 7.25 1.26
CA LEU A 35 -36.77 6.28 2.24
C LEU A 35 -36.73 6.82 3.67
N LYS A 36 -36.38 8.11 3.79
CA LYS A 36 -36.26 8.81 5.07
C LYS A 36 -35.47 8.02 6.08
N SER A 37 -34.27 7.59 5.71
CA SER A 37 -33.54 6.63 6.53
C SER A 37 -32.09 6.54 6.10
N GLY A 38 -31.16 6.59 7.07
CA GLY A 38 -29.74 6.37 6.81
C GLY A 38 -29.42 4.89 6.61
N ILE A 39 -30.33 4.03 7.05
CA ILE A 39 -30.22 2.59 6.88
C ILE A 39 -31.28 2.14 5.88
N PHE A 40 -30.84 1.58 4.75
CA PHE A 40 -31.74 1.18 3.67
C PHE A 40 -31.16 0.04 2.86
N THR A 41 -32.02 -0.68 2.14
CA THR A 41 -31.58 -1.82 1.36
C THR A 41 -31.76 -1.54 -0.14
N ILE A 42 -30.70 -1.75 -0.91
CA ILE A 42 -30.80 -1.73 -2.37
C ILE A 42 -30.70 -3.17 -2.91
N ASN A 43 -30.86 -3.31 -4.22
CA ASN A 43 -30.82 -4.64 -4.83
C ASN A 43 -29.78 -4.68 -5.96
N ILE A 44 -28.77 -5.54 -5.81
CA ILE A 44 -27.68 -5.63 -6.80
C ILE A 44 -27.76 -7.00 -7.46
N VAL A 45 -28.19 -7.03 -8.73
CA VAL A 45 -28.38 -8.28 -9.45
C VAL A 45 -29.19 -9.28 -8.60
N GLY A 46 -30.22 -8.78 -7.92
CA GLY A 46 -31.11 -9.65 -7.15
C GLY A 46 -30.62 -9.97 -5.76
N LYS A 47 -29.51 -9.36 -5.34
CA LYS A 47 -29.02 -9.55 -3.97
C LYS A 47 -29.31 -8.32 -3.14
N ARG A 48 -29.86 -8.55 -1.95
CA ARG A 48 -30.16 -7.49 -0.99
C ARG A 48 -28.87 -6.94 -0.43
N VAL A 49 -28.67 -5.64 -0.53
CA VAL A 49 -27.51 -5.01 0.04
C VAL A 49 -28.00 -3.90 0.95
N THR A 50 -27.84 -4.10 2.26
CA THR A 50 -28.26 -3.13 3.26
C THR A 50 -27.13 -2.18 3.66
N ILE A 51 -27.32 -0.91 3.37
CA ILE A 51 -26.27 0.07 3.57
C ILE A 51 -26.48 0.77 4.91
N VAL A 52 -25.43 0.75 5.73
CA VAL A 52 -25.42 1.47 7.00
C VAL A 52 -24.90 2.85 6.67
N GLY A 53 -25.82 3.72 6.29
CA GLY A 53 -25.49 5.02 5.71
C GLY A 53 -25.66 6.16 6.69
N ASP A 54 -25.82 5.83 7.96
CA ASP A 54 -25.88 6.81 9.03
C ASP A 54 -24.62 6.65 9.87
N PRO A 55 -23.74 7.68 9.86
CA PRO A 55 -22.49 7.59 10.63
C PRO A 55 -22.69 7.27 12.12
N HIS A 56 -23.86 7.58 12.68
CA HIS A 56 -24.09 7.31 14.11
C HIS A 56 -24.15 5.85 14.36
N GLU A 57 -24.42 5.09 13.32
CA GLU A 57 -24.51 3.65 13.46
C GLU A 57 -23.31 2.87 12.93
N HIS A 58 -22.22 3.54 12.58
CA HIS A 58 -21.01 2.84 12.11
C HIS A 58 -20.59 1.67 12.93
N SER A 59 -20.58 1.84 14.24
CA SER A 59 -20.06 0.79 15.11
C SER A 59 -20.82 -0.51 14.93
N ARG A 60 -22.08 -0.44 14.48
CA ARG A 60 -22.86 -1.67 14.24
C ARG A 60 -22.35 -2.47 13.02
N PHE A 61 -21.61 -1.83 12.11
CA PHE A 61 -21.02 -2.54 10.98
C PHE A 61 -19.62 -3.00 11.38
N PHE A 62 -18.87 -2.11 12.01
CA PHE A 62 -17.45 -2.37 12.27
C PHE A 62 -17.14 -3.24 13.48
N LEU A 63 -18.00 -3.25 14.49
CA LEU A 63 -17.63 -3.91 15.75
C LEU A 63 -18.07 -5.37 15.94
N PRO A 64 -19.20 -5.78 15.31
CA PRO A 64 -19.60 -7.18 15.55
C PRO A 64 -18.53 -8.19 15.13
N ARG A 65 -18.37 -9.25 15.92
CA ARG A 65 -17.40 -10.32 15.63
C ARG A 65 -17.64 -11.00 14.28
N ASN A 66 -16.60 -11.67 13.78
CA ASN A 66 -16.64 -12.47 12.55
C ASN A 66 -17.77 -13.49 12.45
N GLU A 67 -18.14 -14.10 13.58
CA GLU A 67 -19.25 -15.06 13.62
C GLU A 67 -20.54 -14.38 13.24
N VAL A 68 -20.57 -13.05 13.32
CA VAL A 68 -21.80 -12.34 13.10
C VAL A 68 -21.78 -11.62 11.74
N LEU A 69 -20.70 -10.89 11.47
CA LEU A 69 -20.52 -10.24 10.18
C LEU A 69 -19.17 -10.65 9.58
N SER A 70 -19.23 -11.37 8.46
CA SER A 70 -18.02 -11.97 7.89
C SER A 70 -17.75 -11.49 6.47
N PRO A 71 -16.53 -10.97 6.21
CA PRO A 71 -16.15 -10.54 4.87
C PRO A 71 -15.71 -11.69 3.98
N ARG A 72 -15.46 -12.86 4.57
CA ARG A 72 -14.91 -14.01 3.82
C ARG A 72 -15.63 -14.35 2.51
N GLU A 73 -16.96 -14.43 2.54
CA GLU A 73 -17.72 -14.80 1.34
C GLU A 73 -17.67 -13.70 0.29
N VAL A 74 -17.57 -12.46 0.75
CA VAL A 74 -17.34 -11.34 -0.14
C VAL A 74 -16.04 -11.53 -0.90
N TYR A 75 -15.03 -12.08 -0.25
CA TYR A 75 -13.72 -12.22 -0.87
C TYR A 75 -13.51 -13.53 -1.65
N SER A 76 -14.56 -14.32 -1.83
CA SER A 76 -14.43 -15.58 -2.58
C SER A 76 -13.74 -15.39 -3.95
N PHE A 77 -14.09 -14.31 -4.64
CA PHE A 77 -13.51 -14.06 -5.97
C PHE A 77 -12.00 -13.83 -5.94
N MET A 78 -11.43 -13.61 -4.76
CA MET A 78 -9.99 -13.34 -4.70
C MET A 78 -9.19 -14.55 -4.21
N VAL A 79 -9.89 -15.65 -3.96
CA VAL A 79 -9.22 -16.88 -3.51
C VAL A 79 -8.08 -17.32 -4.42
N PRO A 80 -8.26 -17.22 -5.74
CA PRO A 80 -7.19 -17.56 -6.69
C PRO A 80 -5.96 -16.65 -6.58
N VAL A 81 -6.15 -15.43 -6.08
CA VAL A 81 -5.04 -14.51 -5.81
C VAL A 81 -4.32 -14.86 -4.51
N PHE A 82 -5.08 -14.89 -3.43
CA PHE A 82 -4.54 -15.19 -2.09
C PHE A 82 -3.99 -16.60 -2.04
N GLY A 83 -4.73 -17.52 -2.64
CA GLY A 83 -4.41 -18.94 -2.53
C GLY A 83 -5.25 -19.52 -1.42
N GLU A 84 -5.49 -20.82 -1.49
CA GLU A 84 -6.23 -21.54 -0.47
C GLU A 84 -5.50 -21.48 0.87
N GLY A 85 -6.24 -21.23 1.95
CA GLY A 85 -5.67 -21.19 3.28
C GLY A 85 -4.91 -19.90 3.55
N VAL A 86 -5.10 -18.90 2.69
CA VAL A 86 -4.49 -17.60 2.89
C VAL A 86 -5.58 -16.55 3.05
N ALA A 87 -5.36 -15.63 3.99
CA ALA A 87 -6.24 -14.48 4.19
C ALA A 87 -7.68 -14.94 4.39
N TYR A 88 -8.61 -14.38 3.61
CA TYR A 88 -10.01 -14.70 3.79
C TYR A 88 -10.35 -16.14 3.40
N ALA A 89 -9.42 -16.81 2.72
CA ALA A 89 -9.58 -18.22 2.38
C ALA A 89 -9.14 -19.14 3.52
N ALA A 90 -8.76 -18.57 4.66
CA ALA A 90 -8.40 -19.36 5.83
C ALA A 90 -9.50 -19.27 6.88
N PRO A 91 -9.57 -20.24 7.81
CA PRO A 91 -10.41 -20.01 8.97
C PRO A 91 -9.99 -18.70 9.66
N TYR A 92 -10.95 -17.98 10.26
CA TYR A 92 -10.67 -16.66 10.86
C TYR A 92 -9.52 -16.66 11.87
N PRO A 93 -9.46 -17.67 12.77
CA PRO A 93 -8.35 -17.73 13.73
C PRO A 93 -7.00 -17.80 13.04
N ARG A 94 -6.92 -18.62 12.00
CA ARG A 94 -5.72 -18.72 11.17
C ARG A 94 -5.42 -17.41 10.41
N MET A 95 -6.46 -16.78 9.85
CA MET A 95 -6.23 -15.50 9.18
C MET A 95 -5.63 -14.49 10.13
N ARG A 96 -6.18 -14.43 11.34
CA ARG A 96 -5.69 -13.49 12.36
C ARG A 96 -4.21 -13.70 12.67
N GLU A 97 -3.75 -14.95 12.71
CA GLU A 97 -2.33 -15.21 12.97
C GLU A 97 -1.51 -14.66 11.82
N GLN A 98 -2.02 -14.84 10.60
CA GLN A 98 -1.32 -14.40 9.40
C GLN A 98 -1.24 -12.88 9.37
N LEU A 99 -2.35 -12.23 9.71
CA LEU A 99 -2.37 -10.76 9.82
C LEU A 99 -1.40 -10.26 10.87
N ASN A 100 -1.37 -10.90 12.04
CA ASN A 100 -0.38 -10.51 13.04
C ASN A 100 1.01 -10.62 12.47
N PHE A 101 1.24 -11.66 11.67
CA PHE A 101 2.59 -11.84 11.10
C PHE A 101 2.90 -10.72 10.13
N LEU A 102 1.92 -10.37 9.30
CA LEU A 102 2.07 -9.24 8.40
C LEU A 102 2.33 -7.94 9.18
N ALA A 103 1.53 -7.66 10.20
CA ALA A 103 1.72 -6.41 10.97
C ALA A 103 3.09 -6.35 11.62
N GLU A 104 3.58 -7.49 12.11
CA GLU A 104 4.91 -7.50 12.69
C GLU A 104 5.98 -7.18 11.63
N GLU A 105 5.63 -7.29 10.36
CA GLU A 105 6.59 -6.96 9.30
C GLU A 105 6.52 -5.48 8.94
N LEU A 106 5.55 -4.79 9.54
CA LEU A 106 5.33 -3.36 9.34
C LEU A 106 5.33 -2.66 10.70
N THR A 107 6.10 -3.20 11.65
CA THR A 107 6.20 -2.60 12.98
C THR A 107 6.92 -1.26 12.91
N ILE A 108 6.65 -0.42 13.89
CA ILE A 108 7.27 0.89 13.98
C ILE A 108 8.80 0.76 14.01
N ALA A 109 9.31 -0.30 14.63
CA ALA A 109 10.77 -0.56 14.69
C ALA A 109 11.40 -0.71 13.33
N LYS A 110 10.63 -1.20 12.36
CA LYS A 110 11.16 -1.38 11.03
C LYS A 110 11.14 -0.09 10.22
N PHE A 111 10.33 0.88 10.67
CA PHE A 111 10.25 2.17 10.00
C PHE A 111 11.59 2.93 10.02
N GLN A 112 12.45 2.62 10.99
CA GLN A 112 13.76 3.30 11.05
C GLN A 112 14.48 3.19 9.71
N ASN A 113 14.40 2.01 9.08
CA ASN A 113 15.03 1.79 7.80
C ASN A 113 14.13 2.13 6.63
N PHE A 114 12.82 2.05 6.83
CA PHE A 114 11.90 2.34 5.73
C PHE A 114 12.07 3.76 5.24
N VAL A 115 12.18 4.74 6.13
CA VAL A 115 12.21 6.15 5.68
C VAL A 115 13.28 6.41 4.63
N PRO A 116 14.56 6.08 4.94
CA PRO A 116 15.62 6.28 3.94
C PRO A 116 15.43 5.48 2.63
N ALA A 117 14.96 4.24 2.75
CA ALA A 117 14.64 3.42 1.59
C ALA A 117 13.63 4.09 0.67
N ILE A 118 12.57 4.63 1.26
CA ILE A 118 11.53 5.29 0.49
C ILE A 118 12.11 6.53 -0.17
N GLN A 119 12.78 7.37 0.61
CA GLN A 119 13.28 8.61 0.04
C GLN A 119 14.32 8.35 -1.06
N HIS A 120 15.16 7.34 -0.86
CA HIS A 120 16.09 6.88 -1.90
C HIS A 120 15.39 6.64 -3.22
N GLU A 121 14.36 5.78 -3.21
CA GLU A 121 13.61 5.49 -4.43
C GLU A 121 12.91 6.72 -4.98
N VAL A 122 12.32 7.55 -4.13
CA VAL A 122 11.69 8.77 -4.63
C VAL A 122 12.71 9.67 -5.37
N ARG A 123 13.84 9.93 -4.74
CA ARG A 123 14.89 10.76 -5.38
C ARG A 123 15.34 10.19 -6.72
N LYS A 124 15.64 8.90 -6.71
CA LYS A 124 16.04 8.20 -7.93
C LYS A 124 15.00 8.40 -9.03
N PHE A 125 13.72 8.30 -8.69
CA PHE A 125 12.68 8.43 -9.69
C PHE A 125 12.59 9.85 -10.24
N MET A 126 12.66 10.83 -9.33
CA MET A 126 12.58 12.23 -9.73
C MET A 126 13.78 12.62 -10.57
N ALA A 127 14.96 12.15 -10.17
CA ALA A 127 16.19 12.44 -10.91
C ALA A 127 16.13 11.88 -12.33
N ALA A 128 15.59 10.68 -12.48
CA ALA A 128 15.48 10.06 -13.81
C ALA A 128 14.37 10.67 -14.67
N ASN A 129 13.17 10.82 -14.09
CA ASN A 129 11.98 11.17 -14.86
C ASN A 129 11.49 12.62 -14.75
N TRP A 130 12.10 13.38 -13.86
CA TRP A 130 11.73 14.78 -13.67
C TRP A 130 13.01 15.54 -13.70
N ASP A 131 13.57 15.68 -14.89
CA ASP A 131 14.96 16.11 -15.03
C ASP A 131 15.20 17.48 -15.65
N LYS A 132 14.15 18.09 -16.22
CA LYS A 132 14.27 19.42 -16.81
C LYS A 132 14.01 20.51 -15.77
N ASP A 133 14.01 21.76 -16.22
CA ASP A 133 13.59 22.87 -15.38
C ASP A 133 12.11 22.73 -15.15
N GLU A 134 11.41 22.32 -16.21
CA GLU A 134 10.00 21.99 -16.11
C GLU A 134 9.66 20.92 -17.12
N GLY A 135 8.51 20.30 -16.93
CA GLY A 135 8.03 19.28 -17.84
C GLY A 135 6.64 18.81 -17.48
N GLU A 136 6.03 18.10 -18.42
CA GLU A 136 4.70 17.57 -18.26
C GLU A 136 4.76 16.06 -17.94
N ILE A 137 3.97 15.65 -16.96
CA ILE A 137 3.89 14.25 -16.53
C ILE A 137 2.43 13.89 -16.27
N ASN A 138 2.14 12.59 -16.19
CA ASN A 138 0.88 12.11 -15.64
C ASN A 138 1.18 11.76 -14.18
N LEU A 139 0.59 12.54 -13.28
CA LEU A 139 0.93 12.42 -11.87
C LEU A 139 0.50 11.10 -11.27
N LEU A 140 -0.64 10.59 -11.72
CA LEU A 140 -1.15 9.34 -11.19
C LEU A 140 -0.24 8.19 -11.59
N GLU A 141 0.20 8.15 -12.84
CA GLU A 141 1.16 7.11 -13.26
C GLU A 141 2.48 7.20 -12.49
N ASP A 142 3.02 8.40 -12.36
CA ASP A 142 4.28 8.58 -11.65
C ASP A 142 4.19 8.22 -10.17
N CYS A 143 3.12 8.64 -9.49
CA CYS A 143 2.95 8.21 -8.10
C CYS A 143 2.79 6.68 -7.92
N SER A 144 2.05 6.04 -8.84
CA SER A 144 1.93 4.58 -8.83
C SER A 144 3.29 3.90 -8.94
N THR A 145 4.11 4.37 -9.88
CA THR A 145 5.48 3.85 -10.06
C THR A 145 6.32 4.08 -8.81
N MET A 146 6.26 5.29 -8.26
CA MET A 146 6.98 5.55 -7.01
C MET A 146 6.56 4.61 -5.90
N ILE A 147 5.25 4.40 -5.75
CA ILE A 147 4.75 3.54 -4.67
C ILE A 147 5.20 2.09 -4.83
N ILE A 148 5.19 1.56 -6.06
CA ILE A 148 5.70 0.17 -6.20
C ILE A 148 7.20 0.10 -5.90
N ASN A 149 7.96 1.05 -6.43
CA ASN A 149 9.40 1.11 -6.14
C ASN A 149 9.69 1.26 -4.66
N THR A 150 8.96 2.16 -3.98
CA THR A 150 9.27 2.42 -2.59
C THR A 150 8.84 1.24 -1.73
N ALA A 151 7.64 0.69 -1.98
CA ALA A 151 7.20 -0.48 -1.21
C ALA A 151 8.22 -1.61 -1.38
N CYS A 152 8.62 -1.88 -2.62
CA CYS A 152 9.61 -2.95 -2.87
C CYS A 152 10.97 -2.74 -2.17
N GLN A 153 11.43 -1.49 -2.18
CA GLN A 153 12.69 -1.14 -1.52
C GLN A 153 12.64 -1.29 0.01
N CYS A 154 11.45 -1.13 0.61
CA CYS A 154 11.30 -1.32 2.04
C CYS A 154 11.21 -2.78 2.41
N LEU A 155 10.48 -3.52 1.60
CA LEU A 155 10.01 -4.85 1.99
C LEU A 155 10.86 -6.00 1.44
N PHE A 156 11.62 -5.73 0.38
CA PHE A 156 12.38 -6.79 -0.32
C PHE A 156 13.88 -6.57 -0.29
N GLY A 157 14.63 -7.64 -0.03
CA GLY A 157 16.08 -7.57 -0.08
C GLY A 157 16.52 -7.23 -1.48
N GLU A 158 17.74 -6.71 -1.61
CA GLU A 158 18.29 -6.40 -2.95
C GLU A 158 18.29 -7.60 -3.91
N ASP A 159 18.61 -8.79 -3.42
CA ASP A 159 18.59 -9.99 -4.25
C ASP A 159 17.21 -10.20 -4.89
N LEU A 160 16.16 -10.03 -4.10
CA LEU A 160 14.81 -10.21 -4.60
C LEU A 160 14.48 -9.15 -5.65
N ARG A 161 14.83 -7.89 -5.37
CA ARG A 161 14.56 -6.83 -6.34
C ARG A 161 15.37 -7.00 -7.62
N LYS A 162 16.53 -7.66 -7.53
CA LYS A 162 17.28 -8.01 -8.74
C LYS A 162 16.56 -9.05 -9.60
N ARG A 163 16.09 -10.13 -8.97
CA ARG A 163 15.35 -11.19 -9.68
C ARG A 163 13.96 -10.73 -10.10
N LEU A 164 13.39 -9.82 -9.31
CA LEU A 164 12.01 -9.43 -9.47
C LEU A 164 11.93 -7.93 -9.24
N ASP A 165 12.20 -7.16 -10.29
CA ASP A 165 12.22 -5.71 -10.15
C ASP A 165 10.78 -5.18 -10.15
N ALA A 166 10.64 -3.91 -9.80
CA ALA A 166 9.32 -3.30 -9.73
C ALA A 166 8.50 -3.58 -10.99
N ARG A 167 9.12 -3.39 -12.15
CA ARG A 167 8.44 -3.54 -13.44
C ARG A 167 7.88 -4.95 -13.65
N ARG A 168 8.69 -5.96 -13.37
CA ARG A 168 8.30 -7.35 -13.51
C ARG A 168 7.25 -7.73 -12.48
N PHE A 169 7.41 -7.19 -11.28
CA PHE A 169 6.49 -7.45 -10.19
C PHE A 169 5.13 -6.88 -10.52
N ALA A 170 5.10 -5.64 -11.02
CA ALA A 170 3.84 -5.02 -11.43
C ALA A 170 3.12 -5.81 -12.51
N GLN A 171 3.87 -6.35 -13.47
CA GLN A 171 3.30 -7.18 -14.53
C GLN A 171 2.63 -8.44 -13.99
N LEU A 172 3.31 -9.12 -13.08
CA LEU A 172 2.76 -10.31 -12.44
C LEU A 172 1.48 -9.94 -11.69
N LEU A 173 1.54 -8.83 -10.96
CA LEU A 173 0.42 -8.40 -10.15
C LEU A 173 -0.74 -7.98 -11.01
N ALA A 174 -0.46 -7.28 -12.11
CA ALA A 174 -1.52 -6.83 -13.01
C ALA A 174 -2.19 -8.02 -13.69
N LYS A 175 -1.41 -9.05 -14.00
CA LYS A 175 -1.98 -10.26 -14.59
C LYS A 175 -2.97 -10.90 -13.60
N MET A 176 -2.60 -10.97 -12.34
CA MET A 176 -3.53 -11.47 -11.32
C MET A 176 -4.74 -10.53 -11.19
N GLU A 177 -4.48 -9.24 -11.10
CA GLU A 177 -5.57 -8.27 -10.97
C GLU A 177 -6.56 -8.35 -12.14
N SER A 178 -6.05 -8.40 -13.35
CA SER A 178 -6.95 -8.36 -14.50
C SER A 178 -7.70 -9.69 -14.64
N SER A 179 -7.28 -10.70 -13.88
CA SER A 179 -8.03 -11.95 -13.86
C SER A 179 -9.19 -11.98 -12.87
N LEU A 180 -9.33 -10.94 -12.04
CA LEU A 180 -10.42 -10.89 -11.03
C LEU A 180 -11.77 -10.49 -11.61
N ILE A 181 -12.83 -11.15 -11.14
CA ILE A 181 -14.18 -10.78 -11.53
C ILE A 181 -14.96 -10.43 -10.26
N PRO A 182 -14.88 -9.16 -9.82
CA PRO A 182 -15.62 -8.79 -8.61
C PRO A 182 -17.14 -8.96 -8.77
N ALA A 183 -17.65 -9.03 -9.99
CA ALA A 183 -19.07 -9.30 -10.20
C ALA A 183 -19.49 -10.60 -9.50
N ALA A 184 -18.54 -11.48 -9.30
CA ALA A 184 -18.79 -12.76 -8.66
C ALA A 184 -19.33 -12.59 -7.24
N VAL A 185 -19.15 -11.40 -6.66
CA VAL A 185 -19.71 -11.15 -5.32
C VAL A 185 -21.23 -11.31 -5.34
N PHE A 186 -21.85 -10.91 -6.44
CA PHE A 186 -23.30 -10.85 -6.57
C PHE A 186 -23.87 -11.91 -7.51
N LEU A 187 -22.97 -12.66 -8.13
CA LEU A 187 -23.32 -13.71 -9.06
C LEU A 187 -22.36 -14.86 -8.74
N PRO A 188 -22.57 -15.52 -7.59
CA PRO A 188 -21.56 -16.47 -7.12
C PRO A 188 -21.41 -17.71 -8.00
N ILE A 189 -22.35 -17.91 -8.92
CA ILE A 189 -22.24 -19.00 -9.89
C ILE A 189 -20.88 -18.95 -10.61
N LEU A 190 -20.40 -17.74 -10.87
CA LEU A 190 -19.14 -17.55 -11.58
C LEU A 190 -17.97 -18.30 -10.97
N LEU A 191 -17.97 -18.41 -9.65
CA LEU A 191 -16.85 -19.04 -8.96
C LEU A 191 -16.80 -20.57 -9.12
N LYS A 192 -17.88 -21.14 -9.64
CA LYS A 192 -17.90 -22.58 -9.90
C LYS A 192 -17.79 -22.94 -11.38
N LEU A 193 -17.83 -21.92 -12.25
CA LEU A 193 -17.64 -22.12 -13.70
C LEU A 193 -16.15 -22.19 -14.07
N PRO A 194 -15.79 -23.03 -15.06
CA PRO A 194 -14.46 -22.92 -15.67
C PRO A 194 -14.29 -21.60 -16.41
N LEU A 195 -13.24 -20.86 -16.07
CA LEU A 195 -13.01 -19.56 -16.64
C LEU A 195 -11.54 -19.44 -17.05
N PRO A 196 -11.26 -18.83 -18.21
CA PRO A 196 -9.84 -18.58 -18.59
C PRO A 196 -9.09 -17.71 -17.55
N GLN A 197 -9.82 -16.83 -16.86
CA GLN A 197 -9.30 -16.02 -15.75
C GLN A 197 -8.60 -16.85 -14.69
N SER A 198 -9.17 -18.00 -14.37
CA SER A 198 -8.59 -18.91 -13.38
C SER A 198 -7.19 -19.38 -13.73
N ALA A 199 -7.00 -19.79 -14.98
CA ALA A 199 -5.67 -20.23 -15.43
C ALA A 199 -4.62 -19.09 -15.46
N ARG A 200 -5.02 -17.88 -15.84
CA ARG A 200 -4.07 -16.76 -15.83
C ARG A 200 -3.60 -16.46 -14.42
N CYS A 201 -4.56 -16.39 -13.51
CA CYS A 201 -4.24 -16.07 -12.13
C CYS A 201 -3.27 -17.10 -11.58
N HIS A 202 -3.61 -18.38 -11.70
CA HIS A 202 -2.73 -19.47 -11.32
C HIS A 202 -1.36 -19.40 -11.97
N GLU A 203 -1.29 -19.10 -13.26
CA GLU A 203 -0.01 -18.95 -13.97
C GLU A 203 0.88 -17.93 -13.27
N ALA A 204 0.30 -16.77 -12.96
CA ALA A 204 1.05 -15.66 -12.42
C ALA A 204 1.49 -15.95 -10.99
N ARG A 205 0.58 -16.50 -10.17
CA ARG A 205 0.90 -16.81 -8.78
C ARG A 205 1.98 -17.88 -8.71
N THR A 206 1.87 -18.88 -9.58
CA THR A 206 2.86 -19.96 -9.62
C THR A 206 4.22 -19.40 -10.04
N GLU A 207 4.23 -18.53 -11.06
CA GLU A 207 5.47 -17.91 -11.50
C GLU A 207 6.11 -17.14 -10.35
N LEU A 208 5.29 -16.40 -9.60
CA LEU A 208 5.81 -15.61 -8.50
C LEU A 208 6.36 -16.52 -7.41
N GLN A 209 5.61 -17.58 -7.08
CA GLN A 209 6.07 -18.49 -6.03
C GLN A 209 7.40 -19.17 -6.45
N LYS A 210 7.54 -19.43 -7.74
CA LYS A 210 8.76 -20.04 -8.28
C LYS A 210 9.97 -19.13 -8.08
N ILE A 211 9.80 -17.85 -8.42
CA ILE A 211 10.85 -16.86 -8.21
C ILE A 211 11.24 -16.77 -6.74
N LEU A 212 10.27 -16.77 -5.84
CA LEU A 212 10.54 -16.74 -4.42
C LEU A 212 11.29 -17.99 -3.96
N SER A 213 10.90 -19.13 -4.50
CA SER A 213 11.57 -20.38 -4.19
C SER A 213 13.05 -20.27 -4.53
N GLU A 214 13.35 -19.75 -5.72
CA GLU A 214 14.71 -19.58 -6.19
C GLU A 214 15.52 -18.54 -5.41
N ILE A 215 14.86 -17.48 -4.97
CA ILE A 215 15.49 -16.55 -4.03
C ILE A 215 15.85 -17.23 -2.70
N ILE A 216 14.95 -18.03 -2.16
CA ILE A 216 15.21 -18.69 -0.89
C ILE A 216 16.44 -19.60 -1.01
N ILE A 217 16.51 -20.34 -2.12
CA ILE A 217 17.63 -21.26 -2.33
C ILE A 217 18.93 -20.46 -2.48
N ALA A 218 18.92 -19.42 -3.31
CA ALA A 218 20.08 -18.53 -3.46
C ALA A 218 20.57 -17.91 -2.15
N ARG A 219 19.65 -17.48 -1.29
CA ARG A 219 20.02 -16.91 0.00
C ARG A 219 20.74 -17.94 0.85
N LYS A 220 20.25 -19.17 0.82
CA LYS A 220 20.90 -20.29 1.50
C LYS A 220 22.36 -20.45 1.01
N GLU A 221 22.57 -20.33 -0.30
CA GLU A 221 23.92 -20.36 -0.87
C GLU A 221 24.79 -19.18 -0.44
N GLU A 222 24.21 -17.98 -0.39
CA GLU A 222 24.94 -16.80 0.12
C GLU A 222 25.40 -17.02 1.54
N GLU A 223 24.50 -17.55 2.38
CA GLU A 223 24.82 -17.78 3.78
C GLU A 223 25.96 -18.79 3.93
N VAL A 224 25.95 -19.83 3.11
CA VAL A 224 27.00 -20.85 3.17
C VAL A 224 28.38 -20.34 2.73
N ASN A 225 28.44 -19.66 1.58
CA ASN A 225 29.70 -19.17 1.00
C ASN A 225 30.30 -17.95 1.70
N LYS A 226 29.45 -16.97 2.00
CA LYS A 226 29.81 -15.84 2.85
C LYS A 226 28.90 -15.96 4.07
N ASP A 227 28.96 -15.02 5.00
CA ASP A 227 27.94 -15.03 6.05
C ASP A 227 26.81 -14.05 5.70
N SER A 228 26.73 -13.66 4.43
CA SER A 228 25.69 -12.76 3.93
C SER A 228 24.30 -13.28 4.33
N SER A 229 23.51 -12.43 4.97
CA SER A 229 22.14 -12.77 5.35
C SER A 229 21.22 -11.58 5.13
N THR A 230 20.18 -11.80 4.35
CA THR A 230 19.24 -10.75 3.97
C THR A 230 18.01 -10.79 4.87
N SER A 231 17.71 -9.65 5.49
CA SER A 231 16.57 -9.56 6.38
C SER A 231 15.47 -8.74 5.72
N ASP A 232 14.34 -9.37 5.41
CA ASP A 232 13.25 -8.65 4.75
C ASP A 232 11.88 -9.24 5.06
N LEU A 233 10.86 -8.81 4.31
CA LEU A 233 9.51 -9.32 4.54
C LEU A 233 9.45 -10.82 4.25
N LEU A 234 10.17 -11.24 3.21
CA LEU A 234 10.23 -12.64 2.84
C LEU A 234 10.85 -13.48 4.00
N SER A 235 12.08 -13.16 4.38
CA SER A 235 12.73 -13.86 5.48
C SER A 235 11.88 -13.81 6.75
N GLY A 236 11.26 -12.67 6.99
CA GLY A 236 10.39 -12.52 8.18
C GLY A 236 9.20 -13.45 8.17
N LEU A 237 8.45 -13.49 7.07
CA LEU A 237 7.29 -14.40 7.03
C LEU A 237 7.70 -15.87 7.08
N LEU A 238 8.82 -16.18 6.45
CA LEU A 238 9.33 -17.56 6.41
C LEU A 238 9.72 -18.07 7.79
N SER A 239 10.07 -17.17 8.71
CA SER A 239 10.41 -17.57 10.08
C SER A 239 9.18 -17.61 11.02
N ALA A 240 8.00 -17.30 10.48
CA ALA A 240 6.77 -17.32 11.29
C ALA A 240 6.37 -18.76 11.65
N VAL A 241 5.99 -18.97 12.91
CA VAL A 241 5.47 -20.26 13.34
C VAL A 241 4.08 -20.06 13.95
N TYR A 242 3.08 -20.79 13.45
CA TYR A 242 1.72 -20.64 13.96
C TYR A 242 1.69 -21.17 15.37
N ARG A 243 0.62 -20.88 16.08
CA ARG A 243 0.49 -21.35 17.46
C ARG A 243 0.45 -22.88 17.54
N ASP A 244 -0.14 -23.53 16.54
CA ASP A 244 -0.18 -24.98 16.49
C ASP A 244 1.19 -25.59 16.16
N GLY A 245 2.23 -24.77 16.15
CA GLY A 245 3.60 -25.29 16.00
C GLY A 245 4.13 -25.40 14.58
N THR A 246 3.24 -25.39 13.58
CA THR A 246 3.64 -25.46 12.16
C THR A 246 4.21 -24.11 11.67
N PRO A 247 5.05 -24.14 10.60
CA PRO A 247 5.50 -22.87 10.07
C PRO A 247 4.65 -22.47 8.87
N MET A 248 4.66 -21.20 8.52
CA MET A 248 4.00 -20.75 7.31
C MET A 248 4.65 -21.43 6.12
N SER A 249 3.84 -21.99 5.22
CA SER A 249 4.35 -22.63 4.00
C SER A 249 4.78 -21.55 3.00
N LEU A 250 5.56 -21.93 2.00
CA LEU A 250 5.91 -20.99 0.94
C LEU A 250 4.65 -20.51 0.21
N HIS A 251 3.69 -21.40 0.06
CA HIS A 251 2.40 -21.08 -0.53
C HIS A 251 1.72 -19.93 0.19
N GLU A 252 1.84 -19.94 1.51
CA GLU A 252 1.16 -18.96 2.35
C GLU A 252 1.93 -17.65 2.36
N VAL A 253 3.26 -17.74 2.45
CA VAL A 253 4.12 -16.57 2.38
C VAL A 253 3.91 -15.83 1.06
N CYS A 254 3.84 -16.59 -0.03
CA CYS A 254 3.63 -16.01 -1.35
C CYS A 254 2.28 -15.27 -1.41
N GLY A 255 1.25 -15.90 -0.84
CA GLY A 255 -0.10 -15.37 -0.87
C GLY A 255 -0.20 -14.10 -0.05
N MET A 256 0.48 -14.11 1.09
CA MET A 256 0.54 -12.94 1.95
C MET A 256 1.24 -11.76 1.29
N ILE A 257 2.31 -12.06 0.55
CA ILE A 257 3.07 -11.01 -0.12
C ILE A 257 2.19 -10.40 -1.21
N VAL A 258 1.51 -11.27 -1.93
CA VAL A 258 0.61 -10.84 -2.99
C VAL A 258 -0.53 -10.00 -2.41
N ALA A 259 -1.13 -10.49 -1.34
CA ALA A 259 -2.24 -9.82 -0.69
C ALA A 259 -1.81 -8.42 -0.20
N ALA A 260 -0.65 -8.34 0.43
CA ALA A 260 -0.08 -7.07 0.90
C ALA A 260 0.10 -6.03 -0.21
N MET A 261 0.63 -6.46 -1.35
CA MET A 261 0.84 -5.58 -2.52
C MET A 261 -0.48 -5.12 -3.12
N PHE A 262 -1.41 -6.05 -3.24
CA PHE A 262 -2.77 -5.73 -3.66
C PHE A 262 -3.42 -4.72 -2.72
N ALA A 263 -3.23 -4.88 -1.42
CA ALA A 263 -3.84 -3.92 -0.50
C ALA A 263 -3.15 -2.57 -0.72
N GLY A 264 -1.83 -2.57 -0.59
CA GLY A 264 -1.06 -1.35 -0.54
C GLY A 264 -0.86 -0.53 -1.81
N GLN A 265 -0.87 -1.17 -2.98
CA GLN A 265 -0.45 -0.45 -4.19
C GLN A 265 -1.38 0.70 -4.57
N HIS A 266 -2.58 0.39 -5.04
CA HIS A 266 -3.45 1.44 -5.55
C HIS A 266 -3.84 2.47 -4.53
N THR A 267 -4.22 2.02 -3.33
CA THR A 267 -4.68 2.93 -2.27
C THR A 267 -3.61 3.98 -1.95
N SER A 268 -2.37 3.53 -1.78
CA SER A 268 -1.30 4.46 -1.43
C SER A 268 -0.98 5.41 -2.55
N SER A 269 -0.98 4.90 -3.78
CA SER A 269 -0.71 5.75 -4.96
C SER A 269 -1.80 6.81 -5.14
N ILE A 270 -3.05 6.39 -4.98
CA ILE A 270 -4.20 7.25 -5.16
C ILE A 270 -4.17 8.35 -4.09
N THR A 271 -3.87 7.98 -2.85
CA THR A 271 -3.85 8.92 -1.72
C THR A 271 -2.76 9.95 -1.93
N THR A 272 -1.59 9.49 -2.37
CA THR A 272 -0.51 10.41 -2.74
C THR A 272 -0.90 11.35 -3.91
N THR A 273 -1.47 10.79 -4.97
CA THR A 273 -1.89 11.60 -6.12
C THR A 273 -2.93 12.67 -5.72
N TRP A 274 -4.02 12.28 -5.08
CA TRP A 274 -5.02 13.26 -4.64
C TRP A 274 -4.37 14.34 -3.79
N SER A 275 -3.58 13.93 -2.81
CA SER A 275 -2.92 14.90 -1.94
C SER A 275 -2.13 15.97 -2.69
N MET A 276 -1.38 15.56 -3.71
CA MET A 276 -0.58 16.47 -4.50
C MET A 276 -1.46 17.36 -5.39
N LEU A 277 -2.48 16.76 -6.01
CA LEU A 277 -3.44 17.50 -6.85
C LEU A 277 -4.04 18.65 -6.03
N HIS A 278 -4.53 18.35 -4.83
CA HIS A 278 -5.05 19.36 -3.91
C HIS A 278 -4.03 20.41 -3.55
N LEU A 279 -2.87 19.97 -3.06
CA LEU A 279 -1.85 20.90 -2.62
C LEU A 279 -1.35 21.86 -3.71
N MET A 280 -1.40 21.43 -4.97
CA MET A 280 -0.90 22.27 -6.06
C MET A 280 -1.93 23.25 -6.64
N HIS A 281 -3.20 23.05 -6.31
CA HIS A 281 -4.29 23.88 -6.80
C HIS A 281 -4.25 25.22 -6.13
N PRO A 282 -4.44 26.34 -6.88
CA PRO A 282 -4.23 27.65 -6.27
C PRO A 282 -5.16 27.95 -5.07
N ALA A 283 -6.35 27.35 -5.05
CA ALA A 283 -7.28 27.55 -3.92
C ALA A 283 -6.70 27.09 -2.58
N ASN A 284 -5.68 26.24 -2.63
CA ASN A 284 -5.13 25.63 -1.42
C ASN A 284 -3.71 26.13 -1.11
N VAL A 285 -3.37 27.30 -1.65
CA VAL A 285 -2.03 27.90 -1.45
C VAL A 285 -1.66 28.01 0.03
N LYS A 286 -2.65 28.26 0.88
CA LYS A 286 -2.42 28.30 2.34
C LYS A 286 -1.93 26.95 2.86
N HIS A 287 -2.46 25.87 2.28
CA HIS A 287 -2.13 24.53 2.76
C HIS A 287 -0.76 24.12 2.30
N LEU A 288 -0.43 24.48 1.07
CA LEU A 288 0.91 24.27 0.52
C LEU A 288 1.96 25.01 1.36
N GLU A 289 1.68 26.27 1.71
CA GLU A 289 2.55 27.00 2.63
C GLU A 289 2.71 26.28 3.96
N ALA A 290 1.62 25.74 4.51
CA ALA A 290 1.72 25.04 5.81
C ALA A 290 2.54 23.75 5.70
N LEU A 291 2.45 23.10 4.55
CA LEU A 291 3.26 21.92 4.30
C LEU A 291 4.73 22.31 4.20
N ARG A 292 5.02 23.29 3.34
CA ARG A 292 6.38 23.76 3.09
C ARG A 292 7.03 24.26 4.37
N LYS A 293 6.23 24.92 5.22
CA LYS A 293 6.70 25.32 6.53
C LYS A 293 6.98 24.12 7.43
N GLU A 294 6.07 23.14 7.40
CA GLU A 294 6.24 21.95 8.23
C GLU A 294 7.54 21.22 7.94
N ILE A 295 7.99 21.26 6.68
CA ILE A 295 9.16 20.48 6.27
C ILE A 295 10.43 21.32 6.16
N GLU A 296 10.28 22.64 6.25
CA GLU A 296 11.36 23.63 6.07
C GLU A 296 12.70 23.30 6.73
N GLU A 297 12.67 22.82 7.96
CA GLU A 297 13.91 22.57 8.69
C GLU A 297 14.34 21.10 8.62
N PHE A 298 13.81 20.37 7.63
CA PHE A 298 14.15 18.95 7.48
C PHE A 298 15.52 18.76 6.82
N PRO A 299 16.31 17.78 7.28
CA PRO A 299 17.57 17.50 6.57
C PRO A 299 17.32 16.97 5.16
N ALA A 300 18.33 17.05 4.30
CA ALA A 300 18.25 16.49 2.96
C ALA A 300 17.84 15.02 3.04
N GLN A 301 18.25 14.37 4.12
CA GLN A 301 17.95 12.97 4.34
C GLN A 301 17.05 12.82 5.54
N LEU A 302 15.78 12.56 5.25
CA LEU A 302 14.76 12.47 6.29
C LEU A 302 15.02 11.29 7.16
N ASN A 303 14.54 11.34 8.39
CA ASN A 303 14.69 10.20 9.23
C ASN A 303 13.36 9.91 9.88
N TYR A 304 13.32 8.83 10.67
CA TYR A 304 12.10 8.39 11.31
C TYR A 304 11.37 9.52 12.05
N ASN A 305 12.10 10.36 12.77
CA ASN A 305 11.48 11.44 13.56
C ASN A 305 10.74 12.43 12.68
N ASN A 306 11.40 12.86 11.61
CA ASN A 306 10.82 13.80 10.66
C ASN A 306 9.44 13.35 10.19
N VAL A 307 9.39 12.16 9.58
CA VAL A 307 8.15 11.68 8.95
C VAL A 307 7.11 11.25 9.97
N MET A 308 7.54 10.52 10.99
CA MET A 308 6.61 9.96 11.96
C MET A 308 6.13 10.97 13.00
N ASP A 309 7.01 11.84 13.46
CA ASP A 309 6.66 12.72 14.58
C ASP A 309 6.49 14.17 14.14
N GLU A 310 7.13 14.56 13.04
CA GLU A 310 7.19 15.97 12.65
C GLU A 310 6.36 16.32 11.41
N MET A 311 5.39 15.49 11.06
CA MET A 311 4.57 15.78 9.88
C MET A 311 3.06 15.65 10.12
N PRO A 312 2.53 16.26 11.21
CA PRO A 312 1.09 16.11 11.45
C PRO A 312 0.22 16.74 10.35
N PHE A 313 0.70 17.79 9.72
CA PHE A 313 -0.08 18.46 8.69
C PHE A 313 -0.13 17.71 7.37
N ALA A 314 1.00 17.14 6.97
CA ALA A 314 1.05 16.29 5.80
C ALA A 314 0.10 15.14 6.05
N GLU A 315 0.10 14.65 7.27
CA GLU A 315 -0.80 13.58 7.62
C GLU A 315 -2.28 13.95 7.48
N ARG A 316 -2.62 15.17 7.90
CA ARG A 316 -3.99 15.69 7.72
C ARG A 316 -4.32 15.79 6.23
N CYS A 317 -3.35 16.18 5.41
CA CYS A 317 -3.59 16.30 3.98
C CYS A 317 -3.93 14.96 3.37
N ALA A 318 -3.18 13.92 3.79
CA ALA A 318 -3.43 12.57 3.31
C ALA A 318 -4.81 12.07 3.72
N ARG A 319 -5.16 12.23 5.01
CA ARG A 319 -6.41 11.68 5.50
C ARG A 319 -7.64 12.38 4.93
N GLU A 320 -7.52 13.69 4.74
CA GLU A 320 -8.61 14.47 4.16
C GLU A 320 -8.78 14.12 2.67
N SER A 321 -7.71 13.71 2.00
CA SER A 321 -7.83 13.29 0.59
C SER A 321 -8.61 12.01 0.48
N ILE A 322 -8.34 11.11 1.43
CA ILE A 322 -9.08 9.88 1.57
C ILE A 322 -10.48 10.17 2.06
N ARG A 323 -10.62 11.18 2.92
CA ARG A 323 -11.92 11.60 3.44
C ARG A 323 -12.88 12.16 2.39
N ARG A 324 -12.35 12.99 1.50
CA ARG A 324 -13.11 13.51 0.35
C ARG A 324 -13.34 12.48 -0.78
N ASP A 325 -12.33 11.67 -1.08
CA ASP A 325 -12.42 10.69 -2.17
C ASP A 325 -11.83 9.34 -1.76
N PRO A 326 -12.59 8.56 -0.96
CA PRO A 326 -12.08 7.30 -0.44
C PRO A 326 -11.88 6.28 -1.57
N PRO A 327 -10.70 5.66 -1.60
CA PRO A 327 -10.37 4.69 -2.67
C PRO A 327 -11.25 3.45 -2.62
N LEU A 328 -11.73 3.09 -1.44
CA LEU A 328 -12.68 1.97 -1.30
C LEU A 328 -14.07 2.54 -1.01
N LEU A 329 -14.99 2.37 -1.96
CA LEU A 329 -16.32 3.00 -1.89
C LEU A 329 -17.28 2.30 -0.94
N MET A 330 -17.15 0.98 -0.86
CA MET A 330 -18.11 0.11 -0.15
C MET A 330 -17.44 -1.06 0.58
N LEU A 331 -17.54 -1.07 1.90
CA LEU A 331 -17.03 -2.19 2.71
C LEU A 331 -18.21 -3.11 2.93
N MET A 332 -17.97 -4.41 2.84
CA MET A 332 -19.09 -5.35 2.85
C MET A 332 -18.82 -6.50 3.78
N ARG A 333 -19.90 -7.04 4.33
CA ARG A 333 -19.86 -8.27 5.09
C ARG A 333 -21.09 -9.10 4.73
N LYS A 334 -20.98 -10.42 4.89
CA LYS A 334 -22.17 -11.27 4.82
C LYS A 334 -22.82 -11.28 6.19
N VAL A 335 -24.13 -11.06 6.24
CA VAL A 335 -24.82 -11.17 7.52
C VAL A 335 -25.01 -12.64 7.90
N MET A 336 -24.27 -13.08 8.91
CA MET A 336 -24.28 -14.48 9.34
C MET A 336 -25.42 -14.80 10.33
N ALA A 337 -26.01 -13.76 10.88
CA ALA A 337 -27.08 -13.88 11.87
C ALA A 337 -27.76 -12.52 11.98
N ASP A 338 -29.07 -12.52 12.18
CA ASP A 338 -29.85 -11.28 12.24
C ASP A 338 -29.17 -10.24 13.12
N VAL A 339 -29.06 -9.01 12.65
CA VAL A 339 -28.42 -7.97 13.47
C VAL A 339 -29.26 -6.72 13.52
N LYS A 340 -29.35 -6.18 14.74
CA LYS A 340 -30.12 -4.98 14.99
C LYS A 340 -29.28 -3.78 14.63
N VAL A 341 -29.79 -2.94 13.72
CA VAL A 341 -29.09 -1.72 13.36
C VAL A 341 -30.03 -0.53 13.39
N GLY A 342 -29.78 0.41 14.29
CA GLY A 342 -30.72 1.50 14.50
C GLY A 342 -32.05 0.86 14.87
N SER A 343 -33.12 1.25 14.20
CA SER A 343 -34.42 0.68 14.54
C SER A 343 -34.78 -0.56 13.72
N TYR A 344 -33.81 -1.12 12.98
CA TYR A 344 -34.11 -2.24 12.09
C TYR A 344 -33.39 -3.53 12.44
N VAL A 345 -33.93 -4.64 11.92
CA VAL A 345 -33.22 -5.91 11.90
C VAL A 345 -32.67 -6.16 10.49
N VAL A 346 -31.36 -6.34 10.38
CA VAL A 346 -30.76 -6.78 9.12
C VAL A 346 -30.62 -8.29 9.21
N PRO A 347 -31.31 -9.00 8.32
CA PRO A 347 -31.51 -10.44 8.32
C PRO A 347 -30.32 -11.23 7.82
N LYS A 348 -30.10 -12.40 8.41
CA LYS A 348 -29.15 -13.36 7.90
C LYS A 348 -29.29 -13.41 6.39
N GLY A 349 -28.17 -13.53 5.68
CA GLY A 349 -28.18 -13.69 4.23
C GLY A 349 -28.03 -12.38 3.47
N ASP A 350 -28.38 -11.26 4.09
CA ASP A 350 -28.09 -9.98 3.49
C ASP A 350 -26.58 -9.84 3.30
N ILE A 351 -26.23 -8.99 2.35
CA ILE A 351 -24.92 -8.36 2.40
C ILE A 351 -25.17 -7.04 3.10
N ILE A 352 -24.38 -6.80 4.14
CA ILE A 352 -24.43 -5.51 4.81
C ILE A 352 -23.20 -4.72 4.40
N ALA A 353 -23.38 -3.42 4.20
CA ALA A 353 -22.33 -2.56 3.68
C ALA A 353 -22.27 -1.30 4.47
N CYS A 354 -21.09 -0.71 4.47
CA CYS A 354 -20.91 0.61 5.02
C CYS A 354 -20.03 1.31 4.02
N SER A 355 -20.48 2.47 3.56
CA SER A 355 -19.83 3.15 2.46
C SER A 355 -19.04 4.39 2.86
N PRO A 356 -17.70 4.30 2.79
CA PRO A 356 -16.95 5.52 3.08
C PRO A 356 -17.34 6.69 2.17
N LEU A 357 -17.73 6.41 0.93
CA LEU A 357 -18.13 7.52 0.07
C LEU A 357 -19.39 8.24 0.62
N LEU A 358 -20.38 7.44 0.99
CA LEU A 358 -21.61 7.97 1.59
C LEU A 358 -21.36 8.68 2.92
N SER A 359 -20.77 7.95 3.87
CA SER A 359 -20.51 8.52 5.20
C SER A 359 -19.65 9.79 5.20
N HIS A 360 -18.67 9.87 4.31
CA HIS A 360 -17.75 11.00 4.26
C HIS A 360 -18.37 12.22 3.62
N HIS A 361 -19.60 12.05 3.14
CA HIS A 361 -20.37 13.14 2.54
C HIS A 361 -21.63 13.46 3.30
N ASP A 362 -21.80 12.79 4.44
CA ASP A 362 -22.84 13.18 5.40
C ASP A 362 -22.58 14.61 5.85
N GLU A 363 -23.57 15.48 5.70
CA GLU A 363 -23.32 16.91 5.93
C GLU A 363 -23.27 17.35 7.40
N GLU A 364 -23.81 16.51 8.29
CA GLU A 364 -23.64 16.74 9.71
C GLU A 364 -22.20 16.39 10.13
N ALA A 365 -21.71 15.23 9.67
CA ALA A 365 -20.33 14.80 9.92
C ALA A 365 -19.27 15.69 9.27
N PHE A 366 -19.49 16.04 8.00
CA PHE A 366 -18.50 16.74 7.20
C PHE A 366 -19.15 17.88 6.42
N PRO A 367 -19.34 19.04 7.09
CA PRO A 367 -19.96 20.16 6.37
C PRO A 367 -19.19 20.53 5.11
N GLU A 368 -19.91 20.82 4.03
CA GLU A 368 -19.30 21.16 2.75
C GLU A 368 -18.31 20.06 2.35
N PRO A 369 -18.81 18.84 2.19
CA PRO A 369 -17.98 17.65 2.01
C PRO A 369 -17.12 17.62 0.72
N ARG A 370 -17.51 18.36 -0.33
CA ARG A 370 -16.69 18.41 -1.55
C ARG A 370 -15.51 19.37 -1.41
N ARG A 371 -15.51 20.18 -0.36
CA ARG A 371 -14.35 21.04 -0.13
C ARG A 371 -13.26 20.26 0.59
N TRP A 372 -12.09 20.23 -0.03
CA TRP A 372 -10.93 19.63 0.57
C TRP A 372 -10.39 20.59 1.58
N ASP A 373 -10.43 20.20 2.86
CA ASP A 373 -9.91 21.05 3.95
C ASP A 373 -9.15 20.22 4.99
N PRO A 374 -7.82 20.19 4.90
CA PRO A 374 -7.09 19.33 5.82
C PRO A 374 -7.26 19.72 7.28
N GLU A 375 -7.71 20.94 7.54
CA GLU A 375 -7.89 21.39 8.92
C GLU A 375 -9.19 20.88 9.56
N ARG A 376 -10.11 20.34 8.77
CA ARG A 376 -11.40 19.90 9.34
C ARG A 376 -11.17 18.72 10.27
N ASP A 377 -12.12 18.49 11.17
CA ASP A 377 -12.22 17.26 11.93
C ASP A 377 -13.63 16.77 11.73
N GLU A 378 -13.83 15.46 11.86
CA GLU A 378 -15.15 14.89 11.80
C GLU A 378 -16.01 15.52 12.88
N LYS A 379 -17.30 15.70 12.60
CA LYS A 379 -18.22 16.28 13.57
C LYS A 379 -19.19 15.24 14.12
N VAL A 380 -19.09 14.03 13.60
CA VAL A 380 -19.69 12.87 14.25
C VAL A 380 -18.54 11.91 14.53
N GLU A 381 -18.40 11.51 15.78
CA GLU A 381 -17.31 10.64 16.19
C GLU A 381 -17.36 9.30 15.42
N GLY A 382 -16.24 8.90 14.81
CA GLY A 382 -16.23 7.64 14.04
C GLY A 382 -16.73 7.74 12.60
N ALA A 383 -17.11 8.94 12.16
CA ALA A 383 -17.65 9.08 10.79
C ALA A 383 -16.59 8.88 9.69
N PHE A 384 -15.35 9.25 9.99
CA PHE A 384 -14.26 8.95 9.07
C PHE A 384 -13.92 7.46 9.12
N ILE A 385 -14.07 6.79 8.00
CA ILE A 385 -13.87 5.35 7.94
C ILE A 385 -12.97 5.01 6.74
N GLY A 386 -12.09 5.94 6.41
CA GLY A 386 -11.19 5.79 5.30
C GLY A 386 -10.31 4.55 5.42
N PHE A 387 -9.95 4.19 6.64
CA PHE A 387 -9.12 3.00 6.87
C PHE A 387 -9.91 1.92 7.58
N GLY A 388 -11.23 1.99 7.48
CA GLY A 388 -12.09 1.02 8.19
C GLY A 388 -12.03 1.21 9.70
N ALA A 389 -12.49 0.21 10.44
CA ALA A 389 -12.50 0.29 11.90
C ALA A 389 -12.80 -1.07 12.48
N GLY A 390 -12.60 -1.20 13.79
CA GLY A 390 -13.02 -2.39 14.50
C GLY A 390 -12.31 -3.65 14.08
N VAL A 391 -13.08 -4.73 13.92
CA VAL A 391 -12.55 -6.05 13.68
C VAL A 391 -11.60 -6.13 12.47
N HIS A 392 -11.95 -5.44 11.38
CA HIS A 392 -11.16 -5.52 10.15
C HIS A 392 -10.54 -4.21 9.79
N LYS A 393 -10.13 -3.46 10.78
CA LYS A 393 -9.46 -2.18 10.51
C LYS A 393 -8.16 -2.44 9.77
N CYS A 394 -7.73 -1.43 9.00
CA CYS A 394 -6.56 -1.55 8.17
C CYS A 394 -5.30 -1.79 8.99
N ILE A 395 -4.53 -2.81 8.65
CA ILE A 395 -3.23 -2.98 9.30
C ILE A 395 -2.11 -2.28 8.53
N GLY A 396 -2.39 -1.84 7.30
CA GLY A 396 -1.36 -1.14 6.55
C GLY A 396 -1.38 0.38 6.63
N GLN A 397 -2.33 0.94 7.37
CA GLN A 397 -2.51 2.40 7.40
C GLN A 397 -1.20 3.18 7.71
N LYS A 398 -0.48 2.78 8.74
CA LYS A 398 0.75 3.46 9.10
C LYS A 398 1.84 3.40 8.04
N PHE A 399 2.01 2.23 7.43
CA PHE A 399 2.99 2.09 6.36
C PHE A 399 2.57 2.85 5.11
N GLY A 400 1.30 2.74 4.74
CA GLY A 400 0.77 3.53 3.60
C GLY A 400 1.02 5.03 3.78
N LEU A 401 0.71 5.56 4.95
CA LEU A 401 0.89 7.01 5.22
C LEU A 401 2.38 7.39 5.30
N LEU A 402 3.21 6.47 5.79
CA LEU A 402 4.66 6.73 5.81
C LEU A 402 5.17 7.00 4.39
N GLN A 403 4.72 6.15 3.44
CA GLN A 403 5.10 6.37 2.06
C GLN A 403 4.50 7.67 1.52
N VAL A 404 3.20 7.89 1.76
CA VAL A 404 2.57 9.11 1.22
C VAL A 404 3.33 10.35 1.74
N LYS A 405 3.56 10.38 3.05
CA LYS A 405 4.18 11.56 3.68
C LYS A 405 5.61 11.76 3.24
N THR A 406 6.36 10.67 3.12
CA THR A 406 7.73 10.77 2.65
C THR A 406 7.77 11.32 1.22
N ILE A 407 6.87 10.83 0.37
CA ILE A 407 6.82 11.31 -1.01
C ILE A 407 6.43 12.79 -1.03
N LEU A 408 5.46 13.19 -0.21
CA LEU A 408 5.03 14.60 -0.19
C LEU A 408 6.18 15.55 0.20
N ALA A 409 6.91 15.19 1.26
CA ALA A 409 8.03 15.99 1.74
C ALA A 409 9.16 16.05 0.73
N THR A 410 9.39 14.94 0.03
CA THR A 410 10.52 14.88 -0.89
C THR A 410 10.18 15.62 -2.18
N ALA A 411 8.94 15.45 -2.65
CA ALA A 411 8.49 16.08 -3.90
C ALA A 411 8.38 17.60 -3.75
N PHE A 412 7.70 18.04 -2.68
CA PHE A 412 7.49 19.48 -2.48
C PHE A 412 8.71 20.25 -1.98
N ARG A 413 9.74 19.55 -1.52
CA ARG A 413 10.99 20.23 -1.18
C ARG A 413 11.68 20.71 -2.46
N SER A 414 11.60 19.91 -3.52
CA SER A 414 12.39 20.22 -4.71
C SER A 414 11.59 20.69 -5.92
N TYR A 415 10.26 20.56 -5.86
CA TYR A 415 9.45 20.89 -7.03
C TYR A 415 8.20 21.66 -6.66
N ASP A 416 7.73 22.46 -7.61
CA ASP A 416 6.36 22.91 -7.59
C ASP A 416 5.67 22.20 -8.72
N PHE A 417 4.35 22.25 -8.69
CA PHE A 417 3.55 21.61 -9.72
C PHE A 417 2.42 22.56 -10.06
N GLN A 418 1.99 22.49 -11.31
CA GLN A 418 0.82 23.23 -11.73
C GLN A 418 -0.18 22.28 -12.42
N LEU A 419 -1.42 22.24 -11.92
CA LEU A 419 -2.52 21.55 -12.60
C LEU A 419 -2.73 22.08 -14.01
N LEU A 420 -3.14 21.23 -14.94
CA LEU A 420 -3.37 21.67 -16.31
C LEU A 420 -4.87 21.72 -16.64
N ARG A 421 -5.65 22.12 -15.64
CA ARG A 421 -7.09 22.35 -15.78
C ARG A 421 -7.52 23.18 -14.59
N ASP A 422 -8.73 23.73 -14.65
CA ASP A 422 -9.20 24.67 -13.63
C ASP A 422 -9.39 24.01 -12.27
N GLU A 423 -9.92 22.79 -12.27
CA GLU A 423 -10.33 22.10 -11.05
C GLU A 423 -9.57 20.80 -10.89
N VAL A 424 -9.48 20.30 -9.66
CA VAL A 424 -8.88 18.99 -9.44
C VAL A 424 -9.71 17.96 -10.23
N PRO A 425 -9.09 16.82 -10.61
CA PRO A 425 -9.82 15.82 -11.39
C PRO A 425 -11.07 15.29 -10.70
N ASP A 426 -12.05 14.86 -11.50
CA ASP A 426 -13.18 14.09 -11.00
C ASP A 426 -12.68 12.71 -10.64
N PRO A 427 -13.22 12.14 -9.56
CA PRO A 427 -12.99 10.72 -9.27
C PRO A 427 -13.51 9.86 -10.41
N ASP A 428 -12.86 8.73 -10.64
CA ASP A 428 -13.35 7.78 -11.64
C ASP A 428 -13.83 6.53 -10.92
N TYR A 429 -15.15 6.40 -10.81
CA TYR A 429 -15.78 5.33 -10.05
C TYR A 429 -15.85 3.96 -10.73
N HIS A 430 -15.28 3.82 -11.92
CA HIS A 430 -15.41 2.57 -12.66
C HIS A 430 -14.47 1.48 -12.21
N THR A 431 -13.46 1.82 -11.40
CA THR A 431 -12.47 0.82 -10.97
C THR A 431 -12.75 0.26 -9.56
N MET A 432 -12.18 -0.91 -9.24
CA MET A 432 -12.27 -1.54 -7.93
C MET A 432 -11.77 -0.61 -6.82
N VAL A 433 -10.60 -0.02 -7.04
CA VAL A 433 -10.02 0.95 -6.13
C VAL A 433 -10.07 2.28 -6.88
N VAL A 434 -10.78 3.25 -6.30
CA VAL A 434 -11.14 4.48 -6.99
C VAL A 434 -10.12 5.58 -6.73
N GLY A 435 -9.67 6.20 -7.81
CA GLY A 435 -8.73 7.30 -7.74
C GLY A 435 -9.21 8.39 -8.67
N PRO A 436 -8.42 9.46 -8.81
CA PRO A 436 -8.74 10.55 -9.75
C PRO A 436 -8.71 10.04 -11.20
N THR A 437 -9.54 10.64 -12.05
CA THR A 437 -9.57 10.27 -13.47
C THR A 437 -8.20 10.44 -14.11
N ALA A 438 -7.65 9.33 -14.61
CA ALA A 438 -6.24 9.26 -15.01
C ALA A 438 -5.87 10.23 -16.11
N SER A 439 -6.78 10.39 -17.08
CA SER A 439 -6.55 11.26 -18.22
C SER A 439 -6.61 12.74 -17.81
N GLN A 440 -7.13 12.99 -16.60
CA GLN A 440 -7.17 14.35 -16.08
C GLN A 440 -6.01 14.64 -15.12
N CYS A 441 -5.06 13.72 -15.05
CA CYS A 441 -3.96 13.85 -14.09
C CYS A 441 -2.64 14.34 -14.67
N ARG A 442 -2.65 14.85 -15.90
CA ARG A 442 -1.43 15.46 -16.43
C ARG A 442 -1.13 16.78 -15.71
N VAL A 443 0.08 16.91 -15.20
CA VAL A 443 0.50 18.14 -14.53
C VAL A 443 1.87 18.61 -15.00
N LYS A 444 2.20 19.87 -14.71
CA LYS A 444 3.53 20.41 -14.98
C LYS A 444 4.37 20.45 -13.71
N TYR A 445 5.51 19.77 -13.71
CA TYR A 445 6.48 19.95 -12.62
C TYR A 445 7.41 21.08 -12.95
N ILE A 446 7.82 21.79 -11.92
CA ILE A 446 8.72 22.92 -12.07
C ILE A 446 9.77 22.76 -10.99
N ARG A 447 11.01 22.57 -11.42
CA ARG A 447 12.14 22.45 -10.50
C ARG A 447 12.29 23.75 -9.72
N ARG A 448 12.50 23.64 -8.41
CA ARG A 448 12.64 24.84 -7.59
C ARG A 448 14.07 25.40 -7.64
N GLY B 1 -54.95 -15.02 72.98
CA GLY B 1 -54.55 -13.73 73.64
C GLY B 1 -55.59 -12.64 73.53
N LYS B 2 -55.15 -11.39 73.61
CA LYS B 2 -56.03 -10.22 73.68
C LYS B 2 -55.98 -9.40 72.39
N LEU B 3 -57.09 -9.31 71.67
CA LEU B 3 -57.15 -8.52 70.43
C LEU B 3 -56.92 -7.05 70.75
N PRO B 4 -56.32 -6.30 69.81
CA PRO B 4 -56.23 -4.84 69.95
C PRO B 4 -57.61 -4.22 69.81
N PRO B 5 -57.79 -2.98 70.31
CA PRO B 5 -59.10 -2.34 70.17
C PRO B 5 -59.43 -2.05 68.70
N VAL B 6 -60.72 -2.07 68.38
CA VAL B 6 -61.22 -1.90 67.02
C VAL B 6 -61.88 -0.52 66.90
N TYR B 7 -61.45 0.29 65.94
CA TYR B 7 -62.11 1.56 65.74
C TYR B 7 -63.50 1.28 65.15
N PRO B 8 -64.55 1.89 65.70
CA PRO B 8 -65.88 1.57 65.20
C PRO B 8 -66.01 1.83 63.70
N VAL B 9 -66.66 0.91 62.99
CA VAL B 9 -66.97 1.07 61.56
C VAL B 9 -68.30 1.77 61.43
N THR B 10 -68.34 2.90 60.75
CA THR B 10 -69.62 3.58 60.53
C THR B 10 -70.17 3.34 59.13
N VAL B 11 -69.31 3.44 58.11
CA VAL B 11 -69.71 3.20 56.72
C VAL B 11 -69.44 1.75 56.34
N PRO B 12 -70.50 0.92 56.20
CA PRO B 12 -70.27 -0.49 55.89
C PRO B 12 -69.63 -0.71 54.52
N ILE B 13 -69.01 -1.87 54.34
CA ILE B 13 -68.37 -2.26 53.08
C ILE B 13 -67.03 -1.53 52.83
N LEU B 14 -67.06 -0.21 52.86
CA LEU B 14 -65.85 0.60 52.68
C LEU B 14 -65.01 0.63 53.95
N GLY B 15 -65.70 0.57 55.08
CA GLY B 15 -65.08 0.80 56.38
C GLY B 15 -64.52 2.21 56.46
N HIS B 16 -63.21 2.30 56.69
CA HIS B 16 -62.57 3.56 57.04
C HIS B 16 -61.78 4.19 55.92
N ILE B 17 -61.78 3.56 54.74
CA ILE B 17 -60.91 4.02 53.65
C ILE B 17 -61.11 5.48 53.25
N ILE B 18 -62.37 5.96 53.26
CA ILE B 18 -62.69 7.34 52.89
C ILE B 18 -62.09 8.39 53.86
N GLN B 19 -62.44 8.28 55.14
CA GLN B 19 -61.92 9.17 56.18
C GLN B 19 -60.39 9.21 56.17
N PHE B 20 -59.79 8.03 56.02
CA PHE B 20 -58.34 7.92 55.91
C PHE B 20 -57.83 8.73 54.72
N GLY B 21 -58.47 8.58 53.57
CA GLY B 21 -58.11 9.33 52.37
C GLY B 21 -58.11 10.84 52.52
N LYS B 22 -59.10 11.36 53.23
CA LYS B 22 -59.21 12.83 53.42
C LYS B 22 -58.10 13.43 54.28
N SER B 23 -57.85 12.83 55.44
CA SER B 23 -56.69 13.18 56.25
C SER B 23 -56.12 11.91 56.86
N PRO B 24 -55.10 11.31 56.22
CA PRO B 24 -54.50 10.06 56.73
C PRO B 24 -53.94 10.20 58.14
N LEU B 25 -53.25 11.31 58.40
CA LEU B 25 -52.66 11.59 59.70
C LEU B 25 -53.69 11.90 60.78
N GLY B 26 -54.57 12.87 60.49
CA GLY B 26 -55.66 13.22 61.41
C GLY B 26 -56.45 11.99 61.81
N PHE B 27 -56.82 11.19 60.82
CA PHE B 27 -57.61 9.99 61.07
C PHE B 27 -56.89 9.04 61.99
N MET B 28 -55.66 8.67 61.65
CA MET B 28 -54.92 7.75 62.51
C MET B 28 -54.73 8.35 63.90
N GLN B 29 -54.44 9.64 63.97
CA GLN B 29 -54.30 10.28 65.28
C GLN B 29 -55.60 10.22 66.08
N GLU B 30 -56.73 10.45 65.43
CA GLU B 30 -58.03 10.37 66.09
C GLU B 30 -58.31 8.97 66.65
N CYS B 31 -57.96 7.93 65.89
CA CYS B 31 -58.14 6.55 66.34
C CYS B 31 -57.31 6.29 67.58
N LYS B 32 -56.06 6.75 67.54
CA LYS B 32 -55.10 6.53 68.62
C LYS B 32 -55.55 7.25 69.89
N ARG B 33 -55.92 8.52 69.72
CA ARG B 33 -56.50 9.33 70.77
C ARG B 33 -57.75 8.63 71.34
N GLN B 34 -58.78 8.48 70.51
CA GLN B 34 -60.05 7.89 70.95
C GLN B 34 -59.93 6.53 71.63
N LEU B 35 -59.14 5.63 71.08
CA LEU B 35 -59.07 4.27 71.62
C LEU B 35 -58.10 4.17 72.80
N LYS B 36 -57.43 5.30 73.09
CA LYS B 36 -56.44 5.38 74.17
C LYS B 36 -55.37 4.32 74.01
N SER B 37 -54.81 4.24 72.79
CA SER B 37 -53.90 3.14 72.44
C SER B 37 -53.14 3.39 71.13
N GLY B 38 -51.86 3.03 71.13
CA GLY B 38 -51.03 3.16 69.91
C GLY B 38 -51.20 1.98 68.97
N ILE B 39 -51.61 0.85 69.51
CA ILE B 39 -51.85 -0.36 68.72
C ILE B 39 -53.36 -0.55 68.56
N PHE B 40 -53.82 -0.48 67.31
CA PHE B 40 -55.27 -0.49 67.05
C PHE B 40 -55.62 -0.97 65.64
N THR B 41 -56.90 -1.25 65.42
CA THR B 41 -57.34 -1.91 64.22
C THR B 41 -58.43 -1.12 63.51
N ILE B 42 -58.17 -0.79 62.24
CA ILE B 42 -59.15 -0.15 61.39
C ILE B 42 -59.68 -1.13 60.34
N ASN B 43 -60.64 -0.67 59.54
CA ASN B 43 -61.26 -1.56 58.58
C ASN B 43 -61.22 -0.99 57.17
N ILE B 44 -60.46 -1.64 56.31
CA ILE B 44 -60.26 -1.14 54.95
C ILE B 44 -60.95 -2.07 53.97
N VAL B 45 -62.10 -1.63 53.46
CA VAL B 45 -62.92 -2.41 52.53
C VAL B 45 -63.19 -3.81 53.09
N GLY B 46 -63.55 -3.86 54.37
CA GLY B 46 -63.83 -5.14 55.02
C GLY B 46 -62.63 -5.93 55.49
N LYS B 47 -61.42 -5.40 55.34
CA LYS B 47 -60.22 -6.13 55.80
C LYS B 47 -59.64 -5.52 57.07
N ARG B 48 -59.36 -6.34 58.06
CA ARG B 48 -58.76 -5.85 59.31
C ARG B 48 -57.35 -5.35 59.05
N VAL B 49 -57.09 -4.10 59.43
CA VAL B 49 -55.74 -3.56 59.39
C VAL B 49 -55.30 -3.09 60.77
N THR B 50 -54.34 -3.81 61.35
CA THR B 50 -53.83 -3.46 62.67
C THR B 50 -52.57 -2.60 62.56
N ILE B 51 -52.66 -1.39 63.11
CA ILE B 51 -51.60 -0.42 63.03
C ILE B 51 -50.77 -0.43 64.31
N VAL B 52 -49.46 -0.60 64.13
CA VAL B 52 -48.50 -0.52 65.23
C VAL B 52 -48.09 0.95 65.34
N GLY B 53 -48.98 1.76 65.93
CA GLY B 53 -48.76 3.19 66.09
C GLY B 53 -48.11 3.63 67.40
N ASP B 54 -47.47 2.69 68.10
CA ASP B 54 -46.64 3.01 69.25
C ASP B 54 -45.19 2.75 68.88
N PRO B 55 -44.39 3.82 68.75
CA PRO B 55 -42.99 3.73 68.35
C PRO B 55 -42.19 2.77 69.23
N HIS B 56 -42.60 2.62 70.48
CA HIS B 56 -41.93 1.70 71.41
C HIS B 56 -42.05 0.27 70.98
N GLU B 57 -43.05 -0.02 70.16
CA GLU B 57 -43.31 -1.37 69.71
C GLU B 57 -42.92 -1.60 68.23
N HIS B 58 -42.19 -0.67 67.62
CA HIS B 58 -41.80 -0.81 66.22
C HIS B 58 -41.13 -2.12 65.92
N SER B 59 -40.36 -2.64 66.86
CA SER B 59 -39.57 -3.84 66.61
C SER B 59 -40.43 -5.09 66.38
N ARG B 60 -41.64 -5.07 66.92
CA ARG B 60 -42.58 -6.18 66.77
C ARG B 60 -43.12 -6.26 65.36
N PHE B 61 -42.99 -5.17 64.62
CA PHE B 61 -43.37 -5.13 63.19
C PHE B 61 -42.19 -5.43 62.28
N PHE B 62 -41.05 -4.80 62.56
CA PHE B 62 -39.90 -4.87 61.66
C PHE B 62 -39.04 -6.12 61.78
N LEU B 63 -39.03 -6.75 62.95
CA LEU B 63 -38.08 -7.85 63.23
C LEU B 63 -38.55 -9.27 62.90
N PRO B 64 -39.86 -9.56 63.03
CA PRO B 64 -40.28 -10.92 62.71
C PRO B 64 -39.95 -11.29 61.27
N ARG B 65 -39.63 -12.56 61.05
CA ARG B 65 -39.20 -13.06 59.74
C ARG B 65 -40.32 -13.12 58.68
N ASN B 66 -39.92 -13.26 57.42
CA ASN B 66 -40.87 -13.32 56.31
C ASN B 66 -42.02 -14.29 56.52
N GLU B 67 -41.72 -15.41 57.16
CA GLU B 67 -42.69 -16.51 57.32
C GLU B 67 -43.81 -16.15 58.31
N VAL B 68 -43.54 -15.20 59.19
CA VAL B 68 -44.52 -14.73 60.15
C VAL B 68 -45.24 -13.49 59.62
N LEU B 69 -44.48 -12.47 59.24
CA LEU B 69 -45.04 -11.22 58.68
C LEU B 69 -44.54 -11.03 57.27
N SER B 70 -45.41 -11.24 56.30
CA SER B 70 -45.02 -11.38 54.90
C SER B 70 -45.55 -10.25 54.01
N PRO B 71 -44.64 -9.57 53.29
CA PRO B 71 -45.05 -8.49 52.41
C PRO B 71 -45.51 -8.96 51.03
N ARG B 72 -45.30 -10.24 50.71
CA ARG B 72 -45.61 -10.76 49.38
C ARG B 72 -47.04 -10.43 48.90
N GLU B 73 -48.03 -10.71 49.74
CA GLU B 73 -49.43 -10.51 49.38
C GLU B 73 -49.77 -9.04 49.21
N VAL B 74 -49.13 -8.16 49.97
CA VAL B 74 -49.30 -6.71 49.79
C VAL B 74 -48.76 -6.26 48.42
N TYR B 75 -47.78 -6.96 47.87
CA TYR B 75 -47.15 -6.53 46.59
C TYR B 75 -47.71 -7.22 45.34
N SER B 76 -48.78 -7.97 45.54
CA SER B 76 -49.51 -8.59 44.44
C SER B 76 -49.82 -7.61 43.32
N PHE B 77 -50.24 -6.40 43.66
CA PHE B 77 -50.66 -5.46 42.63
C PHE B 77 -49.50 -4.98 41.75
N MET B 78 -48.28 -5.24 42.19
CA MET B 78 -47.07 -4.83 41.45
C MET B 78 -46.40 -5.95 40.65
N VAL B 79 -47.01 -7.14 40.64
CA VAL B 79 -46.42 -8.26 39.90
C VAL B 79 -46.28 -7.92 38.41
N PRO B 80 -47.23 -7.17 37.84
CA PRO B 80 -47.06 -6.81 36.43
C PRO B 80 -45.85 -5.90 36.17
N VAL B 81 -45.31 -5.31 37.23
CA VAL B 81 -44.09 -4.51 37.15
C VAL B 81 -42.85 -5.37 37.41
N PHE B 82 -42.85 -6.09 38.53
CA PHE B 82 -41.70 -6.92 38.91
C PHE B 82 -41.53 -8.12 37.99
N GLY B 83 -42.65 -8.75 37.63
CA GLY B 83 -42.68 -10.01 36.88
C GLY B 83 -42.80 -11.17 37.86
N GLU B 84 -43.23 -12.33 37.37
CA GLU B 84 -43.30 -13.56 38.18
C GLU B 84 -41.91 -13.97 38.60
N GLY B 85 -41.74 -14.39 39.86
CA GLY B 85 -40.47 -14.89 40.35
C GLY B 85 -39.45 -13.80 40.63
N VAL B 86 -39.93 -12.57 40.70
CA VAL B 86 -39.06 -11.46 41.00
C VAL B 86 -39.56 -10.78 42.25
N ALA B 87 -38.61 -10.48 43.14
CA ALA B 87 -38.86 -9.70 44.34
C ALA B 87 -39.90 -10.42 45.19
N TYR B 88 -40.96 -9.71 45.53
CA TYR B 88 -41.97 -10.26 46.42
C TYR B 88 -42.73 -11.42 45.82
N ALA B 89 -42.66 -11.57 44.51
CA ALA B 89 -43.35 -12.67 43.83
C ALA B 89 -42.57 -14.00 43.94
N ALA B 90 -41.27 -13.92 44.24
CA ALA B 90 -40.43 -15.10 44.39
C ALA B 90 -40.46 -15.62 45.82
N PRO B 91 -40.13 -16.92 46.02
CA PRO B 91 -39.90 -17.45 47.36
C PRO B 91 -38.92 -16.55 48.12
N TYR B 92 -39.17 -16.35 49.41
CA TYR B 92 -38.36 -15.42 50.20
C TYR B 92 -36.84 -15.67 50.16
N PRO B 93 -36.39 -16.93 50.20
CA PRO B 93 -34.94 -17.18 50.04
C PRO B 93 -34.40 -16.68 48.69
N ARG B 94 -35.18 -16.85 47.64
CA ARG B 94 -34.81 -16.40 46.32
C ARG B 94 -34.86 -14.86 46.31
N MET B 95 -35.90 -14.27 46.88
CA MET B 95 -35.95 -12.81 46.97
C MET B 95 -34.69 -12.27 47.66
N ARG B 96 -34.35 -12.86 48.80
CA ARG B 96 -33.18 -12.43 49.56
C ARG B 96 -31.91 -12.44 48.73
N GLU B 97 -31.72 -13.48 47.90
CA GLU B 97 -30.56 -13.48 47.01
C GLU B 97 -30.61 -12.32 46.02
N GLN B 98 -31.80 -12.09 45.44
CA GLN B 98 -31.97 -10.99 44.48
C GLN B 98 -31.64 -9.62 45.11
N LEU B 99 -32.15 -9.38 46.31
CA LEU B 99 -31.81 -8.18 47.09
C LEU B 99 -30.33 -8.04 47.35
N ASN B 100 -29.67 -9.14 47.70
CA ASN B 100 -28.21 -9.10 47.93
C ASN B 100 -27.44 -8.67 46.69
N PHE B 101 -27.84 -9.17 45.52
CA PHE B 101 -27.21 -8.83 44.26
C PHE B 101 -27.40 -7.35 43.94
N LEU B 102 -28.61 -6.86 44.19
CA LEU B 102 -28.89 -5.45 43.98
C LEU B 102 -28.08 -4.58 44.92
N ALA B 103 -28.07 -4.95 46.21
CA ALA B 103 -27.22 -4.26 47.20
C ALA B 103 -25.75 -4.23 46.76
N GLU B 104 -25.27 -5.33 46.17
CA GLU B 104 -23.88 -5.36 45.69
C GLU B 104 -23.64 -4.33 44.59
N GLU B 105 -24.69 -4.00 43.84
CA GLU B 105 -24.55 -3.05 42.74
C GLU B 105 -24.58 -1.61 43.23
N LEU B 106 -24.94 -1.42 44.50
CA LEU B 106 -25.05 -0.08 45.08
C LEU B 106 -24.06 0.15 46.21
N THR B 107 -23.00 -0.64 46.29
CA THR B 107 -22.06 -0.48 47.40
C THR B 107 -21.26 0.80 47.31
N ILE B 108 -20.85 1.24 48.48
CA ILE B 108 -20.06 2.44 48.69
C ILE B 108 -18.80 2.51 47.84
N ALA B 109 -18.22 1.36 47.53
CA ALA B 109 -17.02 1.28 46.69
C ALA B 109 -17.20 1.99 45.34
N LYS B 110 -18.40 1.93 44.79
CA LYS B 110 -18.70 2.53 43.48
C LYS B 110 -18.92 4.04 43.57
N PHE B 111 -19.10 4.53 44.79
CA PHE B 111 -19.45 5.94 44.97
C PHE B 111 -18.27 6.84 44.62
N GLN B 112 -17.06 6.27 44.55
CA GLN B 112 -15.87 7.04 44.15
C GLN B 112 -16.13 7.68 42.79
N ASN B 113 -16.70 6.89 41.88
CA ASN B 113 -17.06 7.38 40.56
C ASN B 113 -18.43 8.01 40.55
N PHE B 114 -19.35 7.46 41.34
CA PHE B 114 -20.72 7.96 41.26
C PHE B 114 -20.80 9.45 41.59
N VAL B 115 -20.03 9.90 42.57
CA VAL B 115 -20.21 11.29 43.04
C VAL B 115 -19.92 12.30 41.94
N PRO B 116 -18.75 12.22 41.27
CA PRO B 116 -18.52 13.18 40.20
C PRO B 116 -19.41 13.00 38.98
N ALA B 117 -19.78 11.75 38.70
CA ALA B 117 -20.72 11.45 37.62
C ALA B 117 -22.06 12.11 37.92
N ILE B 118 -22.50 11.99 39.17
CA ILE B 118 -23.74 12.63 39.60
C ILE B 118 -23.68 14.16 39.45
N GLN B 119 -22.63 14.78 40.00
CA GLN B 119 -22.54 16.23 39.96
C GLN B 119 -22.48 16.72 38.53
N HIS B 120 -21.72 15.99 37.71
CA HIS B 120 -21.63 16.30 36.30
C HIS B 120 -23.00 16.36 35.67
N GLU B 121 -23.85 15.36 35.92
CA GLU B 121 -25.22 15.41 35.41
C GLU B 121 -26.02 16.59 35.96
N VAL B 122 -25.87 16.86 37.24
CA VAL B 122 -26.57 17.99 37.86
C VAL B 122 -26.18 19.33 37.21
N ARG B 123 -24.88 19.60 37.13
CA ARG B 123 -24.40 20.85 36.51
C ARG B 123 -24.89 20.97 35.08
N LYS B 124 -24.80 19.87 34.35
CA LYS B 124 -25.28 19.76 32.98
C LYS B 124 -26.75 20.15 32.86
N PHE B 125 -27.54 19.79 33.87
CA PHE B 125 -28.95 20.15 33.87
C PHE B 125 -29.14 21.63 34.24
N MET B 126 -28.39 22.11 35.22
CA MET B 126 -28.54 23.49 35.65
C MET B 126 -28.12 24.46 34.56
N ALA B 127 -27.05 24.14 33.86
CA ALA B 127 -26.55 24.98 32.79
C ALA B 127 -27.60 25.08 31.69
N ALA B 128 -28.16 23.93 31.30
CA ALA B 128 -29.14 23.89 30.22
C ALA B 128 -30.48 24.51 30.59
N ASN B 129 -30.83 24.50 31.88
CA ASN B 129 -32.17 24.89 32.33
C ASN B 129 -32.23 26.03 33.34
N TRP B 130 -31.19 26.18 34.15
CA TRP B 130 -31.12 27.29 35.10
C TRP B 130 -30.02 28.20 34.67
N ASP B 131 -30.12 28.66 33.43
CA ASP B 131 -29.06 29.44 32.78
C ASP B 131 -29.23 30.95 32.92
N LYS B 132 -30.32 31.40 33.53
CA LYS B 132 -30.55 32.83 33.70
C LYS B 132 -29.91 33.37 34.96
N ASP B 133 -30.08 34.68 35.13
CA ASP B 133 -29.73 35.34 36.37
C ASP B 133 -30.84 35.01 37.36
N GLU B 134 -32.05 34.81 36.84
CA GLU B 134 -33.15 34.28 37.64
C GLU B 134 -34.29 33.79 36.77
N GLY B 135 -35.15 32.96 37.34
CA GLY B 135 -36.24 32.32 36.60
C GLY B 135 -37.19 31.53 37.48
N GLU B 136 -38.28 31.08 36.88
CA GLU B 136 -39.31 30.35 37.62
C GLU B 136 -39.37 28.91 37.14
N ILE B 137 -39.30 27.97 38.08
CA ILE B 137 -39.31 26.56 37.74
C ILE B 137 -40.29 25.85 38.63
N ASN B 138 -40.76 24.70 38.15
CA ASN B 138 -41.41 23.76 39.03
C ASN B 138 -40.33 22.90 39.67
N LEU B 139 -40.10 23.09 40.98
CA LEU B 139 -38.97 22.46 41.64
C LEU B 139 -39.12 20.93 41.75
N LEU B 140 -40.37 20.45 41.87
CA LEU B 140 -40.63 19.01 41.82
C LEU B 140 -40.22 18.41 40.47
N GLU B 141 -40.71 18.98 39.37
CA GLU B 141 -40.41 18.42 38.05
C GLU B 141 -38.92 18.42 37.77
N ASP B 142 -38.25 19.48 38.18
CA ASP B 142 -36.84 19.63 37.87
C ASP B 142 -35.97 18.68 38.71
N CYS B 143 -36.37 18.43 39.96
CA CYS B 143 -35.66 17.50 40.81
C CYS B 143 -35.87 16.07 40.29
N SER B 144 -37.07 15.76 39.79
CA SER B 144 -37.34 14.43 39.22
C SER B 144 -36.48 14.20 37.98
N THR B 145 -36.37 15.22 37.14
CA THR B 145 -35.54 15.09 35.95
C THR B 145 -34.08 14.85 36.28
N MET B 146 -33.57 15.59 37.27
CA MET B 146 -32.18 15.44 37.67
C MET B 146 -31.93 14.05 38.22
N ILE B 147 -32.85 13.57 39.06
CA ILE B 147 -32.71 12.24 39.66
C ILE B 147 -32.73 11.15 38.59
N ILE B 148 -33.57 11.32 37.57
CA ILE B 148 -33.55 10.30 36.54
C ILE B 148 -32.22 10.29 35.76
N ASN B 149 -31.70 11.46 35.41
CA ASN B 149 -30.40 11.53 34.75
C ASN B 149 -29.29 11.04 35.67
N THR B 150 -29.35 11.38 36.96
CA THR B 150 -28.23 11.00 37.83
C THR B 150 -28.21 9.48 38.07
N ALA B 151 -29.38 8.90 38.28
CA ALA B 151 -29.44 7.46 38.54
C ALA B 151 -28.99 6.69 37.28
N CYS B 152 -29.49 7.11 36.13
CA CYS B 152 -29.08 6.48 34.86
C CYS B 152 -27.60 6.66 34.58
N GLN B 153 -27.07 7.85 34.87
CA GLN B 153 -25.62 8.03 34.75
C GLN B 153 -24.85 7.00 35.56
N CYS B 154 -25.32 6.70 36.77
CA CYS B 154 -24.59 5.79 37.63
C CYS B 154 -24.77 4.34 37.21
N LEU B 155 -25.99 3.99 36.83
CA LEU B 155 -26.37 2.58 36.80
C LEU B 155 -26.54 2.01 35.40
N PHE B 156 -26.64 2.88 34.39
CA PHE B 156 -26.85 2.43 33.00
C PHE B 156 -25.61 2.70 32.17
N GLY B 157 -25.12 1.70 31.42
CA GLY B 157 -24.05 1.95 30.45
C GLY B 157 -24.48 2.99 29.40
N GLU B 158 -23.51 3.64 28.76
CA GLU B 158 -23.78 4.66 27.75
C GLU B 158 -24.55 4.11 26.55
N ASP B 159 -24.22 2.87 26.17
CA ASP B 159 -24.97 2.18 25.13
C ASP B 159 -26.45 2.08 25.52
N LEU B 160 -26.73 1.67 26.76
CA LEU B 160 -28.12 1.64 27.24
C LEU B 160 -28.78 3.02 27.31
N ARG B 161 -28.06 4.03 27.79
CA ARG B 161 -28.60 5.40 27.85
C ARG B 161 -28.99 5.93 26.44
N LYS B 162 -28.18 5.60 25.43
CA LYS B 162 -28.50 5.90 24.03
C LYS B 162 -29.85 5.30 23.62
N ARG B 163 -30.00 4.00 23.84
CA ARG B 163 -31.25 3.32 23.50
C ARG B 163 -32.41 3.87 24.32
N LEU B 164 -32.13 4.17 25.58
CA LEU B 164 -33.17 4.46 26.57
C LEU B 164 -32.86 5.72 27.37
N ASP B 165 -33.08 6.87 26.75
CA ASP B 165 -32.67 8.14 27.34
C ASP B 165 -33.59 8.57 28.48
N ALA B 166 -33.19 9.60 29.20
CA ALA B 166 -33.94 10.10 30.35
C ALA B 166 -35.41 10.29 30.01
N ARG B 167 -35.69 10.87 28.84
CA ARG B 167 -37.06 11.15 28.46
C ARG B 167 -37.86 9.87 28.25
N ARG B 168 -37.34 8.96 27.45
CA ARG B 168 -38.07 7.71 27.22
C ARG B 168 -38.21 6.90 28.53
N PHE B 169 -37.14 6.87 29.34
CA PHE B 169 -37.17 6.12 30.59
C PHE B 169 -38.22 6.66 31.56
N ALA B 170 -38.29 7.98 31.69
CA ALA B 170 -39.35 8.59 32.50
C ALA B 170 -40.75 8.25 31.96
N GLN B 171 -40.93 8.22 30.64
CA GLN B 171 -42.21 7.83 30.05
C GLN B 171 -42.60 6.39 30.40
N LEU B 172 -41.65 5.47 30.24
CA LEU B 172 -41.90 4.06 30.56
C LEU B 172 -42.26 3.90 32.03
N LEU B 173 -41.48 4.51 32.92
CA LEU B 173 -41.81 4.48 34.35
C LEU B 173 -43.16 5.10 34.68
N ALA B 174 -43.47 6.24 34.08
CA ALA B 174 -44.78 6.85 34.29
C ALA B 174 -45.92 5.98 33.75
N LYS B 175 -45.66 5.27 32.64
CA LYS B 175 -46.63 4.33 32.12
C LYS B 175 -46.93 3.21 33.12
N MET B 176 -45.89 2.60 33.68
CA MET B 176 -46.11 1.56 34.67
C MET B 176 -46.82 2.14 35.88
N GLU B 177 -46.23 3.19 36.42
CA GLU B 177 -46.75 3.83 37.62
C GLU B 177 -48.23 4.20 37.50
N SER B 178 -48.61 4.82 36.38
CA SER B 178 -49.99 5.31 36.25
C SER B 178 -50.99 4.18 36.08
N SER B 179 -50.51 2.99 35.80
CA SER B 179 -51.41 1.86 35.57
C SER B 179 -51.58 0.97 36.83
N LEU B 180 -50.86 1.29 37.90
CA LEU B 180 -50.98 0.50 39.12
C LEU B 180 -52.20 0.89 39.95
N ILE B 181 -52.84 -0.09 40.57
CA ILE B 181 -53.95 0.15 41.49
C ILE B 181 -53.65 -0.44 42.89
N PRO B 182 -53.07 0.39 43.78
CA PRO B 182 -52.76 -0.03 45.16
C PRO B 182 -53.99 -0.54 45.94
N ALA B 183 -55.17 -0.09 45.54
CA ALA B 183 -56.43 -0.60 46.11
C ALA B 183 -56.60 -2.12 45.99
N ALA B 184 -56.03 -2.72 44.94
CA ALA B 184 -56.08 -4.17 44.77
C ALA B 184 -55.60 -4.93 46.01
N VAL B 185 -54.77 -4.30 46.85
CA VAL B 185 -54.32 -4.94 48.09
C VAL B 185 -55.54 -5.33 48.92
N PHE B 186 -56.57 -4.50 48.88
CA PHE B 186 -57.78 -4.69 49.68
C PHE B 186 -58.98 -5.14 48.85
N LEU B 187 -58.84 -5.09 47.53
CA LEU B 187 -59.87 -5.61 46.64
C LEU B 187 -59.25 -6.58 45.63
N PRO B 188 -58.75 -7.74 46.11
CA PRO B 188 -57.95 -8.65 45.27
C PRO B 188 -58.63 -9.13 43.99
N ILE B 189 -59.96 -8.99 43.92
CA ILE B 189 -60.65 -9.32 42.68
C ILE B 189 -60.00 -8.59 41.49
N LEU B 190 -59.45 -7.40 41.75
CA LEU B 190 -58.83 -6.58 40.71
C LEU B 190 -57.68 -7.27 39.99
N LEU B 191 -56.94 -8.11 40.68
CA LEU B 191 -55.82 -8.79 40.05
C LEU B 191 -56.24 -9.96 39.18
N LYS B 192 -57.53 -10.26 39.17
CA LYS B 192 -58.03 -11.33 38.31
C LYS B 192 -58.91 -10.83 37.17
N LEU B 193 -59.31 -9.57 37.25
CA LEU B 193 -60.12 -8.98 36.20
C LEU B 193 -59.29 -8.54 34.98
N PRO B 194 -59.93 -8.46 33.80
CA PRO B 194 -59.24 -7.84 32.68
C PRO B 194 -59.24 -6.32 32.89
N LEU B 195 -58.05 -5.74 32.94
CA LEU B 195 -57.94 -4.30 33.12
C LEU B 195 -56.97 -3.77 32.10
N PRO B 196 -57.34 -2.67 31.44
CA PRO B 196 -56.38 -2.06 30.53
C PRO B 196 -55.12 -1.66 31.28
N GLN B 197 -55.27 -1.23 32.54
CA GLN B 197 -54.10 -0.93 33.37
C GLN B 197 -53.08 -2.06 33.39
N SER B 198 -53.57 -3.29 33.48
CA SER B 198 -52.71 -4.47 33.52
C SER B 198 -51.98 -4.64 32.21
N ALA B 199 -52.71 -4.53 31.11
CA ALA B 199 -52.12 -4.64 29.78
C ALA B 199 -51.05 -3.56 29.60
N ARG B 200 -51.36 -2.33 29.98
CA ARG B 200 -50.42 -1.21 29.83
C ARG B 200 -49.13 -1.48 30.56
N CYS B 201 -49.28 -1.97 31.78
CA CYS B 201 -48.16 -2.35 32.60
C CYS B 201 -47.30 -3.45 31.95
N HIS B 202 -47.93 -4.48 31.40
CA HIS B 202 -47.21 -5.52 30.66
C HIS B 202 -46.47 -4.94 29.48
N GLU B 203 -47.13 -4.06 28.74
CA GLU B 203 -46.55 -3.43 27.57
C GLU B 203 -45.29 -2.64 27.91
N ALA B 204 -45.36 -1.86 28.99
CA ALA B 204 -44.21 -1.04 29.38
C ALA B 204 -43.03 -1.93 29.79
N ARG B 205 -43.32 -3.00 30.52
CA ARG B 205 -42.29 -3.92 30.99
C ARG B 205 -41.65 -4.65 29.81
N THR B 206 -42.46 -5.01 28.84
CA THR B 206 -42.00 -5.72 27.64
C THR B 206 -41.08 -4.83 26.80
N GLU B 207 -41.48 -3.56 26.63
CA GLU B 207 -40.66 -2.64 25.84
C GLU B 207 -39.32 -2.43 26.52
N LEU B 208 -39.34 -2.35 27.85
CA LEU B 208 -38.08 -2.24 28.57
C LEU B 208 -37.22 -3.49 28.38
N GLN B 209 -37.81 -4.66 28.58
CA GLN B 209 -37.07 -5.90 28.38
C GLN B 209 -36.54 -6.06 26.94
N LYS B 210 -37.30 -5.61 25.97
CA LYS B 210 -36.87 -5.66 24.56
C LYS B 210 -35.58 -4.86 24.41
N ILE B 211 -35.59 -3.64 24.96
CA ILE B 211 -34.43 -2.78 24.94
C ILE B 211 -33.23 -3.43 25.63
N LEU B 212 -33.45 -3.98 26.82
CA LEU B 212 -32.34 -4.61 27.51
C LEU B 212 -31.76 -5.77 26.72
N SER B 213 -32.65 -6.56 26.11
CA SER B 213 -32.24 -7.71 25.35
C SER B 213 -31.36 -7.29 24.16
N GLU B 214 -31.77 -6.23 23.46
CA GLU B 214 -30.99 -5.75 22.31
C GLU B 214 -29.61 -5.24 22.72
N ILE B 215 -29.54 -4.62 23.89
CA ILE B 215 -28.26 -4.14 24.43
C ILE B 215 -27.31 -5.30 24.78
N ILE B 216 -27.84 -6.31 25.45
CA ILE B 216 -27.09 -7.51 25.82
C ILE B 216 -26.57 -8.19 24.55
N ILE B 217 -27.45 -8.41 23.58
CA ILE B 217 -27.05 -8.99 22.29
C ILE B 217 -25.92 -8.18 21.61
N ALA B 218 -26.09 -6.86 21.54
CA ALA B 218 -25.08 -5.96 20.98
C ALA B 218 -23.75 -6.09 21.72
N ARG B 219 -23.80 -6.13 23.05
CA ARG B 219 -22.58 -6.25 23.85
C ARG B 219 -21.87 -7.56 23.56
N LYS B 220 -22.65 -8.64 23.43
CA LYS B 220 -22.10 -9.95 23.10
C LYS B 220 -21.47 -10.00 21.70
N GLU B 221 -22.12 -9.42 20.71
CA GLU B 221 -21.52 -9.40 19.37
C GLU B 221 -20.19 -8.64 19.35
N GLU B 222 -20.11 -7.56 20.14
CA GLU B 222 -18.98 -6.63 20.01
C GLU B 222 -17.88 -6.80 21.04
N GLU B 223 -18.10 -7.66 22.04
CA GLU B 223 -17.13 -7.85 23.15
C GLU B 223 -15.83 -8.53 22.72
N VAL B 224 -15.79 -9.02 21.49
CA VAL B 224 -14.56 -9.55 20.92
C VAL B 224 -13.54 -8.41 20.76
N ASN B 225 -13.94 -7.36 20.04
CA ASN B 225 -13.04 -6.30 19.58
C ASN B 225 -12.03 -5.81 20.61
N LYS B 226 -12.54 -5.44 21.79
CA LYS B 226 -11.69 -5.11 22.94
C LYS B 226 -12.28 -5.83 24.14
N ASP B 227 -11.52 -5.88 25.23
CA ASP B 227 -12.09 -6.26 26.51
C ASP B 227 -12.39 -5.02 27.32
N SER B 228 -12.67 -3.96 26.58
CA SER B 228 -13.33 -2.77 27.09
C SER B 228 -14.83 -3.09 27.14
N SER B 229 -15.19 -3.94 28.11
CA SER B 229 -16.55 -4.42 28.31
C SER B 229 -17.36 -3.44 29.17
N THR B 230 -18.58 -3.12 28.75
CA THR B 230 -19.44 -2.21 29.53
C THR B 230 -19.79 -2.84 30.88
N SER B 231 -19.57 -2.08 31.96
CA SER B 231 -19.82 -2.55 33.32
C SER B 231 -20.89 -1.66 33.97
N ASP B 232 -22.08 -2.22 34.21
CA ASP B 232 -23.19 -1.43 34.73
C ASP B 232 -24.12 -2.30 35.57
N LEU B 233 -25.27 -1.77 35.96
CA LEU B 233 -26.21 -2.55 36.77
C LEU B 233 -26.61 -3.80 35.98
N LEU B 234 -26.91 -3.61 34.70
CA LEU B 234 -27.36 -4.69 33.85
C LEU B 234 -26.30 -5.79 33.74
N SER B 235 -25.06 -5.45 33.42
CA SER B 235 -24.04 -6.49 33.32
C SER B 235 -23.76 -7.13 34.70
N GLY B 236 -23.83 -6.31 35.75
CA GLY B 236 -23.62 -6.82 37.10
C GLY B 236 -24.66 -7.85 37.47
N LEU B 237 -25.94 -7.51 37.30
CA LEU B 237 -26.99 -8.46 37.60
C LEU B 237 -26.89 -9.73 36.74
N LEU B 238 -26.49 -9.58 35.49
CA LEU B 238 -26.40 -10.73 34.58
C LEU B 238 -25.28 -11.68 34.92
N SER B 239 -24.25 -11.21 35.62
CA SER B 239 -23.20 -12.13 36.03
C SER B 239 -23.51 -12.77 37.39
N ALA B 240 -24.71 -12.52 37.93
CA ALA B 240 -25.09 -13.09 39.22
C ALA B 240 -25.49 -14.56 39.07
N VAL B 241 -25.05 -15.36 40.04
CA VAL B 241 -25.30 -16.79 40.06
C VAL B 241 -25.89 -17.13 41.43
N TYR B 242 -27.10 -17.68 41.43
CA TYR B 242 -27.78 -18.02 42.67
C TYR B 242 -27.01 -19.12 43.38
N ARG B 243 -27.41 -19.40 44.63
CA ARG B 243 -26.73 -20.43 45.41
C ARG B 243 -26.92 -21.82 44.80
N ASP B 244 -28.08 -22.04 44.19
CA ASP B 244 -28.38 -23.28 43.49
C ASP B 244 -27.59 -23.41 42.18
N GLY B 245 -26.74 -22.43 41.88
CA GLY B 245 -25.88 -22.48 40.71
C GLY B 245 -26.44 -21.94 39.40
N THR B 246 -27.72 -21.55 39.38
CA THR B 246 -28.33 -21.01 38.14
C THR B 246 -28.10 -19.50 37.98
N PRO B 247 -27.99 -19.03 36.72
CA PRO B 247 -27.86 -17.57 36.55
C PRO B 247 -29.20 -16.84 36.72
N MET B 248 -29.15 -15.53 36.95
CA MET B 248 -30.37 -14.72 36.95
C MET B 248 -30.79 -14.63 35.50
N SER B 249 -32.07 -14.78 35.22
CA SER B 249 -32.57 -14.68 33.83
C SER B 249 -32.74 -13.20 33.46
N LEU B 250 -32.83 -12.91 32.17
CA LEU B 250 -33.12 -11.56 31.71
C LEU B 250 -34.46 -11.10 32.28
N HIS B 251 -35.45 -11.98 32.25
CA HIS B 251 -36.74 -11.68 32.89
C HIS B 251 -36.57 -11.12 34.29
N GLU B 252 -35.73 -11.78 35.08
CA GLU B 252 -35.46 -11.40 36.46
C GLU B 252 -34.64 -10.11 36.54
N VAL B 253 -33.60 -10.02 35.71
CA VAL B 253 -32.80 -8.80 35.68
C VAL B 253 -33.65 -7.56 35.33
N CYS B 254 -34.47 -7.68 34.29
CA CYS B 254 -35.40 -6.60 33.90
C CYS B 254 -36.28 -6.19 35.05
N GLY B 255 -36.85 -7.21 35.68
CA GLY B 255 -37.73 -7.00 36.82
C GLY B 255 -37.06 -6.23 37.96
N MET B 256 -35.81 -6.58 38.25
CA MET B 256 -35.01 -5.95 39.31
C MET B 256 -34.67 -4.49 38.97
N ILE B 257 -34.29 -4.25 37.72
CA ILE B 257 -33.97 -2.92 37.25
C ILE B 257 -35.21 -2.03 37.33
N VAL B 258 -36.32 -2.54 36.81
CA VAL B 258 -37.56 -1.81 36.84
C VAL B 258 -37.88 -1.45 38.27
N ALA B 259 -37.85 -2.46 39.14
CA ALA B 259 -38.22 -2.30 40.55
C ALA B 259 -37.29 -1.34 41.28
N ALA B 260 -35.99 -1.45 41.00
CA ALA B 260 -35.01 -0.54 41.57
C ALA B 260 -35.22 0.92 41.11
N MET B 261 -35.33 1.10 39.79
CA MET B 261 -35.45 2.44 39.24
C MET B 261 -36.75 3.04 39.71
N PHE B 262 -37.77 2.21 39.79
CA PHE B 262 -39.05 2.60 40.35
C PHE B 262 -38.88 3.11 41.78
N ALA B 263 -38.38 2.24 42.67
CA ALA B 263 -38.22 2.56 44.10
C ALA B 263 -37.46 3.85 44.29
N GLY B 264 -36.33 3.96 43.60
CA GLY B 264 -35.41 5.08 43.76
C GLY B 264 -35.89 6.40 43.18
N GLN B 265 -36.69 6.35 42.11
CA GLN B 265 -37.00 7.57 41.35
C GLN B 265 -37.78 8.63 42.18
N HIS B 266 -38.99 8.29 42.60
CA HIS B 266 -39.82 9.29 43.28
C HIS B 266 -39.33 9.64 44.66
N THR B 267 -38.96 8.62 45.44
CA THR B 267 -38.52 8.85 46.81
C THR B 267 -37.33 9.80 46.84
N SER B 268 -36.37 9.58 45.95
CA SER B 268 -35.16 10.41 45.94
C SER B 268 -35.52 11.80 45.41
N SER B 269 -36.41 11.85 44.42
CA SER B 269 -36.88 13.13 43.87
C SER B 269 -37.58 13.97 44.93
N ILE B 270 -38.53 13.35 45.60
CA ILE B 270 -39.35 13.98 46.63
C ILE B 270 -38.52 14.46 47.83
N THR B 271 -37.59 13.64 48.27
CA THR B 271 -36.71 13.97 49.37
C THR B 271 -35.84 15.21 49.08
N THR B 272 -35.32 15.26 47.85
CA THR B 272 -34.57 16.41 47.39
C THR B 272 -35.48 17.65 47.34
N THR B 273 -36.64 17.53 46.68
CA THR B 273 -37.59 18.62 46.56
C THR B 273 -37.97 19.20 47.93
N TRP B 274 -38.44 18.37 48.86
CA TRP B 274 -38.73 18.82 50.23
C TRP B 274 -37.55 19.50 50.85
N SER B 275 -36.36 18.92 50.72
CA SER B 275 -35.18 19.45 51.41
C SER B 275 -34.94 20.90 50.99
N MET B 276 -35.06 21.15 49.69
CA MET B 276 -34.86 22.46 49.12
C MET B 276 -35.98 23.42 49.50
N LEU B 277 -37.21 22.94 49.51
CA LEU B 277 -38.33 23.74 49.99
C LEU B 277 -38.14 24.21 51.45
N HIS B 278 -37.80 23.32 52.35
CA HIS B 278 -37.56 23.71 53.73
C HIS B 278 -36.41 24.66 53.86
N LEU B 279 -35.31 24.34 53.18
CA LEU B 279 -34.06 25.10 53.29
C LEU B 279 -34.14 26.52 52.75
N MET B 280 -34.90 26.73 51.69
CA MET B 280 -35.01 28.07 51.11
C MET B 280 -36.04 28.93 51.84
N HIS B 281 -36.84 28.32 52.70
CA HIS B 281 -37.89 29.03 53.43
C HIS B 281 -37.32 29.98 54.47
N PRO B 282 -37.75 31.25 54.41
CA PRO B 282 -37.31 32.28 55.36
C PRO B 282 -37.19 31.78 56.81
N ALA B 283 -38.15 30.98 57.27
CA ALA B 283 -38.16 30.47 58.65
C ALA B 283 -36.91 29.67 59.03
N ASN B 284 -36.09 29.34 58.04
CA ASN B 284 -35.05 28.34 58.21
C ASN B 284 -33.65 28.83 57.91
N VAL B 285 -33.41 30.13 58.03
CA VAL B 285 -32.13 30.66 57.57
C VAL B 285 -30.96 30.14 58.41
N LYS B 286 -31.17 29.92 59.70
CA LYS B 286 -30.14 29.30 60.54
C LYS B 286 -29.69 28.01 59.86
N HIS B 287 -30.65 27.25 59.35
CA HIS B 287 -30.37 25.98 58.70
C HIS B 287 -29.75 26.13 57.35
N LEU B 288 -30.31 27.00 56.52
CA LEU B 288 -29.71 27.31 55.23
C LEU B 288 -28.27 27.79 55.38
N GLU B 289 -28.03 28.55 56.45
CA GLU B 289 -26.73 29.15 56.74
C GLU B 289 -25.73 28.07 57.14
N ALA B 290 -26.19 27.14 57.98
CA ALA B 290 -25.42 25.98 58.42
C ALA B 290 -25.07 25.06 57.25
N LEU B 291 -26.03 24.83 56.34
CA LEU B 291 -25.72 24.05 55.15
C LEU B 291 -24.62 24.77 54.38
N ARG B 292 -24.80 26.04 54.17
CA ARG B 292 -23.84 26.82 53.41
C ARG B 292 -22.48 26.83 54.07
N LYS B 293 -22.44 26.83 55.38
CA LYS B 293 -21.15 26.72 56.03
C LYS B 293 -20.52 25.37 55.71
N GLU B 294 -21.29 24.30 55.90
CA GLU B 294 -20.80 22.95 55.66
C GLU B 294 -20.09 22.81 54.31
N ILE B 295 -20.63 23.46 53.28
CA ILE B 295 -20.12 23.32 51.91
C ILE B 295 -19.14 24.42 51.46
N GLU B 296 -18.87 25.37 52.35
CA GLU B 296 -18.09 26.55 52.00
C GLU B 296 -16.71 26.23 51.42
N GLU B 297 -16.00 25.31 52.09
CA GLU B 297 -14.63 24.92 51.70
C GLU B 297 -14.56 23.76 50.69
N PHE B 298 -15.70 23.39 50.10
CA PHE B 298 -15.70 22.32 49.10
C PHE B 298 -15.16 22.85 47.79
N PRO B 299 -14.38 22.03 47.04
CA PRO B 299 -14.01 22.43 45.67
C PRO B 299 -15.21 22.51 44.75
N ALA B 300 -15.02 23.09 43.57
CA ALA B 300 -16.05 23.15 42.54
C ALA B 300 -16.46 21.73 42.13
N GLN B 301 -15.50 20.81 42.19
CA GLN B 301 -15.76 19.42 41.85
C GLN B 301 -15.82 18.63 43.12
N LEU B 302 -17.04 18.35 43.56
CA LEU B 302 -17.24 17.47 44.71
C LEU B 302 -16.56 16.13 44.44
N ASN B 303 -16.05 15.54 45.52
CA ASN B 303 -15.49 14.22 45.45
C ASN B 303 -16.14 13.38 46.54
N TYR B 304 -15.83 12.10 46.52
CA TYR B 304 -16.34 11.14 47.48
C TYR B 304 -16.32 11.62 48.92
N ASN B 305 -15.19 12.17 49.34
CA ASN B 305 -15.02 12.49 50.76
C ASN B 305 -15.90 13.65 51.21
N ASN B 306 -16.01 14.68 50.37
CA ASN B 306 -16.96 15.78 50.63
C ASN B 306 -18.36 15.23 50.96
N VAL B 307 -18.92 14.46 50.04
CA VAL B 307 -20.29 13.97 50.16
C VAL B 307 -20.46 12.93 51.26
N MET B 308 -19.51 12.01 51.36
CA MET B 308 -19.67 10.87 52.28
C MET B 308 -19.25 11.19 53.71
N ASP B 309 -18.24 12.04 53.87
CA ASP B 309 -17.67 12.24 55.19
C ASP B 309 -17.95 13.64 55.74
N GLU B 310 -18.21 14.60 54.86
CA GLU B 310 -18.22 16.00 55.27
C GLU B 310 -19.57 16.70 55.06
N MET B 311 -20.65 15.94 54.94
CA MET B 311 -21.96 16.57 54.81
C MET B 311 -22.98 16.02 55.80
N PRO B 312 -22.61 15.94 57.09
CA PRO B 312 -23.57 15.37 58.04
C PRO B 312 -24.82 16.23 58.21
N PHE B 313 -24.68 17.53 58.01
CA PHE B 313 -25.84 18.40 58.17
C PHE B 313 -26.81 18.24 57.01
N ALA B 314 -26.31 18.33 55.78
CA ALA B 314 -27.18 18.12 54.62
C ALA B 314 -27.89 16.76 54.71
N GLU B 315 -27.20 15.78 55.27
CA GLU B 315 -27.86 14.50 55.52
C GLU B 315 -29.02 14.63 56.50
N ARG B 316 -28.80 15.30 57.64
CA ARG B 316 -29.87 15.52 58.62
C ARG B 316 -31.06 16.23 57.97
N CYS B 317 -30.76 17.15 57.06
CA CYS B 317 -31.78 17.86 56.33
C CYS B 317 -32.64 16.90 55.52
N ALA B 318 -32.00 15.98 54.80
CA ALA B 318 -32.74 15.03 53.97
C ALA B 318 -33.56 14.14 54.86
N ARG B 319 -32.94 13.62 55.94
CA ARG B 319 -33.60 12.70 56.85
C ARG B 319 -34.79 13.33 57.54
N GLU B 320 -34.65 14.61 57.91
CA GLU B 320 -35.73 15.31 58.62
C GLU B 320 -36.88 15.66 57.67
N SER B 321 -36.58 15.91 56.40
CA SER B 321 -37.62 16.10 55.39
C SER B 321 -38.45 14.84 55.21
N ILE B 322 -37.79 13.68 55.32
CA ILE B 322 -38.45 12.38 55.22
C ILE B 322 -39.16 12.09 56.51
N ARG B 323 -38.58 12.54 57.62
CA ARG B 323 -39.21 12.33 58.92
C ARG B 323 -40.56 13.07 58.92
N ARG B 324 -40.53 14.32 58.53
CA ARG B 324 -41.72 15.17 58.59
C ARG B 324 -42.77 14.72 57.57
N ASP B 325 -42.34 14.48 56.33
CA ASP B 325 -43.26 14.04 55.28
C ASP B 325 -42.75 12.79 54.56
N PRO B 326 -42.91 11.63 55.21
CA PRO B 326 -42.37 10.39 54.63
C PRO B 326 -43.07 10.04 53.30
N PRO B 327 -42.28 9.73 52.25
CA PRO B 327 -42.84 9.44 50.94
C PRO B 327 -43.70 8.17 50.93
N LEU B 328 -43.38 7.25 51.85
CA LEU B 328 -44.16 6.02 52.05
C LEU B 328 -44.87 6.12 53.39
N LEU B 329 -46.20 6.23 53.32
CA LEU B 329 -47.06 6.51 54.45
C LEU B 329 -47.30 5.31 55.34
N MET B 330 -47.34 4.13 54.73
CA MET B 330 -47.81 2.89 55.38
C MET B 330 -46.97 1.70 54.94
N LEU B 331 -46.29 1.06 55.89
CA LEU B 331 -45.61 -0.20 55.60
C LEU B 331 -46.51 -1.34 56.05
N MET B 332 -46.62 -2.40 55.25
CA MET B 332 -47.61 -3.43 55.55
C MET B 332 -47.06 -4.82 55.41
N ARG B 333 -47.64 -5.74 56.19
CA ARG B 333 -47.33 -7.14 56.07
C ARG B 333 -48.66 -7.92 56.19
N LYS B 334 -48.70 -9.13 55.63
CA LYS B 334 -49.78 -10.06 55.97
C LYS B 334 -49.33 -10.84 57.20
N VAL B 335 -50.21 -10.96 58.18
CA VAL B 335 -49.94 -11.79 59.35
C VAL B 335 -50.23 -13.23 59.00
N MET B 336 -49.18 -14.05 59.00
CA MET B 336 -49.27 -15.44 58.56
C MET B 336 -49.46 -16.39 59.74
N ALA B 337 -49.18 -15.88 60.93
CA ALA B 337 -49.38 -16.58 62.19
C ALA B 337 -49.47 -15.53 63.28
N ASP B 338 -50.31 -15.76 64.29
CA ASP B 338 -50.55 -14.80 65.38
C ASP B 338 -49.26 -14.24 65.99
N VAL B 339 -49.30 -12.96 66.39
CA VAL B 339 -48.09 -12.27 66.87
C VAL B 339 -48.33 -11.32 68.04
N LYS B 340 -47.43 -11.37 69.01
CA LYS B 340 -47.48 -10.46 70.13
C LYS B 340 -47.07 -9.04 69.72
N VAL B 341 -47.91 -8.07 70.07
CA VAL B 341 -47.59 -6.65 69.91
C VAL B 341 -48.05 -5.91 71.15
N GLY B 342 -47.08 -5.51 71.98
CA GLY B 342 -47.39 -4.93 73.27
C GLY B 342 -48.23 -5.90 74.05
N SER B 343 -49.39 -5.42 74.52
CA SER B 343 -50.28 -6.22 75.34
C SER B 343 -51.19 -7.15 74.52
N TYR B 344 -51.12 -7.06 73.19
CA TYR B 344 -52.08 -7.79 72.34
C TYR B 344 -51.47 -8.90 71.50
N VAL B 345 -52.36 -9.72 70.95
CA VAL B 345 -52.02 -10.64 69.87
C VAL B 345 -52.68 -10.11 68.62
N VAL B 346 -51.90 -9.97 67.55
CA VAL B 346 -52.48 -9.68 66.25
C VAL B 346 -52.70 -11.03 65.58
N PRO B 347 -53.95 -11.29 65.15
CA PRO B 347 -54.31 -12.61 64.64
C PRO B 347 -53.83 -12.87 63.21
N LYS B 348 -53.50 -14.12 62.93
CA LYS B 348 -53.30 -14.58 61.56
C LYS B 348 -54.43 -14.04 60.69
N GLY B 349 -54.11 -13.58 59.49
CA GLY B 349 -55.13 -13.08 58.58
C GLY B 349 -55.24 -11.56 58.55
N ASP B 350 -54.80 -10.90 59.60
CA ASP B 350 -54.80 -9.43 59.60
C ASP B 350 -53.77 -8.91 58.61
N ILE B 351 -53.98 -7.69 58.14
CA ILE B 351 -52.87 -6.92 57.62
C ILE B 351 -52.36 -6.11 58.79
N ILE B 352 -51.07 -6.23 59.06
CA ILE B 352 -50.44 -5.43 60.11
C ILE B 352 -49.65 -4.32 59.42
N ALA B 353 -49.62 -3.16 60.06
CA ALA B 353 -49.11 -1.97 59.43
C ALA B 353 -48.30 -1.20 60.44
N CYS B 354 -47.29 -0.51 59.95
CA CYS B 354 -46.56 0.43 60.75
C CYS B 354 -46.45 1.64 59.84
N SER B 355 -46.92 2.78 60.31
CA SER B 355 -47.02 3.96 59.46
C SER B 355 -45.96 4.97 59.82
N PRO B 356 -45.01 5.20 58.90
CA PRO B 356 -44.05 6.27 59.11
C PRO B 356 -44.74 7.63 59.34
N LEU B 357 -45.84 7.91 58.63
CA LEU B 357 -46.59 9.14 58.84
C LEU B 357 -47.05 9.32 60.30
N LEU B 358 -47.76 8.33 60.83
CA LEU B 358 -48.19 8.37 62.23
C LEU B 358 -46.99 8.43 63.20
N SER B 359 -46.09 7.46 63.10
CA SER B 359 -44.98 7.33 64.03
C SER B 359 -44.15 8.59 64.10
N HIS B 360 -44.01 9.28 62.96
CA HIS B 360 -43.21 10.48 62.88
C HIS B 360 -43.91 11.70 63.40
N HIS B 361 -45.13 11.51 63.90
CA HIS B 361 -45.89 12.59 64.51
C HIS B 361 -46.29 12.33 65.92
N ASP B 362 -45.73 11.26 66.48
CA ASP B 362 -45.93 10.91 67.88
C ASP B 362 -45.15 11.92 68.74
N GLU B 363 -45.87 12.68 69.55
CA GLU B 363 -45.26 13.81 70.27
C GLU B 363 -44.18 13.45 71.30
N GLU B 364 -44.20 12.24 71.87
CA GLU B 364 -43.06 11.79 72.68
C GLU B 364 -41.79 11.64 71.82
N ALA B 365 -41.94 11.06 70.64
CA ALA B 365 -40.81 10.85 69.71
C ALA B 365 -40.34 12.14 69.02
N PHE B 366 -41.28 12.93 68.52
CA PHE B 366 -40.95 14.09 67.72
C PHE B 366 -41.81 15.26 68.17
N PRO B 367 -41.41 15.91 69.28
CA PRO B 367 -42.13 17.08 69.80
C PRO B 367 -42.37 18.08 68.68
N GLU B 368 -43.57 18.65 68.62
CA GLU B 368 -43.96 19.60 67.56
C GLU B 368 -43.68 19.09 66.13
N PRO B 369 -44.20 17.90 65.81
CA PRO B 369 -43.78 17.15 64.63
C PRO B 369 -43.96 17.85 63.29
N ARG B 370 -44.87 18.83 63.18
CA ARG B 370 -44.97 19.58 61.93
C ARG B 370 -43.88 20.64 61.78
N ARG B 371 -43.10 20.87 62.84
CA ARG B 371 -41.93 21.69 62.64
C ARG B 371 -40.76 20.85 62.13
N TRP B 372 -40.21 21.33 61.01
CA TRP B 372 -39.03 20.81 60.37
C TRP B 372 -37.82 21.33 61.06
N ASP B 373 -37.10 20.45 61.73
CA ASP B 373 -35.90 20.87 62.43
C ASP B 373 -34.81 19.83 62.26
N PRO B 374 -33.86 20.07 61.36
CA PRO B 374 -32.80 19.07 61.11
C PRO B 374 -31.91 18.77 62.32
N GLU B 375 -32.02 19.55 63.39
CA GLU B 375 -31.17 19.34 64.57
C GLU B 375 -31.86 18.49 65.59
N ARG B 376 -33.13 18.16 65.37
CA ARG B 376 -33.82 17.31 66.33
C ARG B 376 -33.21 15.92 66.23
N ASP B 377 -33.36 15.17 67.31
CA ASP B 377 -33.08 13.74 67.31
C ASP B 377 -34.29 13.06 67.90
N GLU B 378 -34.56 11.85 67.44
CA GLU B 378 -35.61 11.05 68.02
C GLU B 378 -35.34 10.87 69.52
N LYS B 379 -36.42 10.95 70.30
CA LYS B 379 -36.33 10.83 71.74
C LYS B 379 -36.80 9.44 72.14
N VAL B 380 -37.22 8.67 71.14
CA VAL B 380 -37.54 7.26 71.33
C VAL B 380 -36.68 6.44 70.38
N GLU B 381 -36.10 5.36 70.90
CA GLU B 381 -35.25 4.49 70.11
C GLU B 381 -36.03 3.88 68.92
N GLY B 382 -35.53 4.14 67.71
CA GLY B 382 -36.03 3.47 66.52
C GLY B 382 -37.33 4.02 66.00
N ALA B 383 -37.66 5.24 66.42
CA ALA B 383 -38.89 5.93 66.08
C ALA B 383 -38.90 6.41 64.62
N PHE B 384 -37.74 6.77 64.09
CA PHE B 384 -37.63 7.20 62.71
C PHE B 384 -37.58 5.95 61.84
N ILE B 385 -38.57 5.82 60.97
CA ILE B 385 -38.72 4.64 60.16
C ILE B 385 -38.93 5.07 58.70
N GLY B 386 -38.36 6.21 58.35
CA GLY B 386 -38.45 6.75 57.01
C GLY B 386 -37.87 5.82 55.96
N PHE B 387 -36.90 5.00 56.35
CA PHE B 387 -36.29 3.97 55.48
C PHE B 387 -36.58 2.54 55.94
N GLY B 388 -37.65 2.38 56.73
CA GLY B 388 -38.01 1.06 57.25
C GLY B 388 -36.99 0.61 58.27
N ALA B 389 -36.95 -0.69 58.54
CA ALA B 389 -36.06 -1.23 59.57
C ALA B 389 -36.16 -2.74 59.57
N GLY B 390 -35.20 -3.38 60.23
CA GLY B 390 -35.26 -4.83 60.43
C GLY B 390 -35.20 -5.61 59.14
N VAL B 391 -36.04 -6.63 59.01
CA VAL B 391 -35.92 -7.58 57.88
C VAL B 391 -35.98 -6.91 56.50
N HIS B 392 -36.75 -5.82 56.38
CA HIS B 392 -36.98 -5.21 55.07
C HIS B 392 -36.48 -3.79 54.95
N LYS B 393 -35.42 -3.46 55.67
CA LYS B 393 -34.91 -2.08 55.63
C LYS B 393 -34.45 -1.73 54.22
N CYS B 394 -34.44 -0.45 53.91
CA CYS B 394 -34.12 0.02 52.60
C CYS B 394 -32.68 -0.30 52.21
N ILE B 395 -32.48 -0.96 51.07
CA ILE B 395 -31.11 -1.16 50.60
C ILE B 395 -30.64 0.00 49.69
N GLY B 396 -31.56 0.86 49.26
CA GLY B 396 -31.17 1.94 48.36
C GLY B 396 -30.87 3.24 49.08
N GLN B 397 -31.07 3.23 50.39
CA GLN B 397 -30.92 4.43 51.23
C GLN B 397 -29.66 5.27 50.97
N LYS B 398 -28.48 4.65 51.04
CA LYS B 398 -27.23 5.38 50.81
C LYS B 398 -27.14 5.96 49.42
N PHE B 399 -27.56 5.20 48.42
CA PHE B 399 -27.51 5.67 47.05
C PHE B 399 -28.50 6.81 46.87
N GLY B 400 -29.68 6.70 47.46
CA GLY B 400 -30.65 7.79 47.32
C GLY B 400 -30.06 9.07 47.93
N LEU B 401 -29.46 8.95 49.11
CA LEU B 401 -29.00 10.13 49.87
C LEU B 401 -27.78 10.74 49.23
N LEU B 402 -26.96 9.90 48.60
CA LEU B 402 -25.83 10.38 47.82
C LEU B 402 -26.28 11.35 46.74
N GLN B 403 -27.40 11.01 46.10
CA GLN B 403 -27.92 11.85 45.04
C GLN B 403 -28.49 13.14 45.65
N VAL B 404 -29.32 13.00 46.69
CA VAL B 404 -29.92 14.16 47.36
C VAL B 404 -28.84 15.14 47.80
N LYS B 405 -27.82 14.62 48.47
CA LYS B 405 -26.74 15.45 49.02
C LYS B 405 -25.93 16.16 47.94
N THR B 406 -25.60 15.42 46.89
CA THR B 406 -24.87 15.98 45.76
C THR B 406 -25.65 17.13 45.12
N ILE B 407 -26.96 16.94 44.91
CA ILE B 407 -27.81 17.99 44.33
C ILE B 407 -27.89 19.19 45.27
N LEU B 408 -28.04 18.93 46.56
CA LEU B 408 -28.17 20.04 47.52
C LEU B 408 -26.91 20.92 47.54
N ALA B 409 -25.74 20.31 47.69
CA ALA B 409 -24.46 21.01 47.63
C ALA B 409 -24.26 21.73 46.30
N THR B 410 -24.66 21.08 45.21
CA THR B 410 -24.52 21.68 43.90
C THR B 410 -25.50 22.85 43.65
N ALA B 411 -26.75 22.69 44.08
CA ALA B 411 -27.74 23.77 43.93
C ALA B 411 -27.40 24.98 44.77
N PHE B 412 -27.18 24.76 46.06
CA PHE B 412 -27.12 25.88 46.99
C PHE B 412 -25.76 26.58 46.96
N ARG B 413 -24.79 25.96 46.31
CA ARG B 413 -23.51 26.60 46.10
C ARG B 413 -23.63 27.72 45.07
N SER B 414 -24.43 27.48 44.03
CA SER B 414 -24.50 28.40 42.90
C SER B 414 -25.82 29.15 42.74
N TYR B 415 -26.81 28.82 43.55
CA TYR B 415 -28.12 29.46 43.39
C TYR B 415 -28.75 29.73 44.75
N ASP B 416 -29.66 30.69 44.75
CA ASP B 416 -30.59 30.84 45.86
C ASP B 416 -31.96 30.53 45.31
N PHE B 417 -32.92 30.36 46.23
CA PHE B 417 -34.27 30.00 45.85
C PHE B 417 -35.30 30.74 46.67
N GLN B 418 -36.32 31.21 45.98
CA GLN B 418 -37.47 31.81 46.61
C GLN B 418 -38.69 30.97 46.29
N LEU B 419 -39.28 30.40 47.34
CA LEU B 419 -40.56 29.73 47.26
C LEU B 419 -41.62 30.81 47.06
N LEU B 420 -42.49 30.62 46.09
CA LEU B 420 -43.53 31.61 45.78
C LEU B 420 -44.81 31.35 46.57
N ARG B 421 -44.70 31.27 47.89
CA ARG B 421 -45.86 31.18 48.77
C ARG B 421 -45.41 31.34 50.21
N ASP B 422 -46.38 31.50 51.11
CA ASP B 422 -46.04 31.77 52.49
C ASP B 422 -45.59 30.51 53.24
N GLU B 423 -46.24 29.39 52.99
CA GLU B 423 -45.87 28.15 53.68
C GLU B 423 -45.24 27.13 52.73
N VAL B 424 -44.43 26.23 53.30
CA VAL B 424 -43.94 25.10 52.52
C VAL B 424 -45.17 24.37 51.98
N PRO B 425 -45.08 23.81 50.77
CA PRO B 425 -46.24 23.14 50.19
C PRO B 425 -46.86 22.07 51.08
N ASP B 426 -48.15 21.83 50.89
CA ASP B 426 -48.84 20.73 51.55
C ASP B 426 -48.43 19.44 50.86
N PRO B 427 -48.28 18.36 51.65
CA PRO B 427 -48.09 17.04 51.04
C PRO B 427 -49.32 16.65 50.22
N ASP B 428 -49.12 16.04 49.05
CA ASP B 428 -50.26 15.51 48.29
C ASP B 428 -50.41 14.00 48.52
N TYR B 429 -51.42 13.58 49.29
CA TYR B 429 -51.56 12.17 49.67
C TYR B 429 -52.25 11.27 48.65
N HIS B 430 -52.50 11.76 47.44
CA HIS B 430 -53.23 10.96 46.46
C HIS B 430 -52.39 10.02 45.63
N THR B 431 -51.06 10.13 45.73
CA THR B 431 -50.18 9.26 44.93
C THR B 431 -49.58 8.11 45.75
N MET B 432 -49.15 7.05 45.07
CA MET B 432 -48.50 5.89 45.71
C MET B 432 -47.32 6.29 46.57
N VAL B 433 -46.46 7.11 45.99
CA VAL B 433 -45.33 7.67 46.71
C VAL B 433 -45.62 9.15 46.92
N VAL B 434 -45.64 9.57 48.19
CA VAL B 434 -46.15 10.89 48.52
C VAL B 434 -45.07 11.95 48.49
N GLY B 435 -45.36 13.02 47.76
CA GLY B 435 -44.48 14.18 47.64
C GLY B 435 -45.20 15.49 47.90
N PRO B 436 -44.49 16.63 47.81
CA PRO B 436 -45.21 17.89 48.01
C PRO B 436 -46.12 18.17 46.82
N THR B 437 -47.23 18.87 47.05
CA THR B 437 -48.17 19.14 45.96
C THR B 437 -47.47 19.79 44.78
N ALA B 438 -47.54 19.13 43.62
CA ALA B 438 -46.79 19.54 42.45
C ALA B 438 -47.12 20.98 42.02
N SER B 439 -48.38 21.36 42.18
CA SER B 439 -48.84 22.67 41.69
C SER B 439 -48.41 23.81 42.62
N GLN B 440 -47.86 23.45 43.77
CA GLN B 440 -47.42 24.41 44.77
C GLN B 440 -45.90 24.55 44.76
N CYS B 441 -45.25 23.81 43.87
CA CYS B 441 -43.80 23.69 43.87
C CYS B 441 -43.09 24.67 42.92
N ARG B 442 -43.80 25.69 42.49
CA ARG B 442 -43.15 26.71 41.67
C ARG B 442 -42.24 27.59 42.52
N VAL B 443 -41.00 27.77 42.06
CA VAL B 443 -40.03 28.54 42.81
C VAL B 443 -39.21 29.39 41.85
N LYS B 444 -38.56 30.43 42.41
CA LYS B 444 -37.64 31.24 41.65
C LYS B 444 -36.21 30.93 42.07
N TYR B 445 -35.39 30.54 41.09
CA TYR B 445 -33.96 30.36 41.31
C TYR B 445 -33.22 31.66 41.05
N ILE B 446 -32.28 31.99 41.91
CA ILE B 446 -31.49 33.18 41.72
C ILE B 446 -30.02 32.78 41.65
N ARG B 447 -29.45 32.95 40.46
CA ARG B 447 -28.00 32.84 40.27
C ARG B 447 -27.31 33.64 41.39
N ARG B 448 -26.11 33.23 41.78
CA ARG B 448 -25.38 33.93 42.84
C ARG B 448 -24.19 34.72 42.31
N GLY C 1 28.34 -7.04 5.19
CA GLY C 1 27.57 -8.08 4.47
C GLY C 1 28.41 -8.83 3.45
N LYS C 2 28.59 -8.23 2.27
CA LYS C 2 29.39 -8.84 1.22
C LYS C 2 30.58 -7.96 0.83
N LEU C 3 31.67 -8.16 1.57
CA LEU C 3 32.92 -7.46 1.31
C LEU C 3 33.53 -8.00 0.04
N PRO C 4 34.39 -7.19 -0.60
CA PRO C 4 35.17 -7.83 -1.64
C PRO C 4 36.02 -8.95 -1.01
N PRO C 5 36.47 -9.90 -1.84
CA PRO C 5 37.37 -10.95 -1.37
C PRO C 5 38.72 -10.39 -0.95
N VAL C 6 39.32 -11.03 0.04
CA VAL C 6 40.56 -10.58 0.65
C VAL C 6 41.68 -11.50 0.20
N TYR C 7 42.73 -10.92 -0.37
CA TYR C 7 43.91 -11.68 -0.70
C TYR C 7 44.66 -12.03 0.59
N PRO C 8 44.95 -13.32 0.80
CA PRO C 8 45.59 -13.77 2.05
C PRO C 8 46.88 -13.02 2.43
N VAL C 9 47.04 -12.74 3.72
CA VAL C 9 48.27 -12.12 4.22
C VAL C 9 49.16 -13.17 4.86
N THR C 10 50.36 -13.38 4.30
CA THR C 10 51.32 -14.31 4.87
C THR C 10 52.39 -13.58 5.71
N VAL C 11 52.71 -12.35 5.33
CA VAL C 11 53.73 -11.56 6.04
C VAL C 11 53.06 -10.68 7.10
N PRO C 12 53.39 -10.91 8.37
CA PRO C 12 52.77 -10.17 9.46
C PRO C 12 53.17 -8.69 9.48
N ILE C 13 52.24 -7.84 9.89
CA ILE C 13 52.44 -6.38 10.03
C ILE C 13 52.49 -5.66 8.70
N LEU C 14 53.41 -6.08 7.84
CA LEU C 14 53.62 -5.46 6.54
C LEU C 14 52.47 -5.72 5.56
N GLY C 15 51.89 -6.91 5.65
CA GLY C 15 50.89 -7.31 4.67
C GLY C 15 51.52 -7.52 3.30
N HIS C 16 51.00 -6.79 2.31
CA HIS C 16 51.40 -6.98 0.91
C HIS C 16 52.33 -5.95 0.36
N ILE C 17 52.81 -5.03 1.21
CA ILE C 17 53.51 -3.86 0.71
C ILE C 17 54.80 -4.21 -0.08
N ILE C 18 55.52 -5.22 0.37
CA ILE C 18 56.74 -5.63 -0.32
C ILE C 18 56.45 -6.35 -1.63
N GLN C 19 55.55 -7.32 -1.60
CA GLN C 19 55.14 -8.03 -2.82
C GLN C 19 54.60 -7.06 -3.85
N PHE C 20 53.71 -6.17 -3.42
CA PHE C 20 53.17 -5.14 -4.28
C PHE C 20 54.27 -4.25 -4.86
N GLY C 21 55.18 -3.80 -4.00
CA GLY C 21 56.26 -2.88 -4.40
C GLY C 21 57.20 -3.44 -5.45
N LYS C 22 57.48 -4.74 -5.36
CA LYS C 22 58.38 -5.43 -6.29
C LYS C 22 57.83 -5.49 -7.71
N SER C 23 56.62 -6.01 -7.85
CA SER C 23 56.00 -6.19 -9.16
C SER C 23 54.52 -5.85 -9.10
N PRO C 24 54.20 -4.56 -9.09
CA PRO C 24 52.82 -4.16 -8.84
C PRO C 24 51.80 -4.74 -9.83
N LEU C 25 52.09 -4.66 -11.13
CA LEU C 25 51.14 -5.16 -12.14
C LEU C 25 50.98 -6.66 -12.00
N GLY C 26 52.10 -7.37 -11.96
CA GLY C 26 52.10 -8.81 -11.77
C GLY C 26 51.36 -9.21 -10.50
N PHE C 27 51.66 -8.52 -9.40
CA PHE C 27 51.05 -8.84 -8.13
C PHE C 27 49.54 -8.63 -8.14
N MET C 28 49.11 -7.50 -8.69
CA MET C 28 47.67 -7.20 -8.75
C MET C 28 46.93 -8.17 -9.66
N GLN C 29 47.56 -8.54 -10.76
CA GLN C 29 46.99 -9.51 -11.69
C GLN C 29 46.82 -10.89 -11.07
N GLU C 30 47.83 -11.34 -10.32
CA GLU C 30 47.69 -12.59 -9.55
C GLU C 30 46.48 -12.55 -8.59
N CYS C 31 46.27 -11.42 -7.92
CA CYS C 31 45.12 -11.24 -7.04
C CYS C 31 43.79 -11.31 -7.79
N LYS C 32 43.77 -10.78 -9.01
CA LYS C 32 42.55 -10.72 -9.81
C LYS C 32 42.17 -12.13 -10.30
N ARG C 33 43.18 -12.87 -10.74
CA ARG C 33 43.02 -14.24 -11.24
C ARG C 33 42.69 -15.21 -10.12
N GLN C 34 43.50 -15.18 -9.06
CA GLN C 34 43.32 -16.06 -7.91
C GLN C 34 41.99 -15.87 -7.22
N LEU C 35 41.59 -14.63 -7.02
CA LEU C 35 40.35 -14.35 -6.30
C LEU C 35 39.16 -14.35 -7.25
N LYS C 36 39.46 -14.53 -8.54
CA LYS C 36 38.44 -14.56 -9.59
C LYS C 36 37.52 -13.35 -9.47
N SER C 37 38.13 -12.18 -9.32
CA SER C 37 37.40 -10.95 -9.14
C SER C 37 38.22 -9.75 -9.56
N GLY C 38 37.56 -8.83 -10.27
CA GLY C 38 38.18 -7.57 -10.67
C GLY C 38 38.17 -6.55 -9.54
N ILE C 39 37.48 -6.90 -8.46
CA ILE C 39 37.39 -6.05 -7.27
C ILE C 39 37.81 -6.91 -6.07
N PHE C 40 38.81 -6.44 -5.33
CA PHE C 40 39.41 -7.25 -4.26
C PHE C 40 40.19 -6.36 -3.28
N THR C 41 40.46 -6.90 -2.10
CA THR C 41 41.14 -6.14 -1.05
C THR C 41 42.52 -6.72 -0.72
N ILE C 42 43.55 -5.87 -0.78
CA ILE C 42 44.86 -6.25 -0.27
C ILE C 42 45.16 -5.52 1.03
N ASN C 43 46.26 -5.90 1.66
CA ASN C 43 46.64 -5.36 2.94
C ASN C 43 47.97 -4.58 2.85
N ILE C 44 47.93 -3.30 3.20
CA ILE C 44 49.13 -2.45 3.19
C ILE C 44 49.48 -1.97 4.60
N VAL C 45 50.48 -2.62 5.21
CA VAL C 45 50.87 -2.32 6.59
C VAL C 45 49.66 -2.25 7.52
N GLY C 46 48.87 -3.33 7.52
CA GLY C 46 47.67 -3.40 8.35
C GLY C 46 46.43 -2.71 7.80
N LYS C 47 46.55 -1.86 6.78
CA LYS C 47 45.37 -1.16 6.25
C LYS C 47 44.77 -1.85 5.02
N ARG C 48 43.45 -2.04 5.06
CA ARG C 48 42.69 -2.61 3.95
C ARG C 48 42.71 -1.65 2.76
N VAL C 49 43.13 -2.16 1.62
CA VAL C 49 43.08 -1.39 0.39
C VAL C 49 42.31 -2.20 -0.64
N THR C 50 41.14 -1.68 -0.98
CA THR C 50 40.22 -2.33 -1.89
C THR C 50 40.41 -1.72 -3.27
N ILE C 51 40.84 -2.55 -4.20
CA ILE C 51 41.10 -2.09 -5.56
C ILE C 51 39.96 -2.39 -6.52
N VAL C 52 39.54 -1.35 -7.23
CA VAL C 52 38.60 -1.44 -8.34
C VAL C 52 39.36 -1.74 -9.63
N GLY C 53 39.69 -3.02 -9.82
CA GLY C 53 40.43 -3.46 -11.00
C GLY C 53 39.55 -3.92 -12.16
N ASP C 54 38.25 -3.64 -12.08
CA ASP C 54 37.33 -3.91 -13.19
C ASP C 54 36.97 -2.60 -13.89
N PRO C 55 37.47 -2.42 -15.12
CA PRO C 55 37.24 -1.17 -15.85
C PRO C 55 35.75 -0.83 -15.96
N HIS C 56 34.88 -1.85 -15.95
CA HIS C 56 33.45 -1.62 -16.03
C HIS C 56 32.91 -0.91 -14.82
N GLU C 57 33.65 -0.94 -13.71
CA GLU C 57 33.22 -0.29 -12.47
C GLU C 57 33.98 0.99 -12.13
N HIS C 58 34.64 1.59 -13.13
CA HIS C 58 35.45 2.80 -12.92
C HIS C 58 34.67 3.98 -12.41
N SER C 59 33.48 4.19 -12.98
CA SER C 59 32.65 5.30 -12.54
C SER C 59 32.31 5.18 -11.06
N ARG C 60 32.34 3.96 -10.50
CA ARG C 60 32.08 3.80 -9.08
C ARG C 60 33.17 4.43 -8.21
N PHE C 61 34.38 4.55 -8.76
CA PHE C 61 35.49 5.20 -8.04
C PHE C 61 35.50 6.71 -8.27
N PHE C 62 35.21 7.11 -9.51
CA PHE C 62 35.50 8.47 -9.95
C PHE C 62 34.40 9.50 -9.73
N LEU C 63 33.16 9.02 -9.64
CA LEU C 63 32.00 9.92 -9.55
C LEU C 63 31.59 10.36 -8.15
N PRO C 64 31.66 9.47 -7.15
CA PRO C 64 31.20 9.88 -5.82
C PRO C 64 31.84 11.19 -5.38
N ARG C 65 31.12 11.98 -4.58
CA ARG C 65 31.61 13.29 -4.12
C ARG C 65 32.69 13.17 -3.05
N ASN C 66 33.43 14.26 -2.85
CA ASN C 66 34.46 14.35 -1.81
C ASN C 66 34.03 13.81 -0.45
N GLU C 67 32.79 14.11 -0.07
CA GLU C 67 32.20 13.68 1.20
C GLU C 67 32.11 12.16 1.33
N VAL C 68 31.91 11.50 0.18
CA VAL C 68 31.86 10.05 0.13
C VAL C 68 33.26 9.43 0.03
N LEU C 69 33.99 9.80 -1.03
CA LEU C 69 35.35 9.31 -1.24
C LEU C 69 36.35 10.48 -1.21
N SER C 70 37.25 10.47 -0.23
CA SER C 70 38.07 11.65 0.03
C SER C 70 39.58 11.42 -0.17
N PRO C 71 40.24 12.32 -0.91
CA PRO C 71 41.67 12.20 -1.16
C PRO C 71 42.54 12.75 -0.01
N ARG C 72 41.95 13.59 0.84
CA ARG C 72 42.70 14.32 1.88
C ARG C 72 43.69 13.50 2.71
N GLU C 73 43.25 12.34 3.19
CA GLU C 73 44.06 11.50 4.07
C GLU C 73 45.26 10.92 3.31
N VAL C 74 45.09 10.76 2.00
CA VAL C 74 46.12 10.21 1.14
C VAL C 74 47.21 11.26 0.89
N TYR C 75 46.88 12.54 1.10
CA TYR C 75 47.83 13.63 0.88
C TYR C 75 48.44 14.19 2.16
N SER C 76 48.17 13.55 3.29
CA SER C 76 48.76 14.00 4.54
C SER C 76 50.28 14.15 4.46
N PHE C 77 50.97 13.20 3.86
CA PHE C 77 52.45 13.23 3.83
C PHE C 77 52.99 14.42 3.05
N MET C 78 52.12 15.07 2.27
CA MET C 78 52.53 16.21 1.47
C MET C 78 52.19 17.56 2.10
N VAL C 79 51.60 17.54 3.29
CA VAL C 79 51.22 18.79 3.96
C VAL C 79 52.40 19.76 4.13
N PRO C 80 53.59 19.24 4.50
CA PRO C 80 54.78 20.09 4.59
C PRO C 80 55.16 20.77 3.28
N VAL C 81 54.74 20.20 2.16
CA VAL C 81 55.04 20.77 0.85
C VAL C 81 53.99 21.82 0.47
N PHE C 82 52.71 21.43 0.52
CA PHE C 82 51.61 22.35 0.21
C PHE C 82 51.53 23.52 1.19
N GLY C 83 51.70 23.22 2.46
CA GLY C 83 51.47 24.17 3.54
C GLY C 83 50.16 23.86 4.25
N GLU C 84 50.01 24.37 5.46
CA GLU C 84 48.74 24.32 6.16
C GLU C 84 47.66 25.04 5.36
N GLY C 85 46.46 24.49 5.39
CA GLY C 85 45.31 25.08 4.71
C GLY C 85 45.38 25.21 3.20
N VAL C 86 46.26 24.43 2.56
CA VAL C 86 46.37 24.43 1.09
C VAL C 86 46.04 23.06 0.50
N ALA C 87 45.37 23.08 -0.65
CA ALA C 87 45.01 21.88 -1.40
C ALA C 87 44.24 20.91 -0.50
N TYR C 88 44.76 19.70 -0.36
CA TYR C 88 44.06 18.69 0.42
C TYR C 88 44.05 18.99 1.92
N ALA C 89 44.95 19.87 2.35
CA ALA C 89 45.02 20.31 3.74
C ALA C 89 43.99 21.40 4.11
N ALA C 90 43.14 21.78 3.16
CA ALA C 90 42.08 22.75 3.44
C ALA C 90 40.73 22.05 3.39
N PRO C 91 39.71 22.62 4.07
CA PRO C 91 38.33 22.17 3.89
C PRO C 91 38.01 22.04 2.40
N TYR C 92 37.23 21.02 2.03
CA TYR C 92 37.00 20.66 0.62
C TYR C 92 36.42 21.75 -0.26
N PRO C 93 35.43 22.52 0.25
CA PRO C 93 34.90 23.63 -0.54
C PRO C 93 35.95 24.71 -0.74
N ARG C 94 36.79 24.93 0.27
CA ARG C 94 37.93 25.82 0.14
C ARG C 94 38.98 25.28 -0.86
N MET C 95 39.31 23.99 -0.80
CA MET C 95 40.26 23.44 -1.78
C MET C 95 39.76 23.62 -3.22
N ARG C 96 38.47 23.33 -3.43
CA ARG C 96 37.85 23.46 -4.74
C ARG C 96 37.93 24.90 -5.27
N GLU C 97 37.88 25.89 -4.39
CA GLU C 97 38.08 27.27 -4.84
C GLU C 97 39.50 27.45 -5.34
N GLN C 98 40.47 26.99 -4.53
CA GLN C 98 41.89 27.01 -4.94
C GLN C 98 42.17 26.27 -6.27
N LEU C 99 41.58 25.10 -6.46
CA LEU C 99 41.74 24.40 -7.75
C LEU C 99 41.18 25.18 -8.91
N ASN C 100 40.01 25.79 -8.70
CA ASN C 100 39.42 26.63 -9.73
C ASN C 100 40.28 27.83 -10.06
N PHE C 101 41.00 28.35 -9.06
CA PHE C 101 41.95 29.42 -9.32
C PHE C 101 43.13 28.88 -10.14
N LEU C 102 43.61 27.69 -9.81
CA LEU C 102 44.69 27.09 -10.59
C LEU C 102 44.21 26.78 -12.02
N ALA C 103 43.03 26.19 -12.15
CA ALA C 103 42.46 25.90 -13.46
C ALA C 103 42.30 27.14 -14.34
N GLU C 104 41.96 28.27 -13.72
CA GLU C 104 41.85 29.54 -14.44
C GLU C 104 43.20 30.04 -14.95
N GLU C 105 44.27 29.61 -14.30
CA GLU C 105 45.63 29.88 -14.76
C GLU C 105 45.91 29.17 -16.08
N LEU C 106 45.40 27.94 -16.17
CA LEU C 106 45.77 26.99 -17.20
C LEU C 106 44.66 26.88 -18.23
N THR C 107 44.21 28.03 -18.73
CA THR C 107 43.10 28.04 -19.68
C THR C 107 43.55 28.33 -21.09
N ILE C 108 42.80 27.71 -22.01
CA ILE C 108 43.08 27.76 -23.43
C ILE C 108 43.41 29.18 -23.93
N ALA C 109 42.84 30.20 -23.33
CA ALA C 109 43.13 31.59 -23.73
C ALA C 109 44.58 31.99 -23.41
N LYS C 110 45.10 31.53 -22.28
CA LYS C 110 46.49 31.81 -21.90
C LYS C 110 47.49 30.97 -22.68
N PHE C 111 47.04 29.84 -23.21
CA PHE C 111 47.88 28.97 -24.04
C PHE C 111 48.49 29.72 -25.23
N GLN C 112 47.83 30.79 -25.66
CA GLN C 112 48.30 31.59 -26.79
C GLN C 112 49.75 32.05 -26.62
N ASN C 113 50.14 32.42 -25.41
CA ASN C 113 51.54 32.73 -25.17
C ASN C 113 52.39 31.51 -24.79
N PHE C 114 51.73 30.47 -24.28
CA PHE C 114 52.42 29.26 -23.85
C PHE C 114 53.16 28.52 -24.99
N VAL C 115 52.55 28.42 -26.17
CA VAL C 115 53.19 27.65 -27.24
C VAL C 115 54.54 28.22 -27.69
N PRO C 116 54.63 29.54 -27.91
CA PRO C 116 55.93 30.14 -28.26
C PRO C 116 56.93 30.11 -27.10
N ALA C 117 56.47 30.39 -25.88
CA ALA C 117 57.34 30.26 -24.70
C ALA C 117 57.94 28.85 -24.61
N ILE C 118 57.10 27.84 -24.81
CA ILE C 118 57.56 26.45 -24.73
C ILE C 118 58.53 26.12 -25.85
N GLN C 119 58.20 26.53 -27.08
CA GLN C 119 59.09 26.24 -28.20
C GLN C 119 60.42 26.98 -28.09
N HIS C 120 60.38 28.20 -27.55
CA HIS C 120 61.59 28.99 -27.30
C HIS C 120 62.52 28.23 -26.37
N GLU C 121 62.02 27.74 -25.24
CA GLU C 121 62.87 27.02 -24.30
C GLU C 121 63.40 25.71 -24.84
N VAL C 122 62.58 25.01 -25.63
CA VAL C 122 63.00 23.77 -26.26
C VAL C 122 64.10 24.02 -27.30
N ARG C 123 63.89 24.96 -28.23
CA ARG C 123 64.92 25.29 -29.22
C ARG C 123 66.22 25.68 -28.55
N LYS C 124 66.13 26.57 -27.57
CA LYS C 124 67.30 27.06 -26.85
C LYS C 124 68.06 25.91 -26.19
N PHE C 125 67.34 24.95 -25.61
CA PHE C 125 67.98 23.81 -24.97
C PHE C 125 68.72 22.97 -25.99
N MET C 126 68.01 22.65 -27.08
CA MET C 126 68.58 21.82 -28.13
C MET C 126 69.77 22.51 -28.77
N ALA C 127 69.64 23.80 -29.05
CA ALA C 127 70.72 24.57 -29.66
C ALA C 127 71.96 24.60 -28.76
N ALA C 128 71.74 24.65 -27.45
CA ALA C 128 72.84 24.67 -26.50
C ALA C 128 73.41 23.29 -26.13
N ASN C 129 72.57 22.25 -26.19
CA ASN C 129 72.97 20.93 -25.72
C ASN C 129 73.06 19.85 -26.77
N TRP C 130 72.29 20.00 -27.83
CA TRP C 130 72.27 19.02 -28.92
C TRP C 130 72.90 19.63 -30.12
N ASP C 131 74.02 20.32 -29.91
CA ASP C 131 74.62 21.22 -30.90
C ASP C 131 75.60 20.61 -31.91
N LYS C 132 75.77 19.29 -31.88
CA LYS C 132 76.69 18.62 -32.80
C LYS C 132 75.96 17.78 -33.84
N ASP C 133 76.72 17.23 -34.79
CA ASP C 133 76.14 16.34 -35.79
C ASP C 133 75.43 15.20 -35.10
N GLU C 134 76.02 14.76 -34.01
CA GLU C 134 75.43 13.73 -33.19
C GLU C 134 76.12 13.70 -31.84
N GLY C 135 75.53 13.01 -30.87
CA GLY C 135 76.04 13.00 -29.51
C GLY C 135 75.18 12.13 -28.62
N GLU C 136 75.71 11.79 -27.47
CA GLU C 136 75.01 10.89 -26.56
C GLU C 136 74.47 11.70 -25.39
N ILE C 137 73.28 11.33 -24.94
CA ILE C 137 72.58 12.06 -23.89
C ILE C 137 71.79 11.08 -23.05
N ASN C 138 71.38 11.53 -21.86
CA ASN C 138 70.34 10.83 -21.15
C ASN C 138 68.99 11.49 -21.44
N LEU C 139 68.10 10.75 -22.09
CA LEU C 139 66.85 11.33 -22.56
C LEU C 139 65.93 11.75 -21.42
N LEU C 140 65.87 10.94 -20.37
CA LEU C 140 65.07 11.31 -19.23
C LEU C 140 65.59 12.62 -18.64
N GLU C 141 66.89 12.71 -18.38
CA GLU C 141 67.43 13.95 -17.81
C GLU C 141 67.09 15.14 -18.68
N ASP C 142 67.30 15.00 -19.98
CA ASP C 142 67.13 16.13 -20.88
C ASP C 142 65.65 16.54 -21.00
N CYS C 143 64.74 15.57 -21.06
CA CYS C 143 63.31 15.88 -21.07
C CYS C 143 62.89 16.55 -19.75
N SER C 144 63.50 16.14 -18.65
CA SER C 144 63.23 16.79 -17.36
C SER C 144 63.64 18.25 -17.35
N THR C 145 64.83 18.54 -17.87
CA THR C 145 65.31 19.92 -17.94
C THR C 145 64.42 20.78 -18.80
N MET C 146 64.07 20.26 -19.98
CA MET C 146 63.12 20.97 -20.84
C MET C 146 61.78 21.25 -20.16
N ILE C 147 61.23 20.28 -19.44
CA ILE C 147 59.93 20.45 -18.78
C ILE C 147 60.01 21.54 -17.70
N ILE C 148 61.07 21.52 -16.89
CA ILE C 148 61.20 22.57 -15.89
C ILE C 148 61.42 23.93 -16.55
N ASN C 149 62.28 23.99 -17.56
CA ASN C 149 62.51 25.24 -18.28
C ASN C 149 61.23 25.71 -18.98
N THR C 150 60.53 24.79 -19.67
CA THR C 150 59.31 25.19 -20.40
C THR C 150 58.17 25.60 -19.47
N ALA C 151 57.99 24.81 -18.40
CA ALA C 151 56.94 25.11 -17.42
C ALA C 151 57.19 26.45 -16.72
N CYS C 152 58.43 26.70 -16.30
CA CYS C 152 58.83 28.00 -15.75
C CYS C 152 58.67 29.15 -16.75
N GLN C 153 59.03 28.90 -18.01
CA GLN C 153 58.86 29.95 -19.02
C GLN C 153 57.38 30.30 -19.21
N CYS C 154 56.52 29.30 -19.22
CA CYS C 154 55.09 29.56 -19.35
C CYS C 154 54.47 30.25 -18.15
N LEU C 155 54.83 29.80 -16.96
CA LEU C 155 54.10 30.16 -15.76
C LEU C 155 54.71 31.27 -14.89
N PHE C 156 55.97 31.62 -15.14
CA PHE C 156 56.63 32.69 -14.40
C PHE C 156 57.04 33.83 -15.29
N GLY C 157 56.68 35.05 -14.87
CA GLY C 157 57.18 36.23 -15.55
C GLY C 157 58.70 36.16 -15.54
N GLU C 158 59.31 36.93 -16.44
CA GLU C 158 60.77 36.96 -16.56
C GLU C 158 61.50 37.52 -15.33
N ASP C 159 60.88 38.49 -14.65
CA ASP C 159 61.44 39.00 -13.40
C ASP C 159 61.64 37.81 -12.46
N LEU C 160 60.63 36.97 -12.33
CA LEU C 160 60.70 35.80 -11.47
C LEU C 160 61.82 34.84 -11.88
N ARG C 161 61.96 34.57 -13.17
CA ARG C 161 62.99 33.62 -13.63
C ARG C 161 64.41 34.13 -13.36
N LYS C 162 64.56 35.46 -13.38
CA LYS C 162 65.83 36.11 -13.06
C LYS C 162 66.25 35.84 -11.61
N ARG C 163 65.31 35.95 -10.69
CA ARG C 163 65.54 35.66 -9.28
C ARG C 163 65.48 34.16 -8.99
N LEU C 164 64.60 33.47 -9.69
CA LEU C 164 64.40 32.05 -9.45
C LEU C 164 64.48 31.30 -10.79
N ASP C 165 65.71 30.97 -11.20
CA ASP C 165 65.95 30.29 -12.46
C ASP C 165 65.53 28.83 -12.40
N ALA C 166 65.41 28.20 -13.56
CA ALA C 166 64.97 26.82 -13.66
C ALA C 166 65.78 25.88 -12.79
N ARG C 167 67.10 26.08 -12.77
CA ARG C 167 68.03 25.18 -12.08
C ARG C 167 67.98 25.33 -10.56
N ARG C 168 67.80 26.55 -10.10
CA ARG C 168 67.70 26.81 -8.67
C ARG C 168 66.34 26.36 -8.14
N PHE C 169 65.31 26.59 -8.95
CA PHE C 169 63.97 26.18 -8.59
C PHE C 169 63.94 24.66 -8.45
N ALA C 170 64.51 23.97 -9.43
CA ALA C 170 64.58 22.51 -9.43
C ALA C 170 65.30 21.96 -8.20
N GLN C 171 66.25 22.74 -7.66
CA GLN C 171 66.97 22.36 -6.46
C GLN C 171 66.12 22.43 -5.20
N LEU C 172 65.31 23.49 -5.09
CA LEU C 172 64.43 23.65 -3.95
C LEU C 172 63.31 22.62 -3.99
N LEU C 173 62.77 22.38 -5.18
CA LEU C 173 61.77 21.34 -5.38
C LEU C 173 62.33 19.96 -5.07
N ALA C 174 63.56 19.67 -5.50
CA ALA C 174 64.21 18.39 -5.20
C ALA C 174 64.43 18.18 -3.70
N LYS C 175 64.85 19.24 -2.99
CA LYS C 175 64.96 19.18 -1.53
C LYS C 175 63.63 18.83 -0.83
N MET C 176 62.55 19.45 -1.28
CA MET C 176 61.23 19.17 -0.70
C MET C 176 60.85 17.74 -1.01
N GLU C 177 61.06 17.35 -2.27
CA GLU C 177 60.71 16.05 -2.75
C GLU C 177 61.44 14.93 -2.02
N SER C 178 62.74 15.10 -1.83
CA SER C 178 63.56 14.04 -1.26
C SER C 178 63.30 13.89 0.24
N SER C 179 62.56 14.85 0.80
CA SER C 179 62.22 14.75 2.19
C SER C 179 60.86 14.05 2.38
N LEU C 180 60.14 13.79 1.29
CA LEU C 180 58.83 13.15 1.40
C LEU C 180 58.92 11.68 1.78
N ILE C 181 57.97 11.24 2.61
CA ILE C 181 57.84 9.83 2.94
C ILE C 181 56.45 9.32 2.55
N PRO C 182 56.30 8.83 1.30
CA PRO C 182 54.98 8.37 0.82
C PRO C 182 54.34 7.28 1.70
N ALA C 183 55.16 6.42 2.28
CA ALA C 183 54.68 5.37 3.18
C ALA C 183 53.92 5.90 4.40
N ALA C 184 54.09 7.18 4.74
CA ALA C 184 53.33 7.80 5.83
C ALA C 184 51.83 7.71 5.60
N VAL C 185 51.39 7.64 4.36
CA VAL C 185 49.98 7.41 4.08
C VAL C 185 49.49 6.20 4.90
N PHE C 186 50.36 5.23 5.13
CA PHE C 186 49.97 3.97 5.78
C PHE C 186 50.56 3.83 7.16
N LEU C 187 51.40 4.78 7.52
CA LEU C 187 51.96 4.85 8.85
C LEU C 187 51.81 6.30 9.31
N PRO C 188 50.57 6.78 9.45
CA PRO C 188 50.29 8.18 9.72
C PRO C 188 50.93 8.71 11.01
N ILE C 189 51.28 7.81 11.93
CA ILE C 189 52.00 8.19 13.13
C ILE C 189 53.31 8.91 12.81
N LEU C 190 53.87 8.63 11.64
CA LEU C 190 55.12 9.26 11.21
C LEU C 190 55.00 10.76 11.17
N LEU C 191 53.89 11.23 10.63
CA LEU C 191 53.69 12.65 10.43
C LEU C 191 53.52 13.45 11.73
N LYS C 192 53.34 12.76 12.85
CA LYS C 192 53.20 13.45 14.13
C LYS C 192 54.50 13.50 14.90
N LEU C 193 55.53 12.81 14.38
CA LEU C 193 56.85 12.80 15.03
C LEU C 193 57.72 13.95 14.53
N PRO C 194 58.70 14.38 15.35
CA PRO C 194 59.70 15.30 14.82
C PRO C 194 60.63 14.54 13.88
N LEU C 195 60.62 14.93 12.62
CA LEU C 195 61.51 14.31 11.65
C LEU C 195 62.36 15.38 11.04
N PRO C 196 63.67 15.11 10.92
CA PRO C 196 64.57 15.98 10.17
C PRO C 196 64.01 16.29 8.78
N GLN C 197 63.40 15.29 8.13
CA GLN C 197 62.80 15.47 6.81
C GLN C 197 61.71 16.54 6.78
N SER C 198 60.94 16.64 7.85
CA SER C 198 59.92 17.68 7.95
C SER C 198 60.59 19.04 8.03
N ALA C 199 61.62 19.13 8.88
CA ALA C 199 62.45 20.32 9.04
C ALA C 199 63.02 20.80 7.70
N ARG C 200 63.74 19.90 7.04
CA ARG C 200 64.29 20.15 5.71
C ARG C 200 63.21 20.64 4.75
N CYS C 201 62.07 19.97 4.78
CA CYS C 201 60.98 20.36 3.91
C CYS C 201 60.56 21.81 4.18
N HIS C 202 60.33 22.14 5.45
CA HIS C 202 59.99 23.50 5.85
C HIS C 202 61.01 24.50 5.40
N GLU C 203 62.29 24.18 5.54
CA GLU C 203 63.38 25.07 5.13
C GLU C 203 63.22 25.49 3.68
N ALA C 204 63.11 24.50 2.80
CA ALA C 204 63.03 24.74 1.37
C ALA C 204 61.77 25.51 0.99
N ARG C 205 60.63 25.18 1.59
CA ARG C 205 59.38 25.88 1.30
C ARG C 205 59.55 27.35 1.70
N THR C 206 60.01 27.56 2.93
CA THR C 206 60.29 28.88 3.48
C THR C 206 61.21 29.72 2.61
N GLU C 207 62.31 29.12 2.16
CA GLU C 207 63.22 29.79 1.24
C GLU C 207 62.54 30.14 -0.08
N LEU C 208 61.66 29.28 -0.56
CA LEU C 208 60.96 29.57 -1.82
C LEU C 208 59.96 30.70 -1.62
N GLN C 209 59.26 30.69 -0.50
CA GLN C 209 58.26 31.71 -0.22
C GLN C 209 58.92 33.07 -0.03
N LYS C 210 60.11 33.06 0.55
CA LYS C 210 60.92 34.25 0.72
C LYS C 210 61.20 34.86 -0.65
N ILE C 211 61.66 34.02 -1.58
CA ILE C 211 61.93 34.48 -2.95
C ILE C 211 60.69 35.05 -3.65
N LEU C 212 59.53 34.41 -3.48
CA LEU C 212 58.31 34.93 -4.11
C LEU C 212 57.94 36.28 -3.50
N SER C 213 58.16 36.40 -2.19
CA SER C 213 57.83 37.61 -1.45
C SER C 213 58.62 38.78 -2.01
N GLU C 214 59.90 38.53 -2.30
CA GLU C 214 60.79 39.51 -2.92
C GLU C 214 60.32 39.94 -4.31
N ILE C 215 59.94 38.97 -5.13
CA ILE C 215 59.41 39.27 -6.46
C ILE C 215 58.18 40.16 -6.36
N ILE C 216 57.24 39.77 -5.50
CA ILE C 216 55.98 40.50 -5.29
C ILE C 216 56.24 41.94 -4.86
N ILE C 217 57.25 42.14 -4.02
CA ILE C 217 57.65 43.48 -3.59
C ILE C 217 58.19 44.26 -4.78
N ALA C 218 59.12 43.64 -5.52
CA ALA C 218 59.69 44.26 -6.73
C ALA C 218 58.59 44.63 -7.72
N ARG C 219 57.55 43.81 -7.79
CA ARG C 219 56.46 44.04 -8.74
C ARG C 219 55.56 45.20 -8.36
N LYS C 220 55.30 45.35 -7.07
CA LYS C 220 54.51 46.48 -6.64
C LYS C 220 55.29 47.77 -6.90
N GLU C 221 56.63 47.68 -6.81
CA GLU C 221 57.53 48.81 -7.10
C GLU C 221 57.55 49.09 -8.59
N GLU C 222 57.53 48.03 -9.40
CA GLU C 222 57.39 48.13 -10.84
C GLU C 222 56.12 48.90 -11.22
N GLU C 223 55.01 48.54 -10.59
CA GLU C 223 53.71 49.14 -10.91
C GLU C 223 53.59 50.63 -10.56
N VAL C 224 54.33 51.05 -9.54
CA VAL C 224 54.41 52.45 -9.20
C VAL C 224 55.36 53.19 -10.16
N ASN C 225 56.55 52.63 -10.37
CA ASN C 225 57.56 53.24 -11.25
C ASN C 225 57.17 53.20 -12.73
N LYS C 226 56.85 52.01 -13.26
CA LYS C 226 56.50 51.85 -14.69
C LYS C 226 55.16 51.21 -15.16
N ASP C 227 54.31 50.74 -14.24
CA ASP C 227 53.09 49.98 -14.61
C ASP C 227 53.33 48.59 -15.23
N SER C 228 54.54 48.07 -15.07
CA SER C 228 54.90 46.79 -15.67
C SER C 228 54.20 45.67 -14.91
N SER C 229 52.94 45.48 -15.29
CA SER C 229 52.05 44.52 -14.72
C SER C 229 52.47 43.19 -15.33
N THR C 230 53.58 42.63 -14.84
CA THR C 230 54.06 41.34 -15.31
C THR C 230 53.02 40.34 -14.86
N SER C 231 52.38 39.72 -15.84
CA SER C 231 51.29 38.81 -15.61
C SER C 231 51.73 37.35 -15.81
N ASP C 232 51.37 36.52 -14.86
CA ASP C 232 51.83 35.14 -14.83
C ASP C 232 51.02 34.35 -13.82
N LEU C 233 51.44 33.13 -13.56
CA LEU C 233 50.75 32.31 -12.58
C LEU C 233 50.75 33.00 -11.23
N LEU C 234 51.87 33.63 -10.87
CA LEU C 234 51.96 34.26 -9.56
C LEU C 234 50.95 35.41 -9.40
N SER C 235 50.94 36.31 -10.36
CA SER C 235 50.02 37.45 -10.29
C SER C 235 48.55 37.02 -10.36
N GLY C 236 48.25 36.03 -11.20
CA GLY C 236 46.88 35.54 -11.30
C GLY C 236 46.38 34.96 -10.01
N LEU C 237 47.19 34.11 -9.38
CA LEU C 237 46.81 33.52 -8.08
C LEU C 237 46.73 34.60 -7.00
N LEU C 238 47.50 35.66 -7.18
CA LEU C 238 47.47 36.78 -6.25
C LEU C 238 46.23 37.66 -6.42
N SER C 239 45.66 37.69 -7.62
CA SER C 239 44.44 38.46 -7.83
C SER C 239 43.18 37.66 -7.48
N ALA C 240 43.36 36.46 -6.97
CA ALA C 240 42.21 35.59 -6.64
C ALA C 240 41.56 35.98 -5.32
N VAL C 241 40.23 35.98 -5.31
CA VAL C 241 39.46 36.26 -4.11
C VAL C 241 38.40 35.17 -3.89
N TYR C 242 38.38 34.61 -2.67
CA TYR C 242 37.47 33.52 -2.33
C TYR C 242 36.04 34.02 -2.31
N ARG C 243 35.08 33.10 -2.28
CA ARG C 243 33.69 33.51 -2.27
C ARG C 243 33.29 34.21 -0.96
N ASP C 244 34.11 34.06 0.08
CA ASP C 244 33.92 34.82 1.32
C ASP C 244 34.53 36.23 1.26
N GLY C 245 35.08 36.61 0.11
CA GLY C 245 35.62 37.96 -0.07
C GLY C 245 37.06 38.19 0.39
N THR C 246 37.67 37.19 1.02
CA THR C 246 39.08 37.27 1.45
C THR C 246 40.02 36.89 0.31
N PRO C 247 41.20 37.51 0.23
CA PRO C 247 42.15 37.20 -0.84
C PRO C 247 43.01 35.98 -0.51
N MET C 248 43.58 35.35 -1.53
CA MET C 248 44.53 34.26 -1.32
C MET C 248 45.83 34.82 -0.71
N SER C 249 46.25 34.22 0.40
CA SER C 249 47.47 34.65 1.08
C SER C 249 48.70 34.13 0.35
N LEU C 250 49.84 34.74 0.63
CA LEU C 250 51.10 34.34 0.02
C LEU C 250 51.42 32.89 0.36
N HIS C 251 51.26 32.53 1.63
CA HIS C 251 51.44 31.17 2.09
C HIS C 251 50.67 30.21 1.21
N GLU C 252 49.45 30.59 0.87
CA GLU C 252 48.61 29.79 0.00
C GLU C 252 49.12 29.76 -1.44
N VAL C 253 49.46 30.92 -1.98
CA VAL C 253 49.96 31.03 -3.33
C VAL C 253 51.24 30.21 -3.53
N CYS C 254 52.19 30.37 -2.62
CA CYS C 254 53.42 29.58 -2.61
C CYS C 254 53.10 28.09 -2.64
N GLY C 255 52.14 27.68 -1.83
CA GLY C 255 51.70 26.29 -1.76
C GLY C 255 51.12 25.77 -3.06
N MET C 256 50.28 26.59 -3.69
CA MET C 256 49.64 26.24 -4.96
C MET C 256 50.69 26.08 -6.05
N ILE C 257 51.67 26.99 -6.04
CA ILE C 257 52.72 27.02 -7.05
C ILE C 257 53.62 25.80 -6.92
N VAL C 258 54.05 25.52 -5.69
CA VAL C 258 54.84 24.33 -5.40
C VAL C 258 54.07 23.07 -5.80
N ALA C 259 52.81 23.00 -5.40
CA ALA C 259 51.98 21.83 -5.71
C ALA C 259 51.78 21.65 -7.22
N ALA C 260 51.56 22.75 -7.93
CA ALA C 260 51.43 22.71 -9.38
C ALA C 260 52.71 22.14 -10.01
N MET C 261 53.87 22.66 -9.60
CA MET C 261 55.16 22.16 -10.09
C MET C 261 55.39 20.70 -9.81
N PHE C 262 55.11 20.29 -8.57
CA PHE C 262 55.15 18.89 -8.19
C PHE C 262 54.31 18.02 -9.09
N ALA C 263 53.06 18.43 -9.32
CA ALA C 263 52.15 17.66 -10.16
C ALA C 263 52.72 17.53 -11.56
N GLY C 264 53.10 18.66 -12.13
CA GLY C 264 53.39 18.74 -13.57
C GLY C 264 54.76 18.26 -14.00
N GLN C 265 55.72 18.32 -13.08
CA GLN C 265 57.12 18.12 -13.45
C GLN C 265 57.42 16.72 -13.96
N HIS C 266 57.32 15.73 -13.08
CA HIS C 266 57.69 14.38 -13.45
C HIS C 266 56.76 13.73 -14.46
N THR C 267 55.46 13.85 -14.24
CA THR C 267 54.49 13.27 -15.16
C THR C 267 54.74 13.72 -16.61
N SER C 268 54.97 15.01 -16.81
CA SER C 268 55.19 15.53 -18.15
C SER C 268 56.54 15.11 -18.73
N SER C 269 57.59 15.19 -17.92
CA SER C 269 58.92 14.71 -18.33
C SER C 269 58.86 13.26 -18.79
N ILE C 270 58.19 12.44 -17.98
CA ILE C 270 58.07 11.00 -18.18
C ILE C 270 57.25 10.62 -19.41
N THR C 271 56.15 11.33 -19.62
CA THR C 271 55.32 11.14 -20.81
C THR C 271 56.12 11.49 -22.07
N THR C 272 56.85 12.59 -22.00
CA THR C 272 57.70 13.04 -23.10
C THR C 272 58.76 11.99 -23.39
N THR C 273 59.42 11.49 -22.34
CA THR C 273 60.51 10.54 -22.47
C THR C 273 60.02 9.24 -23.08
N TRP C 274 59.00 8.66 -22.49
CA TRP C 274 58.42 7.44 -23.07
C TRP C 274 58.04 7.66 -24.51
N SER C 275 57.42 8.79 -24.81
CA SER C 275 56.95 9.02 -26.19
C SER C 275 58.11 9.01 -27.17
N MET C 276 59.22 9.66 -26.80
CA MET C 276 60.37 9.69 -27.66
C MET C 276 61.06 8.32 -27.74
N LEU C 277 61.02 7.56 -26.66
CA LEU C 277 61.64 6.23 -26.64
C LEU C 277 60.94 5.33 -27.65
N HIS C 278 59.61 5.30 -27.56
CA HIS C 278 58.78 4.49 -28.45
C HIS C 278 58.95 4.89 -29.89
N LEU C 279 58.87 6.19 -30.16
CA LEU C 279 58.90 6.74 -31.52
C LEU C 279 60.25 6.50 -32.22
N MET C 280 61.32 6.42 -31.44
CA MET C 280 62.67 6.18 -32.00
C MET C 280 63.00 4.70 -32.15
N HIS C 281 62.17 3.83 -31.57
CA HIS C 281 62.38 2.41 -31.64
C HIS C 281 62.02 1.84 -32.99
N PRO C 282 62.94 1.06 -33.59
CA PRO C 282 62.79 0.46 -34.92
C PRO C 282 61.41 -0.11 -35.21
N ALA C 283 60.83 -0.81 -34.25
CA ALA C 283 59.52 -1.44 -34.44
C ALA C 283 58.39 -0.46 -34.67
N ASN C 284 58.68 0.84 -34.58
CA ASN C 284 57.65 1.88 -34.61
C ASN C 284 57.85 2.88 -35.73
N VAL C 285 58.67 2.50 -36.71
CA VAL C 285 59.03 3.43 -37.77
C VAL C 285 57.79 3.94 -38.52
N LYS C 286 56.74 3.11 -38.58
CA LYS C 286 55.46 3.54 -39.17
C LYS C 286 54.96 4.78 -38.43
N HIS C 287 54.97 4.70 -37.11
CA HIS C 287 54.48 5.80 -36.26
C HIS C 287 55.39 6.99 -36.27
N LEU C 288 56.70 6.77 -36.33
CA LEU C 288 57.61 7.89 -36.51
C LEU C 288 57.26 8.61 -37.82
N GLU C 289 57.12 7.83 -38.90
CA GLU C 289 56.77 8.38 -40.20
C GLU C 289 55.44 9.15 -40.14
N ALA C 290 54.43 8.56 -39.50
CA ALA C 290 53.15 9.25 -39.29
C ALA C 290 53.28 10.60 -38.55
N LEU C 291 54.12 10.64 -37.52
CA LEU C 291 54.33 11.87 -36.77
C LEU C 291 54.98 12.93 -37.64
N ARG C 292 55.98 12.47 -38.41
CA ARG C 292 56.72 13.32 -39.32
C ARG C 292 55.79 13.93 -40.37
N LYS C 293 54.87 13.10 -40.88
CA LYS C 293 53.90 13.56 -41.86
C LYS C 293 53.02 14.64 -41.26
N GLU C 294 52.62 14.46 -40.01
CA GLU C 294 51.79 15.45 -39.32
C GLU C 294 52.52 16.77 -39.00
N ILE C 295 53.77 16.70 -38.57
CA ILE C 295 54.51 17.92 -38.19
C ILE C 295 55.23 18.54 -39.39
N GLU C 296 55.26 17.78 -40.47
CA GLU C 296 55.79 18.14 -41.78
C GLU C 296 55.25 19.44 -42.36
N GLU C 297 53.96 19.69 -42.13
CA GLU C 297 53.26 20.79 -42.77
C GLU C 297 53.25 22.07 -41.94
N PHE C 298 53.99 22.06 -40.84
CA PHE C 298 54.02 23.24 -39.96
C PHE C 298 55.15 24.17 -40.33
N PRO C 299 54.96 25.46 -40.05
CA PRO C 299 56.03 26.44 -40.24
C PRO C 299 57.08 26.31 -39.14
N ALA C 300 58.28 26.83 -39.40
CA ALA C 300 59.38 26.75 -38.43
C ALA C 300 58.87 27.05 -37.02
N GLN C 301 58.00 28.03 -36.90
CA GLN C 301 57.47 28.41 -35.60
C GLN C 301 56.01 28.04 -35.34
N LEU C 302 55.83 27.06 -34.47
CA LEU C 302 54.50 26.59 -34.07
C LEU C 302 53.63 27.68 -33.45
N ASN C 303 52.32 27.47 -33.53
CA ASN C 303 51.37 28.32 -32.84
C ASN C 303 50.29 27.49 -32.17
N TYR C 304 49.37 28.19 -31.52
CA TYR C 304 48.29 27.57 -30.76
C TYR C 304 47.49 26.53 -31.58
N ASN C 305 47.11 26.92 -32.80
CA ASN C 305 46.34 26.04 -33.69
C ASN C 305 47.09 24.75 -34.00
N ASN C 306 48.32 24.91 -34.48
CA ASN C 306 49.21 23.78 -34.75
C ASN C 306 49.16 22.73 -33.65
N VAL C 307 49.44 23.12 -32.41
CA VAL C 307 49.62 22.16 -31.33
C VAL C 307 48.30 21.65 -30.78
N MET C 308 47.33 22.56 -30.65
CA MET C 308 46.05 22.21 -30.05
C MET C 308 45.10 21.51 -31.02
N ASP C 309 45.11 21.90 -32.28
CA ASP C 309 44.12 21.37 -33.20
C ASP C 309 44.72 20.49 -34.29
N GLU C 310 45.99 20.72 -34.62
CA GLU C 310 46.60 20.09 -35.79
C GLU C 310 47.62 18.99 -35.47
N MET C 311 47.54 18.44 -34.25
CA MET C 311 48.47 17.38 -33.83
C MET C 311 47.76 16.21 -33.17
N PRO C 312 46.74 15.64 -33.85
CA PRO C 312 46.05 14.52 -33.22
C PRO C 312 46.92 13.27 -33.07
N PHE C 313 47.88 13.06 -33.96
CA PHE C 313 48.70 11.85 -33.86
C PHE C 313 49.73 11.95 -32.74
N ALA C 314 50.41 13.10 -32.65
CA ALA C 314 51.29 13.35 -31.53
C ALA C 314 50.54 13.19 -30.20
N GLU C 315 49.29 13.65 -30.16
CA GLU C 315 48.51 13.48 -28.95
C GLU C 315 48.23 12.01 -28.61
N ARG C 316 47.87 11.23 -29.63
CA ARG C 316 47.73 9.79 -29.49
C ARG C 316 49.02 9.14 -28.98
N CYS C 317 50.16 9.61 -29.48
CA CYS C 317 51.44 9.08 -29.01
C CYS C 317 51.60 9.32 -27.52
N ALA C 318 51.35 10.55 -27.09
CA ALA C 318 51.47 10.87 -25.66
C ALA C 318 50.51 10.06 -24.81
N ARG C 319 49.25 9.97 -25.23
CA ARG C 319 48.26 9.29 -24.41
C ARG C 319 48.51 7.80 -24.32
N GLU C 320 49.01 7.21 -25.41
CA GLU C 320 49.28 5.77 -25.42
C GLU C 320 50.50 5.44 -24.56
N SER C 321 51.47 6.35 -24.51
CA SER C 321 52.61 6.19 -23.59
C SER C 321 52.17 6.15 -22.13
N ILE C 322 51.22 7.03 -21.78
CA ILE C 322 50.59 7.05 -20.45
C ILE C 322 49.69 5.83 -20.27
N ARG C 323 48.97 5.46 -21.32
CA ARG C 323 48.17 4.23 -21.27
C ARG C 323 49.07 3.02 -20.93
N ARG C 324 50.14 2.83 -21.68
CA ARG C 324 51.01 1.68 -21.46
C ARG C 324 51.73 1.73 -20.11
N ASP C 325 52.32 2.89 -19.80
CA ASP C 325 53.09 3.06 -18.56
C ASP C 325 52.66 4.33 -17.82
N PRO C 326 51.54 4.25 -17.10
CA PRO C 326 51.05 5.46 -16.44
C PRO C 326 51.99 5.88 -15.32
N PRO C 327 52.39 7.16 -15.30
CA PRO C 327 53.29 7.62 -14.24
C PRO C 327 52.71 7.43 -12.83
N LEU C 328 51.39 7.55 -12.70
CA LEU C 328 50.73 7.33 -11.42
C LEU C 328 50.01 5.99 -11.42
N LEU C 329 50.49 5.07 -10.57
CA LEU C 329 50.07 3.66 -10.62
C LEU C 329 48.76 3.37 -9.90
N MET C 330 48.46 4.20 -8.89
CA MET C 330 47.35 3.98 -7.97
C MET C 330 46.70 5.31 -7.60
N LEU C 331 45.39 5.39 -7.77
CA LEU C 331 44.61 6.56 -7.38
C LEU C 331 43.82 6.12 -6.16
N MET C 332 43.82 6.94 -5.12
CA MET C 332 43.35 6.46 -3.82
C MET C 332 42.39 7.41 -3.11
N ARG C 333 41.45 6.83 -2.37
CA ARG C 333 40.54 7.61 -1.55
C ARG C 333 40.30 6.89 -0.26
N LYS C 334 40.05 7.67 0.79
CA LYS C 334 39.54 7.15 2.04
C LYS C 334 38.04 6.98 1.88
N VAL C 335 37.53 5.80 2.23
CA VAL C 335 36.09 5.55 2.20
C VAL C 335 35.45 6.12 3.46
N MET C 336 34.68 7.19 3.27
CA MET C 336 34.09 7.93 4.39
C MET C 336 32.74 7.35 4.82
N ALA C 337 32.09 6.66 3.88
CA ALA C 337 30.81 6.01 4.11
C ALA C 337 30.69 4.84 3.14
N ASP C 338 30.13 3.72 3.60
CA ASP C 338 29.97 2.53 2.76
C ASP C 338 29.56 2.87 1.33
N VAL C 339 30.11 2.14 0.38
CA VAL C 339 29.84 2.40 -1.04
C VAL C 339 29.69 1.13 -1.84
N LYS C 340 28.84 1.20 -2.85
CA LYS C 340 28.52 0.06 -3.69
C LYS C 340 29.42 0.01 -4.93
N VAL C 341 30.07 -1.13 -5.13
CA VAL C 341 30.95 -1.33 -6.29
C VAL C 341 30.74 -2.71 -6.88
N GLY C 342 30.28 -2.76 -8.13
CA GLY C 342 29.91 -4.02 -8.75
C GLY C 342 28.90 -4.72 -7.87
N SER C 343 29.22 -5.94 -7.43
CA SER C 343 28.34 -6.68 -6.54
C SER C 343 28.84 -6.72 -5.09
N TYR C 344 29.69 -5.76 -4.72
CA TYR C 344 30.20 -5.68 -3.35
C TYR C 344 29.89 -4.34 -2.70
N VAL C 345 30.02 -4.31 -1.38
CA VAL C 345 30.03 -3.06 -0.63
C VAL C 345 31.42 -2.84 -0.02
N VAL C 346 32.03 -1.71 -0.36
CA VAL C 346 33.31 -1.31 0.21
C VAL C 346 33.04 -0.54 1.49
N PRO C 347 33.52 -1.06 2.64
CA PRO C 347 33.19 -0.49 3.95
C PRO C 347 33.93 0.80 4.26
N LYS C 348 33.22 1.76 4.87
CA LYS C 348 33.86 2.95 5.44
C LYS C 348 35.10 2.52 6.22
N GLY C 349 36.16 3.32 6.17
CA GLY C 349 37.40 2.99 6.87
C GLY C 349 38.48 2.45 5.93
N ASP C 350 38.06 1.81 4.84
CA ASP C 350 38.98 1.33 3.83
C ASP C 350 39.61 2.49 3.06
N ILE C 351 40.75 2.19 2.45
CA ILE C 351 41.25 2.95 1.34
C ILE C 351 40.72 2.27 0.07
N ILE C 352 40.09 3.03 -0.80
CA ILE C 352 39.68 2.49 -2.08
C ILE C 352 40.62 3.00 -3.17
N ALA C 353 40.98 2.10 -4.08
CA ALA C 353 41.93 2.44 -5.11
C ALA C 353 41.46 2.06 -6.51
N CYS C 354 41.82 2.89 -7.47
CA CYS C 354 41.64 2.56 -8.87
C CYS C 354 43.00 2.67 -9.58
N SER C 355 43.52 1.55 -10.06
CA SER C 355 44.90 1.52 -10.59
C SER C 355 44.97 1.76 -12.09
N PRO C 356 45.48 2.94 -12.50
CA PRO C 356 45.73 3.07 -13.93
C PRO C 356 46.61 1.93 -14.45
N LEU C 357 47.56 1.46 -13.65
CA LEU C 357 48.44 0.39 -14.09
C LEU C 357 47.63 -0.87 -14.42
N LEU C 358 46.81 -1.30 -13.47
CA LEU C 358 46.04 -2.52 -13.62
C LEU C 358 45.04 -2.37 -14.75
N SER C 359 44.20 -1.34 -14.67
CA SER C 359 43.15 -1.15 -15.66
C SER C 359 43.68 -1.00 -17.08
N HIS C 360 44.82 -0.34 -17.24
CA HIS C 360 45.40 -0.14 -18.57
C HIS C 360 45.98 -1.43 -19.13
N HIS C 361 46.00 -2.48 -18.32
CA HIS C 361 46.44 -3.80 -18.80
C HIS C 361 45.36 -4.84 -18.80
N ASP C 362 44.11 -4.39 -18.63
CA ASP C 362 42.94 -5.25 -18.79
C ASP C 362 42.82 -5.65 -20.28
N GLU C 363 42.88 -6.95 -20.54
CA GLU C 363 43.03 -7.47 -21.90
C GLU C 363 41.80 -7.23 -22.79
N GLU C 364 40.63 -7.10 -22.16
CA GLU C 364 39.41 -6.71 -22.86
C GLU C 364 39.48 -5.25 -23.32
N ALA C 365 39.83 -4.36 -22.39
CA ALA C 365 39.89 -2.93 -22.68
C ALA C 365 41.06 -2.62 -23.59
N PHE C 366 42.19 -3.28 -23.36
CA PHE C 366 43.42 -3.05 -24.14
C PHE C 366 44.12 -4.35 -24.53
N PRO C 367 43.66 -5.01 -25.61
CA PRO C 367 44.29 -6.25 -26.08
C PRO C 367 45.77 -6.03 -26.33
N GLU C 368 46.60 -6.99 -25.92
CA GLU C 368 48.05 -6.84 -26.07
C GLU C 368 48.55 -5.55 -25.40
N PRO C 369 48.24 -5.38 -24.11
CA PRO C 369 48.49 -4.13 -23.40
C PRO C 369 49.97 -3.70 -23.39
N ARG C 370 50.90 -4.65 -23.49
CA ARG C 370 52.31 -4.25 -23.54
C ARG C 370 52.79 -3.72 -24.90
N ARG C 371 51.98 -3.89 -25.94
CA ARG C 371 52.29 -3.27 -27.22
C ARG C 371 51.88 -1.80 -27.21
N TRP C 372 52.81 -0.92 -27.60
CA TRP C 372 52.57 0.50 -27.73
C TRP C 372 51.99 0.73 -29.08
N ASP C 373 50.74 1.17 -29.12
CA ASP C 373 50.04 1.38 -30.38
C ASP C 373 49.18 2.64 -30.29
N PRO C 374 49.68 3.75 -30.83
CA PRO C 374 48.92 4.98 -30.63
C PRO C 374 47.62 5.06 -31.45
N GLU C 375 47.37 4.07 -32.33
CA GLU C 375 46.13 3.99 -33.13
C GLU C 375 45.02 3.28 -32.36
N ARG C 376 45.39 2.62 -31.27
CA ARG C 376 44.39 1.94 -30.46
C ARG C 376 43.38 2.91 -29.85
N ASP C 377 42.22 2.38 -29.49
CA ASP C 377 41.30 3.08 -28.60
C ASP C 377 40.92 2.07 -27.58
N GLU C 378 40.57 2.55 -26.38
CA GLU C 378 40.02 1.70 -25.34
C GLU C 378 38.85 0.94 -25.92
N LYS C 379 38.81 -0.36 -25.66
CA LYS C 379 37.65 -1.23 -25.91
C LYS C 379 36.47 -0.96 -24.98
N VAL C 380 36.78 -0.76 -23.71
CA VAL C 380 35.80 -0.57 -22.66
C VAL C 380 35.76 0.94 -22.42
N GLU C 381 34.56 1.52 -22.42
CA GLU C 381 34.42 2.98 -22.32
C GLU C 381 34.86 3.47 -20.95
N GLY C 382 35.79 4.43 -20.93
CA GLY C 382 36.31 4.98 -19.67
C GLY C 382 37.36 4.09 -19.01
N ALA C 383 37.91 3.16 -19.79
CA ALA C 383 38.98 2.29 -19.30
C ALA C 383 40.30 3.05 -19.08
N PHE C 384 40.57 4.04 -19.94
CA PHE C 384 41.75 4.89 -19.83
C PHE C 384 41.54 5.90 -18.72
N ILE C 385 42.36 5.80 -17.68
CA ILE C 385 42.27 6.68 -16.52
C ILE C 385 43.65 7.27 -16.18
N GLY C 386 44.43 7.50 -17.23
CA GLY C 386 45.77 8.09 -17.13
C GLY C 386 45.78 9.52 -16.61
N PHE C 387 44.67 10.24 -16.86
CA PHE C 387 44.45 11.57 -16.25
C PHE C 387 43.31 11.55 -15.24
N GLY C 388 43.02 10.37 -14.68
CA GLY C 388 41.92 10.19 -13.73
C GLY C 388 40.58 10.51 -14.40
N ALA C 389 39.58 10.92 -13.63
CA ALA C 389 38.29 11.33 -14.19
C ALA C 389 37.30 11.73 -13.09
N GLY C 390 36.11 12.19 -13.49
CA GLY C 390 35.05 12.52 -12.53
C GLY C 390 35.44 13.67 -11.63
N VAL C 391 35.24 13.49 -10.32
CA VAL C 391 35.34 14.61 -9.39
C VAL C 391 36.76 15.15 -9.24
N HIS C 392 37.76 14.29 -9.48
CA HIS C 392 39.15 14.67 -9.26
C HIS C 392 40.01 14.53 -10.49
N LYS C 393 39.45 14.83 -11.65
CA LYS C 393 40.18 14.66 -12.89
C LYS C 393 41.30 15.68 -12.97
N CYS C 394 42.30 15.38 -13.79
CA CYS C 394 43.49 16.20 -13.86
C CYS C 394 43.19 17.53 -14.50
N ILE C 395 43.47 18.61 -13.78
CA ILE C 395 43.25 19.93 -14.33
C ILE C 395 44.45 20.41 -15.15
N GLY C 396 45.58 19.71 -15.07
CA GLY C 396 46.77 20.11 -15.83
C GLY C 396 46.93 19.35 -17.14
N GLN C 397 45.98 18.47 -17.43
CA GLN C 397 46.11 17.55 -18.56
C GLN C 397 46.46 18.28 -19.84
N LYS C 398 45.73 19.35 -20.11
CA LYS C 398 45.94 20.08 -21.36
C LYS C 398 47.29 20.80 -21.46
N PHE C 399 47.78 21.30 -20.33
CA PHE C 399 49.02 22.07 -20.36
C PHE C 399 50.16 21.04 -20.43
N GLY C 400 50.02 19.96 -19.67
CA GLY C 400 50.99 18.85 -19.73
C GLY C 400 51.21 18.33 -21.15
N LEU C 401 50.11 18.04 -21.86
CA LEU C 401 50.19 17.54 -23.24
C LEU C 401 50.69 18.61 -24.18
N LEU C 402 50.34 19.86 -23.92
CA LEU C 402 50.87 20.96 -24.71
C LEU C 402 52.39 20.93 -24.72
N GLN C 403 52.99 20.81 -23.53
CA GLN C 403 54.45 20.66 -23.42
C GLN C 403 54.95 19.41 -24.13
N VAL C 404 54.27 18.27 -23.94
CA VAL C 404 54.76 17.02 -24.53
C VAL C 404 54.73 17.12 -26.06
N LYS C 405 53.59 17.54 -26.60
CA LYS C 405 53.42 17.62 -28.05
C LYS C 405 54.37 18.65 -28.65
N THR C 406 54.56 19.79 -27.97
CA THR C 406 55.49 20.78 -28.47
C THR C 406 56.93 20.26 -28.51
N ILE C 407 57.31 19.48 -27.50
CA ILE C 407 58.65 18.89 -27.46
C ILE C 407 58.79 17.85 -28.57
N LEU C 408 57.77 17.01 -28.73
CA LEU C 408 57.80 15.99 -29.79
C LEU C 408 57.95 16.63 -31.18
N ALA C 409 57.15 17.66 -31.45
CA ALA C 409 57.23 18.37 -32.74
C ALA C 409 58.60 18.98 -32.98
N THR C 410 59.15 19.66 -31.98
CA THR C 410 60.43 20.35 -32.15
C THR C 410 61.61 19.37 -32.28
N ALA C 411 61.63 18.34 -31.44
CA ALA C 411 62.70 17.34 -31.49
C ALA C 411 62.75 16.56 -32.81
N PHE C 412 61.62 15.99 -33.21
CA PHE C 412 61.60 15.10 -34.36
C PHE C 412 61.66 15.84 -35.68
N ARG C 413 61.49 17.15 -35.59
CA ARG C 413 61.66 18.02 -36.74
C ARG C 413 63.14 18.21 -37.10
N SER C 414 64.00 18.39 -36.10
CA SER C 414 65.41 18.68 -36.36
C SER C 414 66.37 17.49 -36.13
N TYR C 415 65.88 16.44 -35.47
CA TYR C 415 66.74 15.35 -35.02
C TYR C 415 66.14 13.99 -35.27
N ASP C 416 67.02 13.01 -35.49
CA ASP C 416 66.67 11.63 -35.31
C ASP C 416 67.34 11.16 -34.04
N PHE C 417 66.85 10.05 -33.49
CA PHE C 417 67.43 9.51 -32.26
C PHE C 417 67.65 8.02 -32.36
N GLN C 418 68.75 7.55 -31.76
CA GLN C 418 68.95 6.11 -31.67
C GLN C 418 68.93 5.63 -30.23
N LEU C 419 68.03 4.70 -29.95
CA LEU C 419 67.96 4.02 -28.66
C LEU C 419 69.25 3.20 -28.53
N LEU C 420 69.97 3.34 -27.42
CA LEU C 420 71.24 2.64 -27.26
C LEU C 420 71.12 1.25 -26.64
N ARG C 421 69.98 0.62 -26.86
CA ARG C 421 69.74 -0.73 -26.39
C ARG C 421 68.71 -1.34 -27.30
N ASP C 422 68.46 -2.62 -27.12
CA ASP C 422 67.55 -3.35 -28.01
C ASP C 422 66.07 -3.01 -27.81
N GLU C 423 65.63 -2.95 -26.56
CA GLU C 423 64.22 -2.65 -26.25
C GLU C 423 64.06 -1.29 -25.57
N VAL C 424 62.82 -0.80 -25.52
CA VAL C 424 62.53 0.42 -24.77
C VAL C 424 62.77 0.12 -23.28
N PRO C 425 63.25 1.10 -22.51
CA PRO C 425 63.53 0.82 -21.09
C PRO C 425 62.40 0.11 -20.35
N ASP C 426 62.74 -0.61 -19.29
CA ASP C 426 61.74 -1.12 -18.38
C ASP C 426 61.23 0.05 -17.52
N PRO C 427 59.94 0.03 -17.16
CA PRO C 427 59.54 1.06 -16.21
C PRO C 427 60.24 0.82 -14.88
N ASP C 428 60.55 1.89 -14.14
CA ASP C 428 61.17 1.72 -12.83
C ASP C 428 60.12 2.03 -11.76
N TYR C 429 59.58 0.97 -11.16
CA TYR C 429 58.44 1.08 -10.24
C TYR C 429 58.77 1.60 -8.85
N HIS C 430 60.04 1.94 -8.60
CA HIS C 430 60.46 2.23 -7.23
C HIS C 430 60.26 3.65 -6.79
N THR C 431 60.12 4.56 -7.74
CA THR C 431 59.97 5.97 -7.41
C THR C 431 58.51 6.34 -7.26
N MET C 432 58.26 7.51 -6.67
CA MET C 432 56.92 7.98 -6.33
C MET C 432 56.08 8.15 -7.58
N VAL C 433 56.63 8.85 -8.56
CA VAL C 433 56.03 8.98 -9.88
C VAL C 433 56.85 8.12 -10.84
N VAL C 434 56.18 7.18 -11.51
CA VAL C 434 56.87 6.12 -12.29
C VAL C 434 57.26 6.50 -13.72
N GLY C 435 58.53 6.26 -14.03
CA GLY C 435 59.09 6.56 -15.34
C GLY C 435 59.90 5.39 -15.88
N PRO C 436 60.48 5.56 -17.08
CA PRO C 436 61.35 4.52 -17.62
C PRO C 436 62.65 4.50 -16.83
N THR C 437 63.28 3.34 -16.68
CA THR C 437 64.51 3.28 -15.87
C THR C 437 65.54 4.27 -16.37
N ALA C 438 66.00 5.16 -15.49
CA ALA C 438 66.85 6.29 -15.89
C ALA C 438 68.19 5.87 -16.50
N SER C 439 68.81 4.85 -15.90
CA SER C 439 70.09 4.33 -16.39
C SER C 439 69.96 3.66 -17.77
N GLN C 440 68.72 3.35 -18.15
CA GLN C 440 68.47 2.78 -19.46
C GLN C 440 68.07 3.81 -20.52
N CYS C 441 68.07 5.10 -20.16
CA CYS C 441 67.58 6.13 -21.09
C CYS C 441 68.65 6.85 -21.91
N ARG C 442 69.83 6.26 -22.05
CA ARG C 442 70.86 6.89 -22.89
C ARG C 442 70.55 6.67 -24.38
N VAL C 443 70.54 7.76 -25.14
CA VAL C 443 70.24 7.68 -26.56
C VAL C 443 71.22 8.57 -27.31
N LYS C 444 71.31 8.35 -28.62
CA LYS C 444 72.15 9.17 -29.48
C LYS C 444 71.28 10.12 -30.29
N TYR C 445 71.62 11.40 -30.31
CA TYR C 445 70.90 12.34 -31.14
C TYR C 445 71.64 12.49 -32.46
N ILE C 446 70.91 12.54 -33.58
CA ILE C 446 71.54 12.78 -34.89
C ILE C 446 70.86 13.96 -35.59
N ARG C 447 71.59 15.05 -35.76
CA ARG C 447 71.06 16.23 -36.45
C ARG C 447 70.64 15.84 -37.87
N ARG C 448 69.40 16.15 -38.25
CA ARG C 448 68.88 15.74 -39.56
C ARG C 448 69.45 16.59 -40.69
N GLY D 1 -40.53 -32.64 -36.60
CA GLY D 1 -39.66 -33.76 -36.28
C GLY D 1 -39.51 -33.97 -34.79
N LYS D 2 -38.67 -34.94 -34.40
CA LYS D 2 -38.44 -35.23 -33.00
C LYS D 2 -37.15 -34.59 -32.51
N LEU D 3 -37.17 -34.08 -31.28
CA LEU D 3 -35.98 -33.43 -30.69
C LEU D 3 -34.83 -34.40 -30.41
N PRO D 4 -33.58 -33.98 -30.55
CA PRO D 4 -32.50 -34.91 -30.22
C PRO D 4 -32.65 -35.45 -28.80
N PRO D 5 -32.12 -36.65 -28.53
CA PRO D 5 -32.13 -37.13 -27.14
C PRO D 5 -31.40 -36.17 -26.20
N VAL D 6 -31.95 -36.02 -25.00
CA VAL D 6 -31.41 -35.12 -23.98
C VAL D 6 -30.59 -35.94 -23.01
N TYR D 7 -29.37 -35.50 -22.68
CA TYR D 7 -28.60 -36.16 -21.61
C TYR D 7 -29.05 -35.65 -20.23
N PRO D 8 -29.41 -36.57 -19.30
CA PRO D 8 -29.91 -36.12 -17.99
C PRO D 8 -28.94 -35.20 -17.27
N VAL D 9 -29.49 -34.22 -16.59
CA VAL D 9 -28.75 -33.31 -15.74
C VAL D 9 -28.74 -33.82 -14.29
N THR D 10 -27.56 -34.09 -13.74
CA THR D 10 -27.46 -34.54 -12.34
C THR D 10 -27.13 -33.39 -11.40
N VAL D 11 -26.40 -32.41 -11.91
CA VAL D 11 -26.08 -31.20 -11.17
C VAL D 11 -26.96 -30.06 -11.65
N PRO D 12 -27.92 -29.65 -10.77
CA PRO D 12 -28.82 -28.57 -11.24
C PRO D 12 -28.10 -27.22 -11.31
N ILE D 13 -28.72 -26.26 -11.99
CA ILE D 13 -28.18 -24.91 -12.09
C ILE D 13 -26.94 -24.84 -12.99
N LEU D 14 -25.97 -25.70 -12.71
CA LEU D 14 -24.74 -25.75 -13.49
C LEU D 14 -24.98 -26.48 -14.80
N GLY D 15 -25.73 -27.58 -14.72
CA GLY D 15 -25.85 -28.53 -15.83
C GLY D 15 -24.60 -29.39 -15.90
N HIS D 16 -24.12 -29.62 -17.11
CA HIS D 16 -22.97 -30.51 -17.37
C HIS D 16 -21.65 -29.80 -17.50
N ILE D 17 -21.61 -28.49 -17.26
CA ILE D 17 -20.36 -27.75 -17.51
C ILE D 17 -19.13 -28.31 -16.77
N ILE D 18 -19.33 -28.79 -15.55
CA ILE D 18 -18.21 -29.33 -14.74
C ILE D 18 -17.70 -30.66 -15.28
N GLN D 19 -18.62 -31.55 -15.67
CA GLN D 19 -18.25 -32.83 -16.25
C GLN D 19 -17.51 -32.57 -17.56
N PHE D 20 -17.96 -31.57 -18.29
CA PHE D 20 -17.32 -31.21 -19.54
C PHE D 20 -15.91 -30.69 -19.30
N GLY D 21 -15.80 -29.66 -18.45
CA GLY D 21 -14.52 -29.04 -18.12
C GLY D 21 -13.43 -30.04 -17.77
N LYS D 22 -13.80 -31.07 -17.00
CA LYS D 22 -12.84 -32.07 -16.53
C LYS D 22 -12.31 -33.00 -17.62
N SER D 23 -13.18 -33.36 -18.56
CA SER D 23 -12.80 -34.27 -19.64
C SER D 23 -13.71 -34.05 -20.85
N PRO D 24 -13.42 -33.01 -21.65
CA PRO D 24 -14.34 -32.67 -22.75
C PRO D 24 -14.60 -33.84 -23.72
N LEU D 25 -13.54 -34.52 -24.17
CA LEU D 25 -13.72 -35.63 -25.10
C LEU D 25 -14.44 -36.82 -24.43
N GLY D 26 -13.94 -37.23 -23.26
CA GLY D 26 -14.52 -38.36 -22.53
C GLY D 26 -15.99 -38.15 -22.26
N PHE D 27 -16.33 -36.95 -21.80
CA PHE D 27 -17.71 -36.59 -21.54
C PHE D 27 -18.64 -36.68 -22.77
N MET D 28 -18.26 -36.03 -23.87
CA MET D 28 -19.07 -36.07 -25.08
C MET D 28 -19.19 -37.49 -25.62
N GLN D 29 -18.07 -38.21 -25.63
CA GLN D 29 -18.08 -39.61 -26.06
C GLN D 29 -19.02 -40.47 -25.21
N GLU D 30 -19.00 -40.27 -23.90
CA GLU D 30 -19.90 -41.00 -23.01
C GLU D 30 -21.39 -40.71 -23.26
N CYS D 31 -21.72 -39.44 -23.48
CA CYS D 31 -23.08 -39.04 -23.85
C CYS D 31 -23.54 -39.75 -25.11
N LYS D 32 -22.67 -39.72 -26.11
CA LYS D 32 -22.95 -40.31 -27.40
C LYS D 32 -23.21 -41.80 -27.26
N ARG D 33 -22.32 -42.49 -26.53
CA ARG D 33 -22.44 -43.93 -26.27
C ARG D 33 -23.65 -44.35 -25.42
N GLN D 34 -23.93 -43.61 -24.34
CA GLN D 34 -25.13 -43.85 -23.55
C GLN D 34 -26.42 -43.52 -24.29
N LEU D 35 -26.44 -42.43 -25.04
CA LEU D 35 -27.67 -42.05 -25.72
C LEU D 35 -27.85 -42.80 -27.05
N LYS D 36 -26.81 -43.53 -27.47
CA LYS D 36 -26.86 -44.25 -28.75
C LYS D 36 -27.23 -43.32 -29.92
N SER D 37 -26.63 -42.13 -29.92
CA SER D 37 -26.95 -41.10 -30.89
C SER D 37 -25.78 -40.15 -31.05
N GLY D 38 -25.41 -39.86 -32.30
CA GLY D 38 -24.35 -38.88 -32.55
C GLY D 38 -24.82 -37.46 -32.40
N ILE D 39 -26.15 -37.28 -32.42
CA ILE D 39 -26.78 -35.98 -32.21
C ILE D 39 -27.54 -35.99 -30.89
N PHE D 40 -27.17 -35.08 -29.99
CA PHE D 40 -27.69 -35.10 -28.61
C PHE D 40 -27.58 -33.72 -27.96
N THR D 41 -28.35 -33.51 -26.91
CA THR D 41 -28.41 -32.21 -26.27
C THR D 41 -27.89 -32.28 -24.83
N ILE D 42 -26.87 -31.47 -24.55
CA ILE D 42 -26.39 -31.31 -23.18
C ILE D 42 -26.84 -29.97 -22.66
N ASN D 43 -26.48 -29.65 -21.42
CA ASN D 43 -27.01 -28.49 -20.74
C ASN D 43 -25.91 -27.72 -20.03
N ILE D 44 -25.74 -26.45 -20.41
CA ILE D 44 -24.67 -25.62 -19.86
C ILE D 44 -25.32 -24.46 -19.15
N VAL D 45 -25.26 -24.48 -17.81
CA VAL D 45 -25.82 -23.41 -16.99
C VAL D 45 -27.27 -23.16 -17.41
N GLY D 46 -28.02 -24.23 -17.65
CA GLY D 46 -29.42 -24.09 -18.01
C GLY D 46 -29.72 -23.80 -19.47
N LYS D 47 -28.67 -23.78 -20.30
CA LYS D 47 -28.84 -23.56 -21.73
C LYS D 47 -28.67 -24.88 -22.48
N ARG D 48 -29.62 -25.17 -23.37
CA ARG D 48 -29.56 -26.38 -24.19
C ARG D 48 -28.47 -26.20 -25.23
N VAL D 49 -27.58 -27.17 -25.35
CA VAL D 49 -26.56 -27.14 -26.39
C VAL D 49 -26.67 -28.47 -27.12
N THR D 50 -27.12 -28.45 -28.37
CA THR D 50 -27.26 -29.68 -29.15
C THR D 50 -25.99 -29.88 -29.97
N ILE D 51 -25.31 -30.99 -29.73
CA ILE D 51 -24.04 -31.25 -30.38
C ILE D 51 -24.26 -32.13 -31.59
N VAL D 52 -23.69 -31.71 -32.72
CA VAL D 52 -23.74 -32.48 -33.94
C VAL D 52 -22.48 -33.35 -33.90
N GLY D 53 -22.60 -34.49 -33.22
CA GLY D 53 -21.44 -35.33 -32.93
C GLY D 53 -21.25 -36.50 -33.88
N ASP D 54 -21.93 -36.46 -35.02
CA ASP D 54 -21.82 -37.48 -36.05
C ASP D 54 -21.21 -36.85 -37.29
N PRO D 55 -19.97 -37.24 -37.66
CA PRO D 55 -19.32 -36.62 -38.79
C PRO D 55 -20.16 -36.63 -40.07
N HIS D 56 -20.99 -37.66 -40.25
CA HIS D 56 -21.86 -37.72 -41.45
C HIS D 56 -22.83 -36.58 -41.56
N GLU D 57 -23.12 -35.93 -40.43
CA GLU D 57 -24.11 -34.83 -40.39
C GLU D 57 -23.47 -33.45 -40.36
N HIS D 58 -22.16 -33.41 -40.54
CA HIS D 58 -21.46 -32.14 -40.44
C HIS D 58 -22.14 -31.08 -41.25
N SER D 59 -22.52 -31.43 -42.47
CA SER D 59 -23.03 -30.41 -43.37
C SER D 59 -24.30 -29.74 -42.85
N ARG D 60 -25.02 -30.41 -41.94
CA ARG D 60 -26.23 -29.82 -41.37
C ARG D 60 -25.90 -28.69 -40.41
N PHE D 61 -24.66 -28.64 -39.96
CA PHE D 61 -24.15 -27.54 -39.13
C PHE D 61 -23.49 -26.45 -39.96
N PHE D 62 -22.60 -26.84 -40.88
CA PHE D 62 -21.78 -25.84 -41.56
C PHE D 62 -22.46 -25.10 -42.72
N LEU D 63 -23.44 -25.75 -43.35
CA LEU D 63 -24.05 -25.24 -44.59
C LEU D 63 -25.34 -24.40 -44.49
N PRO D 64 -26.11 -24.53 -43.40
CA PRO D 64 -27.27 -23.63 -43.34
C PRO D 64 -26.85 -22.18 -43.21
N ARG D 65 -27.62 -21.29 -43.84
CA ARG D 65 -27.30 -19.87 -43.91
C ARG D 65 -27.35 -19.14 -42.56
N ASN D 66 -26.68 -17.99 -42.50
CA ASN D 66 -26.67 -17.16 -41.30
C ASN D 66 -28.06 -17.00 -40.73
N GLU D 67 -29.03 -16.73 -41.62
CA GLU D 67 -30.42 -16.54 -41.22
C GLU D 67 -30.96 -17.70 -40.37
N VAL D 68 -30.37 -18.88 -40.52
CA VAL D 68 -30.86 -20.09 -39.83
C VAL D 68 -29.98 -20.47 -38.64
N LEU D 69 -28.68 -20.60 -38.87
CA LEU D 69 -27.74 -20.84 -37.78
C LEU D 69 -26.80 -19.65 -37.72
N SER D 70 -26.88 -18.87 -36.65
CA SER D 70 -26.04 -17.68 -36.52
C SER D 70 -25.07 -17.66 -35.34
N PRO D 71 -23.77 -17.38 -35.61
CA PRO D 71 -22.73 -17.27 -34.59
C PRO D 71 -22.76 -15.91 -33.88
N ARG D 72 -23.60 -14.99 -34.34
CA ARG D 72 -23.53 -13.62 -33.82
C ARG D 72 -23.70 -13.51 -32.30
N GLU D 73 -24.79 -14.08 -31.78
CA GLU D 73 -25.08 -14.04 -30.35
C GLU D 73 -23.98 -14.70 -29.51
N VAL D 74 -23.34 -15.72 -30.06
CA VAL D 74 -22.25 -16.40 -29.37
C VAL D 74 -21.09 -15.44 -29.13
N TYR D 75 -20.89 -14.52 -30.07
CA TYR D 75 -19.74 -13.61 -30.00
C TYR D 75 -20.08 -12.28 -29.31
N SER D 76 -21.24 -12.19 -28.67
CA SER D 76 -21.59 -10.96 -27.94
C SER D 76 -20.50 -10.55 -26.95
N PHE D 77 -19.85 -11.51 -26.29
CA PHE D 77 -18.82 -11.14 -25.32
C PHE D 77 -17.56 -10.55 -25.96
N MET D 78 -17.45 -10.64 -27.28
CA MET D 78 -16.29 -10.06 -27.96
C MET D 78 -16.55 -8.70 -28.59
N VAL D 79 -17.81 -8.24 -28.54
CA VAL D 79 -18.16 -6.94 -29.10
C VAL D 79 -17.22 -5.82 -28.64
N PRO D 80 -16.84 -5.80 -27.34
CA PRO D 80 -15.92 -4.72 -26.93
C PRO D 80 -14.50 -4.82 -27.51
N VAL D 81 -14.11 -6.00 -27.99
CA VAL D 81 -12.85 -6.14 -28.72
C VAL D 81 -13.01 -5.68 -30.17
N PHE D 82 -13.97 -6.27 -30.88
CA PHE D 82 -14.22 -5.94 -32.28
C PHE D 82 -14.70 -4.50 -32.42
N GLY D 83 -15.58 -4.08 -31.52
CA GLY D 83 -16.22 -2.76 -31.57
C GLY D 83 -17.57 -2.83 -32.24
N GLU D 84 -18.44 -1.86 -31.95
CA GLU D 84 -19.76 -1.78 -32.58
C GLU D 84 -19.69 -1.81 -34.10
N GLY D 85 -20.46 -2.72 -34.71
CA GLY D 85 -20.58 -2.78 -36.16
C GLY D 85 -19.37 -3.37 -36.87
N VAL D 86 -18.55 -4.10 -36.13
CA VAL D 86 -17.44 -4.83 -36.70
C VAL D 86 -17.70 -6.32 -36.54
N ALA D 87 -17.38 -7.09 -37.59
CA ALA D 87 -17.43 -8.54 -37.52
C ALA D 87 -18.82 -9.01 -37.12
N TYR D 88 -18.90 -9.85 -36.09
CA TYR D 88 -20.18 -10.39 -35.64
C TYR D 88 -21.14 -9.34 -35.10
N ALA D 89 -20.61 -8.18 -34.72
CA ALA D 89 -21.44 -7.08 -34.23
C ALA D 89 -22.15 -6.29 -35.35
N ALA D 90 -21.82 -6.57 -36.61
CA ALA D 90 -22.54 -5.94 -37.71
C ALA D 90 -23.51 -6.92 -38.35
N PRO D 91 -24.48 -6.41 -39.12
CA PRO D 91 -25.35 -7.28 -39.92
C PRO D 91 -24.52 -8.23 -40.79
N TYR D 92 -25.01 -9.45 -40.99
CA TYR D 92 -24.26 -10.48 -41.73
C TYR D 92 -23.78 -10.01 -43.10
N PRO D 93 -24.67 -9.32 -43.87
CA PRO D 93 -24.22 -8.78 -45.16
C PRO D 93 -23.02 -7.86 -45.01
N ARG D 94 -23.09 -6.95 -44.05
CA ARG D 94 -22.00 -6.04 -43.77
C ARG D 94 -20.77 -6.76 -43.20
N MET D 95 -20.97 -7.78 -42.38
CA MET D 95 -19.82 -8.58 -41.93
C MET D 95 -19.17 -9.29 -43.11
N ARG D 96 -19.98 -9.81 -44.03
CA ARG D 96 -19.45 -10.53 -45.17
C ARG D 96 -18.50 -9.67 -45.98
N GLU D 97 -18.89 -8.42 -46.22
CA GLU D 97 -18.03 -7.48 -46.94
C GLU D 97 -16.73 -7.29 -46.18
N GLN D 98 -16.84 -7.16 -44.86
CA GLN D 98 -15.66 -6.98 -44.01
C GLN D 98 -14.71 -8.17 -44.13
N LEU D 99 -15.29 -9.38 -44.13
CA LEU D 99 -14.53 -10.62 -44.27
C LEU D 99 -13.88 -10.74 -45.64
N ASN D 100 -14.61 -10.33 -46.67
CA ASN D 100 -14.02 -10.32 -48.00
C ASN D 100 -12.81 -9.40 -48.06
N PHE D 101 -12.91 -8.24 -47.42
CA PHE D 101 -11.80 -7.29 -47.42
C PHE D 101 -10.60 -7.88 -46.70
N LEU D 102 -10.85 -8.48 -45.54
CA LEU D 102 -9.77 -9.14 -44.81
C LEU D 102 -9.17 -10.27 -45.64
N ALA D 103 -10.03 -11.09 -46.23
CA ALA D 103 -9.56 -12.24 -47.01
C ALA D 103 -8.67 -11.81 -48.16
N GLU D 104 -8.99 -10.68 -48.78
CA GLU D 104 -8.15 -10.14 -49.87
C GLU D 104 -6.75 -9.80 -49.38
N GLU D 105 -6.65 -9.33 -48.14
CA GLU D 105 -5.35 -9.02 -47.54
C GLU D 105 -4.53 -10.26 -47.22
N LEU D 106 -5.21 -11.39 -47.20
CA LEU D 106 -4.55 -12.65 -46.90
C LEU D 106 -4.53 -13.54 -48.13
N THR D 107 -4.64 -12.92 -49.32
CA THR D 107 -4.62 -13.66 -50.58
C THR D 107 -3.27 -14.25 -50.89
N ILE D 108 -3.32 -15.28 -51.72
CA ILE D 108 -2.18 -16.00 -52.17
C ILE D 108 -1.22 -15.04 -52.89
N ALA D 109 -1.80 -14.02 -53.54
CA ALA D 109 -1.03 -13.01 -54.29
C ALA D 109 -0.06 -12.18 -53.45
N LYS D 110 -0.36 -12.01 -52.16
CA LYS D 110 0.53 -11.25 -51.27
C LYS D 110 1.57 -12.12 -50.60
N PHE D 111 1.48 -13.43 -50.80
CA PHE D 111 2.38 -14.38 -50.17
C PHE D 111 3.81 -14.26 -50.68
N GLN D 112 3.94 -13.68 -51.88
CA GLN D 112 5.24 -13.48 -52.51
C GLN D 112 6.21 -12.88 -51.51
N ASN D 113 5.84 -11.72 -50.98
CA ASN D 113 6.66 -11.06 -49.99
C ASN D 113 6.64 -11.71 -48.60
N PHE D 114 5.58 -12.47 -48.30
CA PHE D 114 5.40 -13.01 -46.94
C PHE D 114 6.47 -14.02 -46.54
N VAL D 115 6.83 -14.91 -47.45
CA VAL D 115 7.78 -15.97 -47.13
C VAL D 115 9.15 -15.44 -46.64
N PRO D 116 9.78 -14.53 -47.40
CA PRO D 116 11.01 -13.91 -46.87
C PRO D 116 10.78 -13.08 -45.60
N ALA D 117 9.64 -12.38 -45.51
CA ALA D 117 9.33 -11.64 -44.28
C ALA D 117 9.25 -12.57 -43.07
N ILE D 118 8.62 -13.73 -43.25
CA ILE D 118 8.51 -14.73 -42.17
C ILE D 118 9.87 -15.34 -41.82
N GLN D 119 10.65 -15.65 -42.85
CA GLN D 119 11.93 -16.30 -42.60
C GLN D 119 12.89 -15.33 -41.91
N HIS D 120 12.84 -14.07 -42.31
CA HIS D 120 13.62 -13.01 -41.66
C HIS D 120 13.42 -13.04 -40.16
N GLU D 121 12.17 -12.88 -39.73
CA GLU D 121 11.85 -12.89 -38.31
C GLU D 121 12.16 -14.22 -37.61
N VAL D 122 12.04 -15.33 -38.33
CA VAL D 122 12.32 -16.63 -37.69
C VAL D 122 13.81 -16.72 -37.40
N ARG D 123 14.63 -16.56 -38.44
CA ARG D 123 16.08 -16.58 -38.30
C ARG D 123 16.57 -15.55 -37.27
N LYS D 124 15.98 -14.37 -37.29
CA LYS D 124 16.36 -13.31 -36.37
C LYS D 124 15.89 -13.56 -34.94
N PHE D 125 14.89 -14.44 -34.77
CA PHE D 125 14.54 -14.91 -33.43
C PHE D 125 15.49 -16.02 -33.01
N MET D 126 15.91 -16.82 -33.97
CA MET D 126 16.87 -17.87 -33.66
C MET D 126 18.22 -17.23 -33.34
N ALA D 127 18.60 -16.21 -34.10
CA ALA D 127 19.86 -15.49 -33.90
C ALA D 127 19.99 -14.93 -32.48
N ALA D 128 18.90 -14.34 -31.98
CA ALA D 128 18.92 -13.71 -30.66
C ALA D 128 18.72 -14.70 -29.51
N ASN D 129 17.98 -15.77 -29.76
CA ASN D 129 17.48 -16.58 -28.65
C ASN D 129 17.97 -18.03 -28.57
N TRP D 130 18.32 -18.63 -29.70
CA TRP D 130 18.87 -19.99 -29.69
C TRP D 130 20.33 -20.02 -30.13
N ASP D 131 21.12 -19.15 -29.51
CA ASP D 131 22.48 -18.84 -29.98
C ASP D 131 23.61 -19.74 -29.49
N LYS D 132 23.33 -20.62 -28.52
CA LYS D 132 24.35 -21.55 -28.03
C LYS D 132 24.45 -22.76 -28.96
N ASP D 133 25.43 -23.63 -28.69
CA ASP D 133 25.50 -24.93 -29.36
C ASP D 133 24.28 -25.72 -28.94
N GLU D 134 23.86 -25.49 -27.70
CA GLU D 134 22.64 -26.09 -27.17
C GLU D 134 22.16 -25.36 -25.93
N GLY D 135 20.85 -25.31 -25.76
CA GLY D 135 20.23 -24.68 -24.60
C GLY D 135 18.82 -25.21 -24.44
N GLU D 136 18.11 -24.71 -23.43
CA GLU D 136 16.78 -25.18 -23.13
C GLU D 136 15.78 -24.02 -23.20
N ILE D 137 14.60 -24.30 -23.76
CA ILE D 137 13.56 -23.30 -23.92
C ILE D 137 12.16 -23.84 -23.65
N ASN D 138 11.21 -22.94 -23.50
CA ASN D 138 9.80 -23.28 -23.60
C ASN D 138 9.32 -23.01 -25.04
N LEU D 139 9.07 -24.10 -25.76
CA LEU D 139 8.74 -24.05 -27.18
C LEU D 139 7.45 -23.30 -27.45
N LEU D 140 6.48 -23.44 -26.55
CA LEU D 140 5.20 -22.74 -26.68
C LEU D 140 5.40 -21.23 -26.68
N GLU D 141 6.18 -20.73 -25.72
CA GLU D 141 6.35 -19.29 -25.57
C GLU D 141 7.06 -18.76 -26.80
N ASP D 142 8.02 -19.53 -27.28
CA ASP D 142 8.88 -19.08 -28.37
C ASP D 142 8.16 -19.09 -29.72
N CYS D 143 7.36 -20.14 -29.96
CA CYS D 143 6.54 -20.19 -31.18
C CYS D 143 5.53 -19.05 -31.15
N SER D 144 4.95 -18.79 -29.97
CA SER D 144 4.08 -17.64 -29.78
C SER D 144 4.77 -16.32 -30.12
N THR D 145 6.03 -16.16 -29.72
CA THR D 145 6.76 -14.94 -30.06
C THR D 145 7.03 -14.89 -31.56
N MET D 146 7.54 -15.99 -32.10
CA MET D 146 7.77 -16.05 -33.55
C MET D 146 6.50 -15.67 -34.31
N ILE D 147 5.42 -16.39 -34.04
CA ILE D 147 4.13 -16.11 -34.69
C ILE D 147 3.72 -14.64 -34.60
N ILE D 148 3.78 -14.02 -33.42
CA ILE D 148 3.42 -12.59 -33.42
C ILE D 148 4.42 -11.77 -34.23
N ASN D 149 5.70 -12.13 -34.14
CA ASN D 149 6.75 -11.43 -34.89
C ASN D 149 6.50 -11.53 -36.39
N THR D 150 6.37 -12.77 -36.88
CA THR D 150 6.15 -13.00 -38.32
C THR D 150 4.85 -12.38 -38.85
N ALA D 151 3.75 -12.49 -38.09
CA ALA D 151 2.50 -11.89 -38.57
C ALA D 151 2.71 -10.41 -38.78
N CYS D 152 3.31 -9.76 -37.78
CA CYS D 152 3.53 -8.31 -37.85
C CYS D 152 4.41 -7.93 -39.04
N GLN D 153 5.44 -8.72 -39.31
CA GLN D 153 6.31 -8.45 -40.45
C GLN D 153 5.54 -8.54 -41.78
N CYS D 154 4.62 -9.49 -41.89
CA CYS D 154 3.87 -9.69 -43.12
C CYS D 154 2.84 -8.62 -43.36
N LEU D 155 2.17 -8.21 -42.29
CA LEU D 155 0.93 -7.48 -42.41
C LEU D 155 1.10 -5.99 -42.18
N PHE D 156 2.14 -5.63 -41.44
CA PHE D 156 2.36 -4.23 -41.04
C PHE D 156 3.56 -3.60 -41.76
N GLY D 157 3.36 -2.40 -42.31
CA GLY D 157 4.47 -1.64 -42.90
C GLY D 157 5.53 -1.36 -41.85
N GLU D 158 6.74 -1.03 -42.28
CA GLU D 158 7.82 -0.83 -41.32
C GLU D 158 7.57 0.34 -40.35
N ASP D 159 6.85 1.35 -40.83
CA ASP D 159 6.54 2.52 -40.03
C ASP D 159 5.68 2.15 -38.82
N LEU D 160 4.57 1.48 -39.07
CA LEU D 160 3.70 0.99 -38.00
C LEU D 160 4.51 0.10 -37.04
N ARG D 161 5.31 -0.80 -37.60
CA ARG D 161 6.15 -1.65 -36.76
C ARG D 161 7.11 -0.88 -35.84
N LYS D 162 7.57 0.29 -36.28
CA LYS D 162 8.43 1.12 -35.42
C LYS D 162 7.65 1.82 -34.31
N ARG D 163 6.46 2.30 -34.63
CA ARG D 163 5.59 2.92 -33.62
C ARG D 163 4.93 1.88 -32.71
N LEU D 164 4.85 0.63 -33.19
CA LEU D 164 4.12 -0.42 -32.48
C LEU D 164 4.74 -1.79 -32.76
N ASP D 165 5.81 -2.12 -32.05
CA ASP D 165 6.52 -3.37 -32.27
C ASP D 165 5.72 -4.56 -31.74
N ALA D 166 6.19 -5.77 -31.99
CA ALA D 166 5.42 -6.97 -31.70
C ALA D 166 5.13 -7.14 -30.20
N ARG D 167 6.15 -6.94 -29.38
CA ARG D 167 6.01 -7.04 -27.92
C ARG D 167 4.93 -6.08 -27.38
N ARG D 168 4.99 -4.83 -27.80
CA ARG D 168 4.02 -3.82 -27.41
C ARG D 168 2.65 -4.08 -28.03
N PHE D 169 2.65 -4.71 -29.20
CA PHE D 169 1.38 -5.04 -29.84
C PHE D 169 0.72 -6.13 -29.01
N ALA D 170 1.50 -7.17 -28.71
CA ALA D 170 1.10 -8.27 -27.85
C ALA D 170 0.55 -7.81 -26.49
N GLN D 171 1.11 -6.74 -25.93
CA GLN D 171 0.65 -6.23 -24.64
C GLN D 171 -0.76 -5.66 -24.72
N LEU D 172 -1.03 -4.85 -25.75
CA LEU D 172 -2.36 -4.31 -25.95
C LEU D 172 -3.37 -5.42 -26.21
N LEU D 173 -2.95 -6.43 -26.98
CA LEU D 173 -3.79 -7.60 -27.28
C LEU D 173 -4.07 -8.44 -26.05
N ALA D 174 -3.03 -8.69 -25.26
CA ALA D 174 -3.23 -9.40 -24.00
C ALA D 174 -4.12 -8.59 -23.05
N LYS D 175 -4.01 -7.27 -23.08
CA LYS D 175 -4.92 -6.46 -22.29
C LYS D 175 -6.37 -6.66 -22.74
N MET D 176 -6.64 -6.56 -24.04
CA MET D 176 -8.00 -6.80 -24.53
C MET D 176 -8.50 -8.21 -24.20
N GLU D 177 -7.64 -9.20 -24.47
CA GLU D 177 -7.99 -10.61 -24.27
C GLU D 177 -8.36 -10.99 -22.84
N SER D 178 -7.54 -10.54 -21.89
CA SER D 178 -7.69 -10.97 -20.51
C SER D 178 -8.93 -10.31 -19.91
N SER D 179 -9.49 -9.34 -20.61
CA SER D 179 -10.74 -8.69 -20.23
C SER D 179 -11.97 -9.50 -20.67
N LEU D 180 -11.80 -10.48 -21.56
CA LEU D 180 -12.93 -11.24 -22.09
C LEU D 180 -13.50 -12.26 -21.11
N ILE D 181 -14.84 -12.32 -21.04
CA ILE D 181 -15.50 -13.32 -20.19
C ILE D 181 -16.36 -14.24 -21.06
N PRO D 182 -15.77 -15.31 -21.60
CA PRO D 182 -16.53 -16.19 -22.49
C PRO D 182 -17.72 -16.81 -21.80
N ALA D 183 -17.75 -16.74 -20.46
CA ALA D 183 -18.84 -17.33 -19.70
C ALA D 183 -20.13 -16.57 -19.99
N ALA D 184 -19.97 -15.36 -20.54
CA ALA D 184 -21.13 -14.54 -20.90
C ALA D 184 -21.98 -15.14 -22.04
N VAL D 185 -21.40 -16.08 -22.80
CA VAL D 185 -22.15 -16.82 -23.82
C VAL D 185 -23.33 -17.53 -23.13
N PHE D 186 -23.07 -18.09 -21.96
CA PHE D 186 -24.07 -18.85 -21.21
C PHE D 186 -24.72 -18.07 -20.08
N LEU D 187 -24.15 -16.91 -19.76
CA LEU D 187 -24.64 -16.08 -18.68
C LEU D 187 -24.72 -14.66 -19.19
N PRO D 188 -25.60 -14.41 -20.17
CA PRO D 188 -25.54 -13.15 -20.90
C PRO D 188 -25.77 -11.93 -20.00
N ILE D 189 -26.25 -12.15 -18.77
CA ILE D 189 -26.46 -11.02 -17.84
C ILE D 189 -25.15 -10.23 -17.65
N LEU D 190 -24.03 -10.94 -17.74
CA LEU D 190 -22.70 -10.34 -17.59
C LEU D 190 -22.49 -9.14 -18.50
N LEU D 191 -23.07 -9.22 -19.68
CA LEU D 191 -22.84 -8.21 -20.69
C LEU D 191 -23.53 -6.89 -20.41
N LYS D 192 -24.44 -6.87 -19.44
CA LYS D 192 -25.13 -5.63 -19.09
C LYS D 192 -24.60 -5.05 -17.79
N LEU D 193 -23.69 -5.77 -17.14
CA LEU D 193 -23.16 -5.36 -15.85
C LEU D 193 -21.93 -4.47 -15.96
N PRO D 194 -21.80 -3.49 -15.05
CA PRO D 194 -20.55 -2.75 -14.96
C PRO D 194 -19.40 -3.67 -14.51
N LEU D 195 -18.35 -3.72 -15.32
CA LEU D 195 -17.22 -4.60 -15.07
C LEU D 195 -15.93 -3.81 -15.29
N PRO D 196 -14.96 -3.94 -14.37
CA PRO D 196 -13.67 -3.30 -14.65
C PRO D 196 -13.06 -3.79 -15.95
N GLN D 197 -13.45 -4.99 -16.39
CA GLN D 197 -13.04 -5.57 -17.68
C GLN D 197 -13.34 -4.65 -18.86
N SER D 198 -14.50 -3.98 -18.79
CA SER D 198 -14.96 -3.10 -19.86
C SER D 198 -13.99 -1.95 -20.08
N ALA D 199 -13.62 -1.29 -18.98
CA ALA D 199 -12.66 -0.18 -19.00
C ALA D 199 -11.28 -0.57 -19.56
N ARG D 200 -10.76 -1.72 -19.14
CA ARG D 200 -9.45 -2.18 -19.61
C ARG D 200 -9.46 -2.44 -21.11
N CYS D 201 -10.53 -3.08 -21.56
CA CYS D 201 -10.67 -3.38 -22.97
C CYS D 201 -10.75 -2.10 -23.79
N HIS D 202 -11.62 -1.19 -23.35
CA HIS D 202 -11.78 0.11 -24.01
C HIS D 202 -10.49 0.90 -24.07
N GLU D 203 -9.70 0.88 -22.99
CA GLU D 203 -8.40 1.57 -22.99
C GLU D 203 -7.49 1.05 -24.09
N ALA D 204 -7.25 -0.27 -24.07
CA ALA D 204 -6.34 -0.89 -25.03
C ALA D 204 -6.81 -0.73 -26.47
N ARG D 205 -8.11 -0.91 -26.72
CA ARG D 205 -8.62 -0.71 -28.08
C ARG D 205 -8.46 0.74 -28.51
N THR D 206 -8.64 1.66 -27.57
CA THR D 206 -8.54 3.09 -27.85
C THR D 206 -7.10 3.50 -28.10
N GLU D 207 -6.17 2.88 -27.37
CA GLU D 207 -4.77 3.14 -27.59
C GLU D 207 -4.35 2.71 -29.00
N LEU D 208 -4.69 1.47 -29.36
CA LEU D 208 -4.38 0.96 -30.67
C LEU D 208 -4.90 1.87 -31.78
N GLN D 209 -6.15 2.26 -31.68
CA GLN D 209 -6.76 3.12 -32.67
C GLN D 209 -6.08 4.50 -32.74
N LYS D 210 -5.59 4.99 -31.61
CA LYS D 210 -4.83 6.23 -31.58
C LYS D 210 -3.51 6.06 -32.36
N ILE D 211 -2.78 5.00 -32.06
CA ILE D 211 -1.54 4.69 -32.78
C ILE D 211 -1.77 4.52 -34.29
N LEU D 212 -2.90 3.91 -34.67
CA LEU D 212 -3.20 3.71 -36.09
C LEU D 212 -3.48 5.05 -36.73
N SER D 213 -4.19 5.90 -35.99
CA SER D 213 -4.55 7.23 -36.44
C SER D 213 -3.28 8.03 -36.70
N GLU D 214 -2.31 7.90 -35.79
CA GLU D 214 -1.01 8.55 -35.94
C GLU D 214 -0.25 8.05 -37.14
N ILE D 215 -0.11 6.73 -37.27
CA ILE D 215 0.52 6.13 -38.46
C ILE D 215 -0.12 6.64 -39.75
N ILE D 216 -1.45 6.65 -39.81
CA ILE D 216 -2.18 7.14 -40.99
C ILE D 216 -1.79 8.57 -41.36
N ILE D 217 -1.84 9.48 -40.38
CA ILE D 217 -1.40 10.86 -40.58
C ILE D 217 0.03 10.90 -41.15
N ALA D 218 0.95 10.18 -40.50
CA ALA D 218 2.33 10.09 -40.92
C ALA D 218 2.50 9.65 -42.37
N ARG D 219 1.67 8.70 -42.80
CA ARG D 219 1.77 8.15 -44.15
C ARG D 219 1.08 8.99 -45.22
N LYS D 220 0.12 9.82 -44.82
CA LYS D 220 -0.46 10.77 -45.77
C LYS D 220 0.59 11.82 -46.16
N GLU D 221 1.65 11.89 -45.35
CA GLU D 221 2.76 12.79 -45.62
C GLU D 221 3.82 12.12 -46.48
N GLU D 222 4.01 10.81 -46.32
CA GLU D 222 4.81 10.03 -47.27
C GLU D 222 4.29 10.22 -48.70
N GLU D 223 3.00 10.52 -48.83
CA GLU D 223 2.36 10.77 -50.13
C GLU D 223 2.84 12.07 -50.78
N VAL D 224 3.21 13.04 -49.95
CA VAL D 224 3.74 14.33 -50.41
C VAL D 224 5.26 14.23 -50.54
N ASN D 225 5.87 13.60 -49.53
CA ASN D 225 7.31 13.34 -49.41
C ASN D 225 7.92 12.50 -50.52
N LYS D 226 7.22 11.41 -50.85
CA LYS D 226 7.71 10.34 -51.72
C LYS D 226 8.95 9.64 -51.19
N ASP D 227 9.13 9.67 -49.87
CA ASP D 227 10.17 8.86 -49.23
C ASP D 227 9.86 7.39 -49.36
N SER D 228 8.57 7.04 -49.33
CA SER D 228 8.18 5.65 -49.43
C SER D 228 6.75 5.47 -49.88
N SER D 229 6.45 4.26 -50.33
CA SER D 229 5.08 3.81 -50.56
C SER D 229 4.88 2.58 -49.68
N THR D 230 3.94 2.68 -48.74
CA THR D 230 3.67 1.59 -47.82
C THR D 230 2.35 0.93 -48.17
N SER D 231 2.43 -0.36 -48.45
CA SER D 231 1.28 -1.16 -48.84
C SER D 231 1.17 -2.32 -47.85
N ASP D 232 0.09 -2.35 -47.05
CA ASP D 232 -0.02 -3.37 -46.02
C ASP D 232 -1.46 -3.65 -45.63
N LEU D 233 -1.64 -4.43 -44.58
CA LEU D 233 -2.99 -4.73 -44.08
C LEU D 233 -3.76 -3.44 -43.89
N LEU D 234 -3.14 -2.51 -43.15
CA LEU D 234 -3.75 -1.22 -42.85
C LEU D 234 -4.13 -0.45 -44.12
N SER D 235 -3.18 -0.26 -45.04
CA SER D 235 -3.50 0.44 -46.29
C SER D 235 -4.56 -0.32 -47.10
N GLY D 236 -4.45 -1.64 -47.16
CA GLY D 236 -5.45 -2.44 -47.87
C GLY D 236 -6.86 -2.19 -47.36
N LEU D 237 -7.02 -2.23 -46.03
CA LEU D 237 -8.32 -2.06 -45.40
C LEU D 237 -8.85 -0.64 -45.50
N LEU D 238 -7.95 0.33 -45.39
CA LEU D 238 -8.33 1.73 -45.56
C LEU D 238 -8.79 2.03 -46.99
N SER D 239 -8.30 1.28 -47.96
CA SER D 239 -8.67 1.55 -49.36
C SER D 239 -9.96 0.85 -49.77
N ALA D 240 -10.56 0.09 -48.85
CA ALA D 240 -11.80 -0.64 -49.12
C ALA D 240 -13.04 0.24 -49.07
N VAL D 241 -13.98 -0.04 -49.96
CA VAL D 241 -15.22 0.71 -50.04
C VAL D 241 -16.39 -0.28 -50.13
N TYR D 242 -17.32 -0.17 -49.20
CA TYR D 242 -18.50 -1.03 -49.19
C TYR D 242 -19.33 -0.83 -50.46
N ARG D 243 -20.24 -1.76 -50.68
CA ARG D 243 -21.06 -1.77 -51.89
C ARG D 243 -22.11 -0.67 -51.86
N ASP D 244 -22.27 -0.02 -50.71
CA ASP D 244 -23.13 1.15 -50.56
C ASP D 244 -22.34 2.43 -50.79
N GLY D 245 -21.06 2.28 -51.12
CA GLY D 245 -20.23 3.40 -51.53
C GLY D 245 -19.45 4.08 -50.43
N THR D 246 -19.85 3.84 -49.18
CA THR D 246 -19.14 4.41 -48.04
C THR D 246 -17.88 3.59 -47.74
N PRO D 247 -16.81 4.25 -47.27
CA PRO D 247 -15.58 3.52 -46.97
C PRO D 247 -15.57 2.96 -45.54
N MET D 248 -14.61 2.09 -45.27
CA MET D 248 -14.46 1.51 -43.95
C MET D 248 -13.95 2.57 -42.98
N SER D 249 -14.66 2.80 -41.88
CA SER D 249 -14.21 3.76 -40.87
C SER D 249 -12.96 3.25 -40.16
N LEU D 250 -12.18 4.17 -39.58
CA LEU D 250 -10.99 3.78 -38.83
C LEU D 250 -11.36 2.89 -37.64
N HIS D 251 -12.54 3.11 -37.08
CA HIS D 251 -13.07 2.26 -36.02
C HIS D 251 -13.17 0.84 -36.52
N GLU D 252 -13.71 0.69 -37.71
CA GLU D 252 -13.87 -0.63 -38.30
C GLU D 252 -12.53 -1.26 -38.67
N VAL D 253 -11.60 -0.44 -39.16
CA VAL D 253 -10.29 -0.96 -39.55
C VAL D 253 -9.55 -1.44 -38.31
N CYS D 254 -9.62 -0.65 -37.24
CA CYS D 254 -9.01 -1.04 -35.98
C CYS D 254 -9.59 -2.38 -35.55
N GLY D 255 -10.91 -2.50 -35.59
CA GLY D 255 -11.57 -3.74 -35.18
C GLY D 255 -11.12 -4.93 -35.99
N MET D 256 -11.10 -4.78 -37.31
CA MET D 256 -10.69 -5.87 -38.21
C MET D 256 -9.24 -6.27 -37.98
N ILE D 257 -8.38 -5.29 -37.77
CA ILE D 257 -6.99 -5.62 -37.43
C ILE D 257 -6.95 -6.38 -36.11
N VAL D 258 -7.66 -5.90 -35.10
CA VAL D 258 -7.61 -6.54 -33.79
C VAL D 258 -8.14 -7.97 -33.89
N ALA D 259 -9.31 -8.06 -34.53
CA ALA D 259 -9.99 -9.34 -34.74
C ALA D 259 -9.09 -10.36 -35.44
N ALA D 260 -8.39 -9.91 -36.48
CA ALA D 260 -7.48 -10.78 -37.23
C ALA D 260 -6.31 -11.29 -36.39
N MET D 261 -5.73 -10.40 -35.57
CA MET D 261 -4.64 -10.77 -34.68
C MET D 261 -5.09 -11.74 -33.60
N PHE D 262 -6.26 -11.48 -33.02
CA PHE D 262 -6.88 -12.45 -32.14
C PHE D 262 -6.96 -13.82 -32.80
N ALA D 263 -7.60 -13.89 -33.98
CA ALA D 263 -7.80 -15.18 -34.65
C ALA D 263 -6.47 -15.89 -34.87
N GLY D 264 -5.56 -15.21 -35.54
CA GLY D 264 -4.32 -15.80 -36.02
C GLY D 264 -3.30 -16.13 -34.95
N GLN D 265 -3.22 -15.33 -33.91
CA GLN D 265 -2.15 -15.48 -32.90
C GLN D 265 -2.04 -16.87 -32.27
N HIS D 266 -3.03 -17.27 -31.45
CA HIS D 266 -2.89 -18.49 -30.68
C HIS D 266 -2.99 -19.74 -31.51
N THR D 267 -3.97 -19.76 -32.41
CA THR D 267 -4.17 -20.96 -33.24
C THR D 267 -2.88 -21.33 -33.97
N SER D 268 -2.23 -20.35 -34.59
CA SER D 268 -1.02 -20.61 -35.38
C SER D 268 0.16 -21.03 -34.49
N SER D 269 0.33 -20.37 -33.35
CA SER D 269 1.38 -20.72 -32.38
C SER D 269 1.24 -22.15 -31.88
N ILE D 270 0.01 -22.51 -31.57
CA ILE D 270 -0.28 -23.81 -31.04
C ILE D 270 -0.05 -24.90 -32.07
N THR D 271 -0.40 -24.62 -33.33
CA THR D 271 -0.27 -25.59 -34.41
C THR D 271 1.22 -25.87 -34.69
N THR D 272 2.02 -24.82 -34.70
CA THR D 272 3.48 -24.93 -34.85
C THR D 272 4.07 -25.76 -33.70
N THR D 273 3.73 -25.34 -32.48
CA THR D 273 4.20 -25.99 -31.27
C THR D 273 3.88 -27.47 -31.26
N TRP D 274 2.60 -27.85 -31.39
CA TRP D 274 2.27 -29.28 -31.47
C TRP D 274 3.07 -29.98 -32.53
N SER D 275 3.20 -29.34 -33.69
CA SER D 275 3.85 -29.94 -34.84
C SER D 275 5.33 -30.26 -34.58
N MET D 276 6.02 -29.33 -33.93
CA MET D 276 7.42 -29.54 -33.56
C MET D 276 7.54 -30.57 -32.44
N LEU D 277 6.62 -30.52 -31.49
CA LEU D 277 6.57 -31.49 -30.39
C LEU D 277 6.45 -32.93 -30.87
N HIS D 278 5.58 -33.14 -31.86
CA HIS D 278 5.41 -34.46 -32.47
C HIS D 278 6.60 -34.85 -33.28
N LEU D 279 7.14 -33.89 -34.05
CA LEU D 279 8.20 -34.20 -34.99
C LEU D 279 9.48 -34.64 -34.30
N MET D 280 9.81 -33.96 -33.20
CA MET D 280 11.05 -34.19 -32.43
C MET D 280 10.98 -35.38 -31.49
N HIS D 281 9.84 -36.07 -31.46
CA HIS D 281 9.65 -37.18 -30.54
C HIS D 281 10.13 -38.48 -31.11
N PRO D 282 10.88 -39.27 -30.30
CA PRO D 282 11.45 -40.55 -30.71
C PRO D 282 10.50 -41.47 -31.50
N ALA D 283 9.22 -41.45 -31.19
CA ALA D 283 8.25 -42.31 -31.89
C ALA D 283 8.03 -41.85 -33.33
N ASN D 284 8.43 -40.62 -33.63
CA ASN D 284 8.10 -40.00 -34.91
C ASN D 284 9.31 -39.79 -35.81
N VAL D 285 10.37 -40.56 -35.57
CA VAL D 285 11.60 -40.42 -36.36
C VAL D 285 11.31 -40.59 -37.85
N LYS D 286 10.45 -41.57 -38.18
CA LYS D 286 9.98 -41.77 -39.55
C LYS D 286 9.59 -40.42 -40.17
N HIS D 287 8.85 -39.64 -39.39
CA HIS D 287 8.25 -38.39 -39.90
C HIS D 287 9.20 -37.24 -39.89
N LEU D 288 10.06 -37.17 -38.88
CA LEU D 288 11.13 -36.18 -38.87
C LEU D 288 12.03 -36.42 -40.07
N GLU D 289 12.15 -37.69 -40.43
CA GLU D 289 12.97 -38.08 -41.58
C GLU D 289 12.32 -37.57 -42.87
N ALA D 290 11.04 -37.86 -43.02
CA ALA D 290 10.26 -37.42 -44.17
C ALA D 290 10.31 -35.88 -44.36
N LEU D 291 10.19 -35.15 -43.25
CA LEU D 291 10.30 -33.68 -43.30
C LEU D 291 11.69 -33.27 -43.73
N ARG D 292 12.71 -33.76 -43.02
CA ARG D 292 14.10 -33.53 -43.37
C ARG D 292 14.34 -33.67 -44.87
N LYS D 293 13.82 -34.76 -45.42
CA LYS D 293 13.92 -35.06 -46.85
C LYS D 293 13.30 -33.95 -47.71
N GLU D 294 12.05 -33.59 -47.39
CA GLU D 294 11.26 -32.67 -48.19
C GLU D 294 11.91 -31.29 -48.36
N ILE D 295 12.58 -30.82 -47.31
CA ILE D 295 13.19 -29.50 -47.32
C ILE D 295 14.67 -29.58 -47.72
N GLU D 296 15.12 -30.79 -48.06
CA GLU D 296 16.53 -31.10 -48.30
C GLU D 296 17.24 -30.19 -49.31
N GLU D 297 16.54 -29.87 -50.40
CA GLU D 297 17.11 -29.12 -51.51
C GLU D 297 16.78 -27.63 -51.48
N PHE D 298 16.08 -27.20 -50.43
CA PHE D 298 15.61 -25.83 -50.36
C PHE D 298 16.75 -24.85 -50.11
N PRO D 299 16.72 -23.70 -50.79
CA PRO D 299 17.72 -22.64 -50.62
C PRO D 299 17.70 -22.05 -49.22
N ALA D 300 18.85 -21.52 -48.78
CA ALA D 300 18.94 -20.82 -47.51
C ALA D 300 17.79 -19.83 -47.42
N GLN D 301 17.46 -19.21 -48.54
CA GLN D 301 16.41 -18.21 -48.56
C GLN D 301 15.21 -18.70 -49.36
N LEU D 302 14.19 -19.17 -48.64
CA LEU D 302 12.99 -19.73 -49.25
C LEU D 302 12.19 -18.69 -50.02
N ASN D 303 11.41 -19.17 -50.99
CA ASN D 303 10.50 -18.34 -51.73
C ASN D 303 9.12 -18.97 -51.76
N TYR D 304 8.19 -18.27 -52.39
CA TYR D 304 6.79 -18.67 -52.51
C TYR D 304 6.58 -20.16 -52.87
N ASN D 305 7.19 -20.60 -53.96
CA ASN D 305 6.96 -21.96 -54.47
C ASN D 305 7.41 -23.07 -53.52
N ASN D 306 8.54 -22.86 -52.84
CA ASN D 306 9.02 -23.82 -51.86
C ASN D 306 7.93 -24.18 -50.85
N VAL D 307 7.41 -23.15 -50.17
CA VAL D 307 6.43 -23.34 -49.10
C VAL D 307 5.05 -23.71 -49.62
N MET D 308 4.56 -22.97 -50.61
CA MET D 308 3.23 -23.24 -51.18
C MET D 308 3.14 -24.58 -51.90
N ASP D 309 4.13 -24.88 -52.73
CA ASP D 309 4.03 -26.03 -53.64
C ASP D 309 4.91 -27.22 -53.28
N GLU D 310 5.99 -26.97 -52.55
CA GLU D 310 6.98 -28.01 -52.34
C GLU D 310 7.04 -28.53 -50.89
N MET D 311 5.95 -28.37 -50.15
CA MET D 311 5.91 -28.82 -48.76
C MET D 311 4.63 -29.55 -48.36
N PRO D 312 4.22 -30.57 -49.15
CA PRO D 312 3.00 -31.31 -48.84
C PRO D 312 3.03 -32.08 -47.53
N PHE D 313 4.20 -32.59 -47.15
CA PHE D 313 4.29 -33.37 -45.91
C PHE D 313 4.26 -32.46 -44.69
N ALA D 314 4.93 -31.31 -44.75
CA ALA D 314 4.86 -30.35 -43.66
C ALA D 314 3.42 -29.90 -43.45
N GLU D 315 2.72 -29.61 -44.55
CA GLU D 315 1.29 -29.31 -44.46
C GLU D 315 0.53 -30.43 -43.77
N ARG D 316 0.82 -31.67 -44.18
CA ARG D 316 0.19 -32.85 -43.56
C ARG D 316 0.46 -32.93 -42.05
N CYS D 317 1.68 -32.56 -41.66
CA CYS D 317 2.06 -32.47 -40.25
C CYS D 317 1.20 -31.45 -39.50
N ALA D 318 1.08 -30.25 -40.06
CA ALA D 318 0.31 -29.20 -39.41
C ALA D 318 -1.15 -29.61 -39.29
N ARG D 319 -1.70 -30.14 -40.39
CA ARG D 319 -3.11 -30.52 -40.42
C ARG D 319 -3.41 -31.62 -39.43
N GLU D 320 -2.51 -32.61 -39.31
CA GLU D 320 -2.72 -33.74 -38.40
C GLU D 320 -2.59 -33.32 -36.93
N SER D 321 -1.78 -32.30 -36.70
CA SER D 321 -1.64 -31.75 -35.35
C SER D 321 -2.95 -31.10 -34.91
N ILE D 322 -3.55 -30.33 -35.82
CA ILE D 322 -4.87 -29.75 -35.60
C ILE D 322 -5.92 -30.83 -35.51
N ARG D 323 -5.74 -31.90 -36.30
CA ARG D 323 -6.71 -32.98 -36.31
C ARG D 323 -6.76 -33.64 -34.94
N ARG D 324 -5.59 -33.95 -34.40
CA ARG D 324 -5.47 -34.61 -33.11
C ARG D 324 -5.88 -33.74 -31.92
N ASP D 325 -5.44 -32.47 -31.94
CA ASP D 325 -5.64 -31.53 -30.83
C ASP D 325 -6.10 -30.18 -31.37
N PRO D 326 -7.36 -30.13 -31.81
CA PRO D 326 -7.88 -28.91 -32.42
C PRO D 326 -7.88 -27.77 -31.40
N PRO D 327 -7.32 -26.62 -31.78
CA PRO D 327 -7.24 -25.48 -30.85
C PRO D 327 -8.63 -24.97 -30.47
N LEU D 328 -9.60 -25.09 -31.38
CA LEU D 328 -10.98 -24.73 -31.10
C LEU D 328 -11.85 -25.98 -30.93
N LEU D 329 -12.37 -26.15 -29.72
CA LEU D 329 -13.01 -27.41 -29.30
C LEU D 329 -14.46 -27.52 -29.71
N MET D 330 -15.15 -26.38 -29.75
CA MET D 330 -16.60 -26.30 -29.91
C MET D 330 -16.95 -25.15 -30.84
N LEU D 331 -17.57 -25.42 -31.99
CA LEU D 331 -17.99 -24.35 -32.88
C LEU D 331 -19.48 -24.17 -32.63
N MET D 332 -19.97 -22.94 -32.51
CA MET D 332 -21.32 -22.81 -31.99
C MET D 332 -22.12 -21.82 -32.79
N ARG D 333 -23.43 -22.03 -32.85
CA ARG D 333 -24.32 -21.10 -33.51
C ARG D 333 -25.56 -21.01 -32.66
N LYS D 334 -26.25 -19.88 -32.73
CA LYS D 334 -27.60 -19.78 -32.20
C LYS D 334 -28.58 -20.26 -33.27
N VAL D 335 -29.50 -21.14 -32.89
CA VAL D 335 -30.54 -21.62 -33.81
C VAL D 335 -31.66 -20.59 -33.95
N MET D 336 -31.78 -20.02 -35.15
CA MET D 336 -32.64 -18.86 -35.37
C MET D 336 -34.03 -19.30 -35.83
N ALA D 337 -34.12 -20.50 -36.39
CA ALA D 337 -35.38 -21.15 -36.70
C ALA D 337 -35.18 -22.66 -36.61
N ASP D 338 -36.25 -23.41 -36.35
CA ASP D 338 -36.17 -24.88 -36.28
C ASP D 338 -35.47 -25.44 -37.52
N VAL D 339 -34.53 -26.36 -37.32
CA VAL D 339 -33.78 -27.00 -38.42
C VAL D 339 -33.68 -28.51 -38.25
N LYS D 340 -33.65 -29.22 -39.38
CA LYS D 340 -33.44 -30.66 -39.37
C LYS D 340 -31.95 -30.95 -39.29
N VAL D 341 -31.60 -31.91 -38.46
CA VAL D 341 -30.24 -32.39 -38.33
C VAL D 341 -30.32 -33.90 -38.08
N GLY D 342 -29.86 -34.69 -39.04
CA GLY D 342 -30.03 -36.14 -38.94
C GLY D 342 -31.52 -36.42 -38.89
N SER D 343 -31.95 -37.31 -38.02
CA SER D 343 -33.38 -37.59 -38.01
C SER D 343 -34.19 -36.60 -37.16
N TYR D 344 -33.51 -35.65 -36.52
CA TYR D 344 -34.12 -34.77 -35.51
C TYR D 344 -34.44 -33.35 -35.94
N VAL D 345 -35.24 -32.67 -35.14
CA VAL D 345 -35.45 -31.24 -35.30
C VAL D 345 -34.75 -30.57 -34.11
N VAL D 346 -33.89 -29.61 -34.42
CA VAL D 346 -33.29 -28.75 -33.40
C VAL D 346 -34.09 -27.45 -33.35
N PRO D 347 -34.72 -27.16 -32.19
CA PRO D 347 -35.63 -26.02 -32.09
C PRO D 347 -34.95 -24.66 -31.98
N LYS D 348 -35.65 -23.64 -32.48
CA LYS D 348 -35.26 -22.24 -32.31
C LYS D 348 -34.89 -21.91 -30.87
N GLY D 349 -33.74 -21.27 -30.67
CA GLY D 349 -33.30 -20.92 -29.31
C GLY D 349 -32.19 -21.79 -28.76
N ASP D 350 -32.05 -23.01 -29.29
CA ASP D 350 -30.93 -23.87 -28.90
C ASP D 350 -29.67 -23.19 -29.34
N ILE D 351 -28.56 -23.59 -28.71
CA ILE D 351 -27.25 -23.29 -29.26
C ILE D 351 -26.77 -24.62 -29.82
N ILE D 352 -26.55 -24.65 -31.13
CA ILE D 352 -26.15 -25.85 -31.80
C ILE D 352 -24.65 -25.81 -31.94
N ALA D 353 -24.00 -26.94 -31.82
CA ALA D 353 -22.55 -26.99 -31.74
C ALA D 353 -22.02 -28.16 -32.49
N CYS D 354 -20.81 -28.00 -33.01
CA CYS D 354 -20.13 -29.07 -33.69
C CYS D 354 -18.72 -29.00 -33.18
N SER D 355 -18.21 -30.13 -32.73
CA SER D 355 -16.96 -30.13 -31.97
C SER D 355 -15.87 -30.78 -32.78
N PRO D 356 -14.85 -29.99 -33.17
CA PRO D 356 -13.73 -30.61 -33.82
C PRO D 356 -13.08 -31.63 -32.92
N LEU D 357 -13.13 -31.41 -31.60
CA LEU D 357 -12.49 -32.37 -30.70
C LEU D 357 -13.21 -33.70 -30.81
N LEU D 358 -14.54 -33.68 -30.67
CA LEU D 358 -15.32 -34.91 -30.73
C LEU D 358 -15.30 -35.61 -32.09
N SER D 359 -15.44 -34.83 -33.17
CA SER D 359 -15.47 -35.40 -34.51
C SER D 359 -14.13 -35.98 -34.92
N HIS D 360 -13.06 -35.32 -34.47
CA HIS D 360 -11.71 -35.71 -34.82
C HIS D 360 -11.26 -36.95 -34.07
N HIS D 361 -12.11 -37.44 -33.16
CA HIS D 361 -11.82 -38.68 -32.46
C HIS D 361 -12.85 -39.75 -32.71
N ASP D 362 -13.67 -39.55 -33.73
CA ASP D 362 -14.59 -40.59 -34.15
C ASP D 362 -13.79 -41.69 -34.83
N GLU D 363 -13.95 -42.92 -34.37
CA GLU D 363 -13.03 -43.99 -34.81
C GLU D 363 -13.25 -44.53 -36.21
N GLU D 364 -14.48 -44.41 -36.71
CA GLU D 364 -14.74 -44.65 -38.12
C GLU D 364 -13.96 -43.63 -38.95
N ALA D 365 -14.15 -42.35 -38.67
CA ALA D 365 -13.47 -41.28 -39.40
C ALA D 365 -11.94 -41.30 -39.21
N PHE D 366 -11.49 -41.48 -37.97
CA PHE D 366 -10.06 -41.44 -37.65
C PHE D 366 -9.68 -42.61 -36.72
N PRO D 367 -9.39 -43.79 -37.30
CA PRO D 367 -9.08 -44.96 -36.46
C PRO D 367 -7.84 -44.69 -35.63
N GLU D 368 -7.87 -45.14 -34.37
CA GLU D 368 -6.81 -44.87 -33.38
C GLU D 368 -6.49 -43.37 -33.28
N PRO D 369 -7.50 -42.55 -32.93
CA PRO D 369 -7.38 -41.10 -33.04
C PRO D 369 -6.23 -40.44 -32.26
N ARG D 370 -5.79 -41.05 -31.15
CA ARG D 370 -4.76 -40.39 -30.35
C ARG D 370 -3.37 -40.58 -30.93
N ARG D 371 -3.22 -41.46 -31.91
CA ARG D 371 -1.93 -41.60 -32.58
C ARG D 371 -1.79 -40.49 -33.62
N TRP D 372 -0.69 -39.75 -33.53
CA TRP D 372 -0.37 -38.69 -34.47
C TRP D 372 0.26 -39.27 -35.69
N ASP D 373 -0.38 -39.10 -36.84
CA ASP D 373 0.05 -39.73 -38.07
C ASP D 373 -0.26 -38.84 -39.27
N PRO D 374 0.72 -38.06 -39.73
CA PRO D 374 0.43 -37.14 -40.85
C PRO D 374 0.08 -37.85 -42.16
N GLU D 375 0.36 -39.16 -42.24
CA GLU D 375 0.09 -39.93 -43.45
C GLU D 375 -1.37 -40.34 -43.56
N ARG D 376 -2.13 -40.17 -42.48
CA ARG D 376 -3.54 -40.58 -42.49
C ARG D 376 -4.39 -39.69 -43.39
N ASP D 377 -5.51 -40.24 -43.84
CA ASP D 377 -6.54 -39.50 -44.56
C ASP D 377 -7.87 -39.80 -43.89
N GLU D 378 -8.73 -38.80 -43.79
CA GLU D 378 -10.07 -39.05 -43.25
C GLU D 378 -10.73 -40.18 -44.02
N LYS D 379 -11.58 -40.91 -43.33
CA LYS D 379 -12.30 -42.03 -43.93
C LYS D 379 -13.80 -41.73 -43.99
N VAL D 380 -14.19 -40.61 -43.40
CA VAL D 380 -15.53 -40.06 -43.57
C VAL D 380 -15.32 -38.71 -44.20
N GLU D 381 -16.01 -38.48 -45.32
CA GLU D 381 -15.91 -37.22 -46.05
C GLU D 381 -16.30 -36.05 -45.13
N GLY D 382 -15.47 -34.99 -45.13
CA GLY D 382 -15.74 -33.81 -44.32
C GLY D 382 -15.65 -33.99 -42.80
N ALA D 383 -15.02 -35.08 -42.36
CA ALA D 383 -14.85 -35.33 -40.91
C ALA D 383 -13.80 -34.40 -40.28
N PHE D 384 -12.80 -34.00 -41.06
CA PHE D 384 -11.85 -33.00 -40.56
C PHE D 384 -12.48 -31.63 -40.63
N ILE D 385 -12.60 -30.99 -39.46
CA ILE D 385 -13.22 -29.68 -39.37
C ILE D 385 -12.34 -28.70 -38.57
N GLY D 386 -11.03 -28.91 -38.66
CA GLY D 386 -10.06 -28.13 -37.91
C GLY D 386 -10.06 -26.65 -38.26
N PHE D 387 -10.48 -26.33 -39.49
CA PHE D 387 -10.63 -24.96 -39.93
C PHE D 387 -12.09 -24.65 -40.23
N GLY D 388 -13.00 -25.42 -39.65
CA GLY D 388 -14.43 -25.19 -39.94
C GLY D 388 -14.77 -25.55 -41.38
N ALA D 389 -15.92 -25.06 -41.86
CA ALA D 389 -16.45 -25.42 -43.18
C ALA D 389 -17.63 -24.52 -43.56
N GLY D 390 -18.01 -24.55 -44.83
CA GLY D 390 -19.23 -23.84 -45.28
C GLY D 390 -19.23 -22.35 -44.99
N VAL D 391 -20.37 -21.83 -44.57
CA VAL D 391 -20.57 -20.38 -44.47
C VAL D 391 -19.47 -19.69 -43.65
N HIS D 392 -19.08 -20.29 -42.54
CA HIS D 392 -18.12 -19.62 -41.64
C HIS D 392 -16.74 -20.21 -41.61
N LYS D 393 -16.36 -20.85 -42.71
CA LYS D 393 -15.05 -21.52 -42.81
C LYS D 393 -13.88 -20.54 -42.59
N CYS D 394 -12.78 -21.04 -42.04
CA CYS D 394 -11.63 -20.16 -41.74
C CYS D 394 -11.07 -19.41 -42.96
N ILE D 395 -11.01 -18.08 -42.91
CA ILE D 395 -10.42 -17.36 -44.05
C ILE D 395 -8.93 -17.18 -43.89
N GLY D 396 -8.39 -17.45 -42.71
CA GLY D 396 -6.95 -17.33 -42.47
C GLY D 396 -6.14 -18.62 -42.58
N GLN D 397 -6.77 -19.69 -43.07
CA GLN D 397 -6.17 -21.03 -43.10
C GLN D 397 -4.80 -21.07 -43.80
N LYS D 398 -4.77 -20.50 -45.00
CA LYS D 398 -3.60 -20.53 -45.84
C LYS D 398 -2.48 -19.67 -45.24
N PHE D 399 -2.82 -18.48 -44.76
CA PHE D 399 -1.81 -17.65 -44.10
C PHE D 399 -1.24 -18.33 -42.85
N GLY D 400 -2.12 -18.88 -42.02
CA GLY D 400 -1.67 -19.58 -40.82
C GLY D 400 -0.78 -20.74 -41.18
N LEU D 401 -1.19 -21.53 -42.17
CA LEU D 401 -0.39 -22.67 -42.61
C LEU D 401 0.91 -22.23 -43.29
N LEU D 402 0.92 -21.04 -43.88
CA LEU D 402 2.14 -20.48 -44.44
C LEU D 402 3.16 -20.23 -43.34
N GLN D 403 2.68 -19.67 -42.23
CA GLN D 403 3.55 -19.40 -41.10
C GLN D 403 4.02 -20.67 -40.44
N VAL D 404 3.13 -21.64 -40.27
CA VAL D 404 3.55 -22.91 -39.64
C VAL D 404 4.64 -23.57 -40.48
N LYS D 405 4.39 -23.71 -41.78
CA LYS D 405 5.32 -24.44 -42.64
C LYS D 405 6.69 -23.77 -42.78
N THR D 406 6.67 -22.44 -42.94
CA THR D 406 7.91 -21.69 -43.01
C THR D 406 8.75 -21.90 -41.75
N ILE D 407 8.08 -21.91 -40.59
CA ILE D 407 8.77 -22.08 -39.32
C ILE D 407 9.36 -23.49 -39.23
N LEU D 408 8.57 -24.50 -39.58
CA LEU D 408 9.07 -25.86 -39.55
C LEU D 408 10.31 -26.00 -40.46
N ALA D 409 10.18 -25.54 -41.70
CA ALA D 409 11.29 -25.56 -42.67
C ALA D 409 12.53 -24.80 -42.18
N THR D 410 12.33 -23.58 -41.70
CA THR D 410 13.41 -22.73 -41.19
C THR D 410 14.03 -23.31 -39.91
N ALA D 411 13.18 -23.80 -39.02
CA ALA D 411 13.61 -24.27 -37.71
C ALA D 411 14.44 -25.54 -37.80
N PHE D 412 13.85 -26.58 -38.38
CA PHE D 412 14.49 -27.89 -38.43
C PHE D 412 15.70 -27.92 -39.37
N ARG D 413 15.81 -26.90 -40.22
CA ARG D 413 16.96 -26.74 -41.09
C ARG D 413 18.23 -26.57 -40.25
N SER D 414 18.19 -25.64 -39.31
CA SER D 414 19.37 -25.33 -38.49
C SER D 414 19.47 -26.15 -37.22
N TYR D 415 18.32 -26.54 -36.66
CA TYR D 415 18.31 -27.16 -35.34
C TYR D 415 17.68 -28.54 -35.30
N ASP D 416 17.96 -29.25 -34.21
CA ASP D 416 17.17 -30.40 -33.77
C ASP D 416 16.68 -30.08 -32.38
N PHE D 417 15.82 -30.94 -31.83
CA PHE D 417 15.23 -30.71 -30.53
C PHE D 417 15.06 -32.00 -29.76
N GLN D 418 15.18 -31.92 -28.43
CA GLN D 418 14.83 -33.03 -27.58
C GLN D 418 13.72 -32.65 -26.60
N LEU D 419 12.69 -33.49 -26.56
CA LEU D 419 11.63 -33.39 -25.58
C LEU D 419 12.24 -33.76 -24.24
N LEU D 420 11.95 -32.97 -23.21
CA LEU D 420 12.53 -33.23 -21.88
C LEU D 420 11.77 -34.28 -21.10
N ARG D 421 10.63 -34.69 -21.65
CA ARG D 421 9.80 -35.72 -21.05
C ARG D 421 9.63 -36.87 -22.02
N ASP D 422 8.97 -37.94 -21.57
CA ASP D 422 8.80 -39.15 -22.36
C ASP D 422 7.66 -38.99 -23.36
N GLU D 423 6.61 -38.27 -22.94
CA GLU D 423 5.42 -38.08 -23.77
C GLU D 423 5.31 -36.68 -24.33
N VAL D 424 4.62 -36.55 -25.46
CA VAL D 424 4.20 -35.25 -25.95
C VAL D 424 3.29 -34.67 -24.86
N PRO D 425 3.33 -33.35 -24.66
CA PRO D 425 2.49 -32.81 -23.61
C PRO D 425 1.03 -33.18 -23.73
N ASP D 426 0.34 -33.14 -22.61
CA ASP D 426 -1.11 -33.25 -22.59
C ASP D 426 -1.70 -31.95 -23.10
N PRO D 427 -2.86 -32.03 -23.75
CA PRO D 427 -3.55 -30.78 -24.09
C PRO D 427 -4.09 -30.13 -22.83
N ASP D 428 -4.00 -28.82 -22.72
CA ASP D 428 -4.53 -28.15 -21.55
C ASP D 428 -5.86 -27.50 -21.93
N TYR D 429 -6.95 -28.09 -21.45
CA TYR D 429 -8.29 -27.65 -21.84
C TYR D 429 -8.84 -26.45 -21.05
N HIS D 430 -7.98 -25.76 -20.29
CA HIS D 430 -8.46 -24.66 -19.45
C HIS D 430 -8.66 -23.35 -20.16
N THR D 431 -8.13 -23.22 -21.36
CA THR D 431 -8.13 -21.93 -22.07
C THR D 431 -9.11 -21.90 -23.26
N MET D 432 -9.48 -20.68 -23.70
CA MET D 432 -10.37 -20.46 -24.86
C MET D 432 -9.84 -21.14 -26.12
N VAL D 433 -8.57 -20.93 -26.40
CA VAL D 433 -7.90 -21.59 -27.52
C VAL D 433 -6.95 -22.62 -26.94
N VAL D 434 -7.18 -23.88 -27.26
CA VAL D 434 -6.51 -24.98 -26.59
C VAL D 434 -5.16 -25.35 -27.22
N GLY D 435 -4.14 -25.43 -26.37
CA GLY D 435 -2.81 -25.80 -26.82
C GLY D 435 -2.21 -26.85 -25.91
N PRO D 436 -0.97 -27.25 -26.19
CA PRO D 436 -0.31 -28.21 -25.30
C PRO D 436 -0.06 -27.53 -23.94
N THR D 437 -0.08 -28.31 -22.84
CA THR D 437 0.15 -27.74 -21.50
C THR D 437 1.51 -27.06 -21.47
N ALA D 438 1.52 -25.75 -21.20
CA ALA D 438 2.74 -24.94 -21.33
C ALA D 438 3.90 -25.51 -20.51
N SER D 439 3.62 -25.87 -19.25
CA SER D 439 4.67 -26.30 -18.32
C SER D 439 5.40 -27.56 -18.81
N GLN D 440 4.76 -28.28 -19.73
CA GLN D 440 5.31 -29.51 -20.29
C GLN D 440 6.08 -29.28 -21.61
N CYS D 441 6.20 -28.02 -22.03
CA CYS D 441 6.77 -27.67 -23.34
C CYS D 441 8.22 -27.19 -23.27
N ARG D 442 8.92 -27.57 -22.22
CA ARG D 442 10.35 -27.27 -22.15
C ARG D 442 11.07 -28.27 -23.04
N VAL D 443 11.84 -27.76 -23.99
CA VAL D 443 12.63 -28.59 -24.89
C VAL D 443 14.08 -28.11 -24.97
N LYS D 444 14.97 -28.99 -25.44
CA LYS D 444 16.36 -28.61 -25.66
C LYS D 444 16.61 -28.37 -27.15
N TYR D 445 17.11 -27.18 -27.48
CA TYR D 445 17.52 -26.89 -28.86
C TYR D 445 18.97 -27.31 -29.08
N ILE D 446 19.27 -27.76 -30.31
CA ILE D 446 20.61 -28.24 -30.65
C ILE D 446 21.07 -27.73 -32.03
N ARG D 447 22.03 -26.81 -32.02
CA ARG D 447 22.58 -26.21 -33.25
C ARG D 447 23.09 -27.25 -34.26
N ARG D 448 23.20 -26.84 -35.53
CA ARG D 448 23.78 -27.66 -36.60
C ARG D 448 24.67 -26.82 -37.51
#